data_3IJE
#
_entry.id   3IJE
#
_cell.length_a   129.870
_cell.length_b   129.870
_cell.length_c   305.900
_cell.angle_alpha   90.00
_cell.angle_beta   90.00
_cell.angle_gamma   120.00
#
_symmetry.space_group_name_H-M   'P 32 2 1'
#
loop_
_entity.id
_entity.type
_entity.pdbx_description
1 polymer 'Integrin alpha-V'
2 polymer 'Integrin beta-3'
3 branched alpha-D-mannopyranose-(1-3)-[alpha-D-mannopyranose-(1-6)]beta-D-mannopyranose-(1-4)-2-acetamido-2-deoxy-beta-D-glucopyranose-(1-4)-2-acetamido-2-deoxy-beta-D-glucopyranose
4 branched 2-acetamido-2-deoxy-beta-D-glucopyranose-(1-4)-2-acetamido-2-deoxy-beta-D-glucopyranose
5 branched alpha-D-mannopyranose-(1-4)-alpha-D-mannopyranose-(1-6)-[alpha-D-mannopyranose-(1-3)]beta-D-mannopyranose-(1-4)-2-acetamido-2-deoxy-beta-D-glucopyranose-(1-4)-2-acetamido-2-deoxy-beta-D-glucopyranose
6 branched beta-D-mannopyranose-(1-4)-2-acetamido-2-deoxy-beta-D-glucopyranose-(1-4)-2-acetamido-2-deoxy-beta-D-glucopyranose
7 non-polymer 2-acetamido-2-deoxy-beta-D-glucopyranose
8 non-polymer 'CALCIUM ION'
#
loop_
_entity_poly.entity_id
_entity_poly.type
_entity_poly.pdbx_seq_one_letter_code
_entity_poly.pdbx_strand_id
1 'polypeptide(L)'
;FNLDVDSPAEYSGPEGSYFGFAVDFFVPSASSRMFLLVGAPKANTTQPGIVEGGQVLKCDWSSTRRCQPIEFDATGNRDY
AKDDPLEFKSHQWFGASVRSKQDKILACAPLYHWRTEMKQEREPVGTCFLQDGTKTVEYAPCRSQDIDADGQGFCQGGFS
IDFTKADRVLLGGPGSFYWQGQLISDQVAEIVSKYDPNVYSIKYNNQLATRTAQAIFDDSYLGYSVAVGDFNGDGIDDFV
SGVPRAARTLGMVYIYDGKNMSSLYNFTGEQMAAYFGFSVAATDINGDDYADVFIGAPLFMDRGSDGKLQEVGQVSVSLQ
RASGDFQTTKLNGFEVFARFGSAIAPLGDLDQDGFNDIAIAAPYGGEDKKGIVYIFNGRSTGLNAVPSQILEGQWAARSM
PPSFGYSMKGATDIDKNGYPDLIVGAFGVDRAILYRARPVITVNAGLEVYPSILNQDNKTCSLPGTALKVSCFNVRFCLK
ADGKGVLPRKLNFQVELLLDKLKQKGAIRRALFLYSRSPSHSKNMTISRGGLMQCEELIAYLRDESEFRDKLTPITIFME
YRLDYRTAADTTGLQPILNQFTPANISRQAHILLDCGEDNVCKPKLEVSVDSDQKKIYIGDDNPLTLIVKAQNQGEGAYE
AELIVSIPLQADFIGVVRNNEALARLSCAFKTENQTRQVVCDLGNPMKAGTQLLAGLRFSVHQQSEMDTSVKFDLQIQSS
NLFDKVSPVVSHKVDLAVLAAVEIRGVSSPDHVFLPIPNWEHKENPETEEDVGPVVQHIYELRNNGPSSFSKAMLHLQWP
YKYNNNTLLYILHYDIDGPMNCTSDMEINPLRIKISSLQTTEKNDTVAGQGERDHLITKRDLALSEGDIHTLGCGVAQCL
KIVCQVGRLDRGKSAILYVKSLLWTETFMNKENQNHSYSLKSSASFNVIEFPYKNLPIEDITNSTLVTTNVTWGIQPAPM
PVPVWVI
;
A
2 'polypeptide(L)'
;GPNICTTRGVSSCQQCLAVSPMCAWCSDEALPLGSPRCDLKENLLKDNCAPESIEFPVSEARVLEDRPLSDKGSGDSSQV
TQVSPQRIALRLRPDDSKNFSIQVRQVEDYPVDIYYLMDLSYSMKDDLWSIQNLGTKLATQMRKLTSNLRIGFGAFVDKP
VSPYMYISPPEALENPCYDMKTTCLPMFGYKHVLTLTDQVTRFNEEVKKQSVSRNRDAPEGGFDAIMQATVCDEKIGWRN
DASHLLVFTTDAKTHIALDGRLAGIVQPNDGQCHVGSDNHYSASTTMDYPSLGLMTEKLSQKNINLIFAVTENVVNLYQN
YSELIPGTTVGVLSMDSSNVLQLIVDAYGKIRSKVELEVRDLPEELSLSFNATCLNNEVIPGLKSCMGLKIGDTVSFSIE
AKVRGCPQEKEKSFTIKPVGFKDSLIVQVTFDCDCACQAQAEPNSHRCNNGNGTFECGVCRCGPGWLGSQCECSEEDYRP
SQQDECSPREGQPVCSQRGECLCGQCVCHSSDFGKITGKYCECDDFSCVRYKGEMCSGHGQCSCGDCLCDSDWTGYYCNC
TTRTDTCMSSNGLLCSGRGKCECGSCVCIQPGSYGDTCEKCPTCPDACTFKKECVECKKFDRGALHDENTCNRYCRDEIE
SVKELKDTGKDAVNCTYKNEDDCVVRFQYYEDSSGKSILYVVEEPECPKGPDILV
;
B
#
loop_
_chem_comp.id
_chem_comp.type
_chem_comp.name
_chem_comp.formula
BMA D-saccharide, beta linking beta-D-mannopyranose 'C6 H12 O6'
CA non-polymer 'CALCIUM ION' 'Ca 2'
MAN D-saccharide, alpha linking alpha-D-mannopyranose 'C6 H12 O6'
NAG D-saccharide, beta linking 2-acetamido-2-deoxy-beta-D-glucopyranose 'C8 H15 N O6'
#
# COMPACT_ATOMS: atom_id res chain seq x y z
N PHE A 1 1.61 20.93 -14.90
CA PHE A 1 0.32 20.73 -15.63
C PHE A 1 0.28 21.51 -16.94
N ASN A 2 1.38 22.16 -17.29
CA ASN A 2 1.40 23.12 -18.40
C ASN A 2 2.34 22.73 -19.55
N LEU A 3 2.81 21.50 -19.55
CA LEU A 3 3.61 21.00 -20.66
C LEU A 3 2.75 20.81 -21.91
N ASP A 4 3.14 21.46 -23.00
CA ASP A 4 2.46 21.29 -24.29
C ASP A 4 2.74 19.89 -24.82
N VAL A 5 1.68 19.09 -24.95
CA VAL A 5 1.81 17.72 -25.46
C VAL A 5 1.23 17.58 -26.86
N ASP A 6 0.70 18.67 -27.42
CA ASP A 6 0.17 18.66 -28.78
C ASP A 6 1.30 18.70 -29.81
N SER A 7 2.30 19.55 -29.57
CA SER A 7 3.37 19.77 -30.52
C SER A 7 4.75 19.81 -29.86
N PRO A 8 5.15 18.70 -29.22
CA PRO A 8 6.51 18.63 -28.68
C PRO A 8 7.49 18.32 -29.80
N ALA A 9 8.76 18.69 -29.60
CA ALA A 9 9.79 18.48 -30.62
C ALA A 9 10.31 17.06 -30.56
N GLU A 10 10.38 16.39 -31.71
CA GLU A 10 10.71 14.97 -31.76
C GLU A 10 12.03 14.71 -32.48
N TYR A 11 12.93 14.03 -31.78
CA TYR A 11 14.26 13.73 -32.29
C TYR A 11 14.45 12.23 -32.34
N SER A 12 15.27 11.77 -33.27
CA SER A 12 15.50 10.33 -33.42
C SER A 12 16.90 10.01 -33.94
N GLY A 13 17.48 8.93 -33.41
CA GLY A 13 18.76 8.42 -33.88
C GLY A 13 18.58 7.19 -34.75
N PRO A 14 19.71 6.55 -35.13
CA PRO A 14 19.63 5.35 -35.95
C PRO A 14 19.09 4.18 -35.14
N GLU A 15 18.42 3.24 -35.81
CA GLU A 15 17.77 2.15 -35.10
C GLU A 15 18.79 1.21 -34.46
N GLY A 16 18.52 0.84 -33.21
CA GLY A 16 19.36 -0.06 -32.44
C GLY A 16 20.48 0.63 -31.69
N SER A 17 20.59 1.95 -31.81
CA SER A 17 21.66 2.69 -31.16
C SER A 17 21.35 3.08 -29.71
N TYR A 18 20.14 2.78 -29.25
CA TYR A 18 19.64 3.25 -27.96
C TYR A 18 19.68 4.77 -27.85
N PHE A 19 19.50 5.46 -28.97
CA PHE A 19 19.38 6.91 -28.97
C PHE A 19 18.29 7.30 -27.98
N GLY A 20 18.66 8.08 -26.98
CA GLY A 20 17.73 8.53 -25.95
C GLY A 20 18.00 7.93 -24.59
N PHE A 21 18.92 6.97 -24.51
CA PHE A 21 19.25 6.31 -23.26
C PHE A 21 19.70 7.30 -22.17
N ALA A 22 20.35 8.37 -22.60
CA ALA A 22 20.75 9.45 -21.70
C ALA A 22 20.47 10.77 -22.41
N VAL A 23 19.89 11.73 -21.70
CA VAL A 23 19.56 13.04 -22.27
C VAL A 23 20.00 14.17 -21.35
N ASP A 24 20.25 15.35 -21.94
CA ASP A 24 20.58 16.56 -21.19
C ASP A 24 20.54 17.79 -22.09
N PHE A 25 20.48 18.97 -21.48
CA PHE A 25 20.61 20.25 -22.19
C PHE A 25 22.07 20.68 -22.30
N PHE A 26 22.38 21.37 -23.39
CA PHE A 26 23.68 22.03 -23.56
C PHE A 26 23.46 23.54 -23.60
N VAL A 27 24.01 24.24 -22.62
CA VAL A 27 23.80 25.67 -22.44
C VAL A 27 25.15 26.40 -22.38
N PRO A 28 25.85 26.46 -23.54
CA PRO A 28 27.21 26.99 -23.53
C PRO A 28 27.19 28.49 -23.27
N SER A 29 28.23 28.99 -22.62
CA SER A 29 28.32 30.42 -22.31
C SER A 29 28.85 31.20 -23.51
N ALA A 30 29.48 30.50 -24.45
CA ALA A 30 30.04 31.14 -25.65
C ALA A 30 28.99 31.52 -26.70
N SER A 31 27.75 31.06 -26.50
CA SER A 31 26.70 31.21 -27.50
C SER A 31 25.36 31.60 -26.88
N SER A 32 24.57 32.31 -27.68
CA SER A 32 23.21 32.69 -27.33
C SER A 32 22.25 31.52 -27.47
N ARG A 33 22.70 30.47 -28.15
CA ARG A 33 21.88 29.31 -28.46
C ARG A 33 22.03 28.17 -27.45
N MET A 34 21.02 27.32 -27.42
CA MET A 34 20.98 26.16 -26.53
C MET A 34 20.64 24.93 -27.34
N PHE A 35 21.19 23.79 -26.95
CA PHE A 35 21.00 22.55 -27.68
C PHE A 35 20.57 21.48 -26.68
N LEU A 36 20.34 20.28 -27.19
CA LEU A 36 20.08 19.15 -26.32
C LEU A 36 20.97 17.98 -26.72
N LEU A 37 21.47 17.27 -25.70
CA LEU A 37 22.46 16.24 -25.89
C LEU A 37 21.83 14.89 -25.64
N VAL A 38 21.83 14.03 -26.66
CA VAL A 38 21.23 12.71 -26.55
C VAL A 38 22.31 11.63 -26.64
N GLY A 39 22.39 10.80 -25.60
CA GLY A 39 23.34 9.69 -25.57
C GLY A 39 22.83 8.50 -26.36
N ALA A 40 23.67 7.96 -27.23
CA ALA A 40 23.32 6.83 -28.10
C ALA A 40 24.33 5.70 -27.92
N PRO A 41 24.26 5.00 -26.78
CA PRO A 41 25.35 4.12 -26.34
C PRO A 41 25.66 2.91 -27.21
N LYS A 42 24.74 2.50 -28.10
CA LYS A 42 25.01 1.39 -29.03
C LYS A 42 25.31 1.85 -30.48
N ALA A 43 25.48 3.14 -30.68
CA ALA A 43 25.68 3.69 -32.03
C ALA A 43 27.03 3.29 -32.62
N ASN A 44 27.00 2.84 -33.88
CA ASN A 44 28.24 2.57 -34.63
C ASN A 44 28.91 3.86 -35.02
N THR A 45 30.24 3.85 -35.05
CA THR A 45 31.03 5.04 -35.37
C THR A 45 32.10 4.72 -36.40
N THR A 46 32.75 5.77 -36.89
CA THR A 46 33.80 5.64 -37.88
C THR A 46 35.15 5.26 -37.25
N GLN A 47 35.20 5.10 -35.93
CA GLN A 47 36.39 4.60 -35.26
C GLN A 47 36.84 3.28 -35.90
N PRO A 48 38.12 3.17 -36.29
CA PRO A 48 38.63 1.97 -36.96
C PRO A 48 38.47 0.68 -36.16
N GLY A 49 37.82 -0.31 -36.75
CA GLY A 49 37.70 -1.66 -36.17
C GLY A 49 36.95 -1.75 -34.85
N ILE A 50 35.94 -0.89 -34.67
CA ILE A 50 35.17 -0.83 -33.42
C ILE A 50 33.66 -0.86 -33.69
N VAL A 51 33.02 -1.94 -33.24
CA VAL A 51 31.59 -2.13 -33.41
C VAL A 51 30.80 -1.58 -32.22
N GLU A 52 29.84 -0.70 -32.49
CA GLU A 52 28.98 -0.13 -31.45
C GLU A 52 29.75 0.53 -30.31
N GLY A 53 30.67 1.41 -30.67
CA GLY A 53 31.37 2.19 -29.67
C GLY A 53 30.45 3.16 -28.96
N GLY A 54 29.34 3.50 -29.62
CA GLY A 54 28.37 4.43 -29.06
C GLY A 54 28.82 5.85 -29.30
N GLN A 55 27.89 6.79 -29.20
CA GLN A 55 28.21 8.20 -29.36
C GLN A 55 27.22 9.08 -28.63
N VAL A 56 27.51 10.37 -28.60
CA VAL A 56 26.62 11.39 -28.03
C VAL A 56 26.32 12.38 -29.14
N LEU A 57 25.09 12.86 -29.19
CA LEU A 57 24.67 13.76 -30.26
C LEU A 57 24.23 15.10 -29.72
N LYS A 58 24.75 16.18 -30.33
CA LYS A 58 24.27 17.52 -30.09
C LYS A 58 23.12 17.73 -31.07
N CYS A 59 21.96 18.13 -30.56
CA CYS A 59 20.76 18.30 -31.39
C CYS A 59 20.30 19.75 -31.45
N ASP A 60 20.07 20.25 -32.66
CA ASP A 60 19.59 21.62 -32.86
C ASP A 60 18.12 21.74 -32.46
N TRP A 61 17.82 22.71 -31.60
CA TRP A 61 16.44 23.09 -31.34
C TRP A 61 16.00 24.15 -32.37
N SER A 62 16.91 25.04 -32.73
CA SER A 62 16.66 26.10 -33.72
C SER A 62 16.09 25.52 -35.02
N SER A 63 14.81 25.15 -34.97
CA SER A 63 14.15 24.34 -36.00
C SER A 63 14.93 23.04 -36.21
N THR A 64 14.99 22.56 -37.46
CA THR A 64 15.85 21.43 -37.86
C THR A 64 16.14 20.45 -36.72
N ARG A 65 15.29 19.43 -36.60
CA ARG A 65 15.46 18.40 -35.57
C ARG A 65 16.64 17.46 -35.87
N ARG A 66 17.53 17.85 -36.78
CA ARG A 66 18.71 17.04 -37.10
C ARG A 66 19.70 17.10 -35.94
N CYS A 67 20.41 15.99 -35.75
CA CYS A 67 21.40 15.88 -34.69
C CYS A 67 22.76 15.54 -35.26
N GLN A 68 23.80 16.06 -34.63
CA GLN A 68 25.18 15.80 -35.05
C GLN A 68 25.96 15.16 -33.91
N PRO A 69 26.76 14.12 -34.21
CA PRO A 69 27.56 13.52 -33.16
C PRO A 69 28.70 14.45 -32.77
N ILE A 70 28.96 14.55 -31.48
CA ILE A 70 30.08 15.32 -30.96
C ILE A 70 31.31 14.44 -31.10
N GLU A 71 32.30 14.91 -31.84
CA GLU A 71 33.51 14.10 -32.09
C GLU A 71 34.46 14.09 -30.89
N PHE A 72 34.17 13.24 -29.91
CA PHE A 72 35.02 13.08 -28.73
C PHE A 72 36.32 12.34 -29.04
N ASP A 73 36.19 11.11 -29.57
CA ASP A 73 37.34 10.26 -29.86
C ASP A 73 37.14 9.53 -31.19
N ALA A 74 37.92 9.93 -32.20
CA ALA A 74 37.81 9.35 -33.54
C ALA A 74 38.77 8.18 -33.73
N THR A 75 39.49 7.80 -32.67
CA THR A 75 40.52 6.77 -32.78
C THR A 75 39.99 5.42 -32.31
N GLY A 76 40.57 4.35 -32.83
CA GLY A 76 40.29 3.00 -32.34
C GLY A 76 41.19 2.67 -31.17
N ASN A 77 41.49 1.39 -31.00
CA ASN A 77 42.23 0.93 -29.82
C ASN A 77 43.71 1.25 -29.88
N ARG A 78 44.26 1.60 -28.72
CA ARG A 78 45.71 1.68 -28.54
C ARG A 78 46.30 0.27 -28.39
N ASP A 79 47.62 0.18 -28.43
CA ASP A 79 48.31 -1.11 -28.37
C ASP A 79 49.35 -1.17 -27.26
N TYR A 80 49.18 -2.17 -26.39
CA TYR A 80 50.21 -2.51 -25.40
C TYR A 80 51.47 -2.93 -26.15
N ALA A 81 51.29 -3.81 -27.12
CA ALA A 81 52.36 -4.22 -28.04
C ALA A 81 51.75 -4.47 -29.41
N LYS A 82 52.58 -4.87 -30.37
CA LYS A 82 52.11 -5.09 -31.75
C LYS A 82 51.18 -6.30 -31.80
N ASP A 83 50.01 -6.14 -32.43
CA ASP A 83 48.95 -7.14 -32.43
C ASP A 83 48.65 -7.56 -31.00
N ASP A 84 48.38 -6.56 -30.17
CA ASP A 84 48.09 -6.78 -28.75
C ASP A 84 47.49 -5.50 -28.12
N PRO A 85 46.19 -5.25 -28.40
CA PRO A 85 45.47 -4.08 -27.92
C PRO A 85 45.60 -3.82 -26.42
N LEU A 86 45.81 -2.56 -26.06
CA LEU A 86 45.85 -2.14 -24.67
C LEU A 86 44.45 -1.92 -24.13
N GLU A 87 43.49 -1.67 -25.03
CA GLU A 87 42.12 -1.35 -24.66
C GLU A 87 41.13 -1.86 -25.68
N PHE A 88 39.85 -1.91 -25.31
CA PHE A 88 38.78 -2.39 -26.20
C PHE A 88 37.59 -1.43 -26.17
N LYS A 89 37.40 -0.69 -27.26
CA LYS A 89 36.36 0.35 -27.31
C LYS A 89 35.02 -0.19 -27.81
N SER A 90 35.04 -1.24 -28.62
CA SER A 90 33.80 -1.78 -29.18
C SER A 90 32.91 -2.34 -28.07
N HIS A 91 31.63 -1.95 -28.11
CA HIS A 91 30.63 -2.31 -27.09
C HIS A 91 30.88 -1.64 -25.74
N GLN A 92 31.51 -0.48 -25.76
CA GLN A 92 31.85 0.24 -24.51
C GLN A 92 30.69 1.05 -23.92
N TRP A 93 29.57 1.13 -24.62
CA TRP A 93 28.43 1.94 -24.17
C TRP A 93 28.85 3.39 -23.92
N PHE A 94 29.65 3.96 -24.82
CA PHE A 94 29.96 5.39 -24.70
C PHE A 94 28.73 6.17 -25.07
N GLY A 95 28.31 7.07 -24.19
CA GLY A 95 27.07 7.82 -24.38
C GLY A 95 25.97 7.26 -23.51
N ALA A 96 26.33 6.27 -22.69
CA ALA A 96 25.42 5.67 -21.71
C ALA A 96 25.11 6.64 -20.59
N SER A 97 25.86 7.74 -20.54
CA SER A 97 25.73 8.70 -19.47
C SER A 97 26.31 10.03 -19.94
N VAL A 98 25.56 11.11 -19.75
CA VAL A 98 25.87 12.39 -20.37
C VAL A 98 25.47 13.55 -19.49
N ARG A 99 26.43 14.39 -19.13
CA ARG A 99 26.17 15.55 -18.32
C ARG A 99 26.99 16.72 -18.85
N SER A 100 26.43 17.92 -18.78
CA SER A 100 27.15 19.12 -19.21
C SER A 100 26.92 20.26 -18.24
N LYS A 101 27.90 21.14 -18.15
CA LYS A 101 27.83 22.32 -17.31
C LYS A 101 28.53 23.47 -18.02
N GLN A 102 27.74 24.44 -18.48
CA GLN A 102 28.25 25.58 -19.24
C GLN A 102 28.90 25.05 -20.53
N ASP A 103 30.13 25.43 -20.84
CA ASP A 103 30.78 24.95 -22.06
C ASP A 103 31.29 23.51 -21.96
N LYS A 104 31.34 22.97 -20.75
CA LYS A 104 31.91 21.64 -20.52
C LYS A 104 30.84 20.60 -20.72
N ILE A 105 31.18 19.48 -21.38
CA ILE A 105 30.28 18.32 -21.37
C ILE A 105 31.04 17.01 -21.15
N LEU A 106 30.50 16.19 -20.26
CA LEU A 106 31.11 14.94 -19.83
C LEU A 106 30.29 13.75 -20.36
N ALA A 107 30.95 12.80 -21.01
CA ALA A 107 30.30 11.59 -21.53
C ALA A 107 31.14 10.38 -21.17
N CYS A 108 30.48 9.26 -20.87
CA CYS A 108 31.20 8.09 -20.37
C CYS A 108 30.85 6.79 -21.06
N ALA A 109 31.83 5.90 -21.09
CA ALA A 109 31.67 4.55 -21.62
C ALA A 109 31.86 3.58 -20.48
N PRO A 110 30.80 3.35 -19.69
CA PRO A 110 30.95 2.48 -18.51
C PRO A 110 31.23 1.01 -18.80
N LEU A 111 31.15 0.60 -20.07
CA LEU A 111 31.54 -0.77 -20.47
C LEU A 111 32.86 -0.79 -21.24
N TYR A 112 33.58 0.34 -21.23
CA TYR A 112 34.92 0.38 -21.81
C TYR A 112 35.82 -0.60 -21.09
N HIS A 113 36.43 -1.50 -21.85
CA HIS A 113 37.33 -2.50 -21.30
C HIS A 113 38.79 -2.15 -21.53
N TRP A 114 39.63 -2.69 -20.66
CA TRP A 114 41.00 -2.25 -20.52
C TRP A 114 41.87 -3.47 -20.24
N ARG A 115 42.81 -3.74 -21.14
CA ARG A 115 43.84 -4.73 -20.88
C ARG A 115 44.70 -4.13 -19.79
N THR A 116 45.20 -4.94 -18.88
CA THR A 116 46.09 -4.41 -17.87
C THR A 116 47.44 -4.15 -18.52
N GLU A 117 48.37 -3.52 -17.80
CA GLU A 117 49.76 -3.45 -18.26
C GLU A 117 50.64 -4.47 -17.54
N MET A 118 50.01 -5.39 -16.82
CA MET A 118 50.74 -6.44 -16.10
C MET A 118 50.44 -7.78 -16.74
N LYS A 119 49.17 -8.15 -16.75
CA LYS A 119 48.72 -9.41 -17.33
C LYS A 119 47.81 -9.09 -18.51
N GLN A 120 47.56 -10.09 -19.35
CA GLN A 120 46.63 -9.95 -20.46
C GLN A 120 45.20 -10.09 -19.92
N GLU A 121 44.50 -8.95 -19.78
CA GLU A 121 43.16 -8.93 -19.22
C GLU A 121 42.13 -8.27 -20.14
N ARG A 122 40.88 -8.28 -19.69
CA ARG A 122 39.77 -7.59 -20.35
C ARG A 122 38.87 -7.04 -19.26
N GLU A 123 39.31 -5.98 -18.60
CA GLU A 123 38.64 -5.48 -17.41
C GLU A 123 37.86 -4.20 -17.70
N PRO A 124 36.56 -4.18 -17.33
CA PRO A 124 35.69 -3.04 -17.59
C PRO A 124 35.87 -1.92 -16.57
N VAL A 125 36.97 -1.17 -16.70
CA VAL A 125 37.23 -0.04 -15.83
C VAL A 125 36.27 1.11 -16.10
N GLY A 126 35.88 1.28 -17.37
CA GLY A 126 35.08 2.42 -17.79
C GLY A 126 35.95 3.64 -17.98
N THR A 127 35.54 4.52 -18.89
CA THR A 127 36.24 5.78 -19.14
C THR A 127 35.25 6.89 -19.44
N CYS A 128 35.70 8.14 -19.36
CA CYS A 128 34.92 9.27 -19.78
C CYS A 128 35.72 10.18 -20.67
N PHE A 129 35.02 11.11 -21.32
CA PHE A 129 35.65 12.14 -22.12
C PHE A 129 35.03 13.49 -21.80
N LEU A 130 35.88 14.48 -21.53
CA LEU A 130 35.44 15.83 -21.22
C LEU A 130 35.79 16.75 -22.36
N GLN A 131 34.79 17.40 -22.94
CA GLN A 131 35.02 18.31 -24.07
C GLN A 131 34.78 19.75 -23.66
N ASP A 132 35.46 20.66 -24.36
CA ASP A 132 35.25 22.09 -24.23
C ASP A 132 35.68 22.76 -25.53
N GLY A 133 34.70 23.04 -26.39
CA GLY A 133 34.98 23.48 -27.75
C GLY A 133 35.64 22.36 -28.53
N THR A 134 36.92 22.54 -28.86
CA THR A 134 37.69 21.55 -29.62
C THR A 134 38.59 20.71 -28.69
N LYS A 135 39.10 21.33 -27.63
CA LYS A 135 39.82 20.65 -26.56
C LYS A 135 39.00 19.47 -25.97
N THR A 136 39.60 18.28 -25.98
CA THR A 136 38.99 17.09 -25.38
C THR A 136 40.02 16.30 -24.56
N VAL A 137 39.64 15.94 -23.34
CA VAL A 137 40.50 15.15 -22.48
C VAL A 137 39.77 13.88 -22.05
N GLU A 138 40.52 12.83 -21.78
CA GLU A 138 39.95 11.58 -21.30
C GLU A 138 40.11 11.53 -19.79
N TYR A 139 39.03 11.18 -19.09
CA TYR A 139 39.03 11.07 -17.65
C TYR A 139 38.59 9.67 -17.26
N ALA A 140 39.53 8.86 -16.79
CA ALA A 140 39.31 7.45 -16.52
C ALA A 140 39.85 7.10 -15.14
N PRO A 141 39.26 7.69 -14.09
CA PRO A 141 39.81 7.56 -12.75
C PRO A 141 40.07 6.10 -12.34
N CYS A 142 39.14 5.20 -12.65
CA CYS A 142 39.27 3.79 -12.26
C CYS A 142 40.36 3.02 -13.00
N ARG A 143 40.85 3.56 -14.11
CA ARG A 143 41.92 2.93 -14.86
C ARG A 143 43.26 3.27 -14.22
N SER A 144 43.56 2.62 -13.11
CA SER A 144 44.78 2.85 -12.33
C SER A 144 45.62 1.57 -12.24
N GLN A 145 46.66 1.60 -11.39
CA GLN A 145 47.43 0.39 -11.10
C GLN A 145 46.77 -0.53 -10.04
N ASP A 146 45.54 -0.22 -9.62
CA ASP A 146 44.74 -1.11 -8.76
C ASP A 146 43.86 -1.96 -9.68
N ILE A 147 44.37 -3.11 -10.09
CA ILE A 147 43.96 -3.72 -11.38
C ILE A 147 43.24 -5.08 -11.36
N ASP A 148 42.29 -5.30 -10.46
CA ASP A 148 41.45 -6.51 -10.56
C ASP A 148 40.08 -6.23 -9.95
N ALA A 149 39.27 -7.26 -9.76
CA ALA A 149 37.98 -7.11 -9.07
C ALA A 149 38.16 -6.60 -7.64
N ASP A 150 39.23 -7.02 -6.97
CA ASP A 150 39.50 -6.56 -5.60
C ASP A 150 39.91 -5.08 -5.62
N GLY A 151 40.46 -4.64 -6.75
CA GLY A 151 40.77 -3.22 -6.96
C GLY A 151 39.66 -2.54 -7.74
N GLN A 152 40.05 -1.78 -8.77
CA GLN A 152 39.10 -1.03 -9.60
C GLN A 152 38.97 -1.63 -11.01
N GLY A 153 39.40 -2.88 -11.16
CA GLY A 153 39.36 -3.55 -12.45
C GLY A 153 37.98 -3.57 -13.08
N PHE A 154 36.96 -3.83 -12.27
CA PHE A 154 35.58 -3.97 -12.77
C PHE A 154 34.71 -2.80 -12.34
N CYS A 155 35.35 -1.66 -12.19
CA CYS A 155 34.75 -0.46 -11.65
C CYS A 155 33.57 0.06 -12.48
N GLN A 156 33.72 0.03 -13.80
CA GLN A 156 32.73 0.64 -14.69
C GLN A 156 32.48 2.11 -14.35
N GLY A 157 33.55 2.86 -14.14
CA GLY A 157 33.45 4.28 -13.83
C GLY A 157 32.78 5.04 -14.95
N GLY A 158 31.84 5.91 -14.59
CA GLY A 158 31.04 6.65 -15.57
C GLY A 158 29.64 6.10 -15.71
N PHE A 159 29.33 5.06 -14.94
CA PHE A 159 27.98 4.51 -14.89
C PHE A 159 26.96 5.59 -14.52
N SER A 160 27.37 6.51 -13.65
CA SER A 160 26.58 7.69 -13.31
C SER A 160 27.52 8.85 -12.98
N ILE A 161 27.14 10.06 -13.38
CA ILE A 161 27.98 11.24 -13.18
C ILE A 161 27.16 12.50 -12.85
N ASP A 162 27.85 13.53 -12.38
CA ASP A 162 27.20 14.80 -12.03
C ASP A 162 28.23 15.91 -11.79
N PHE A 163 27.88 17.13 -12.21
CA PHE A 163 28.67 18.32 -11.89
C PHE A 163 28.11 18.97 -10.63
N THR A 164 29.00 19.52 -9.81
CA THR A 164 28.58 20.29 -8.64
C THR A 164 28.53 21.78 -8.96
N LYS A 165 27.76 22.53 -8.18
CA LYS A 165 27.96 23.98 -8.10
C LYS A 165 29.39 24.15 -7.64
N ALA A 166 30.02 25.27 -7.97
CA ALA A 166 31.47 25.32 -8.09
C ALA A 166 31.67 24.53 -9.36
N ASP A 167 32.79 23.85 -9.53
CA ASP A 167 32.95 23.01 -10.73
C ASP A 167 33.81 21.80 -10.43
N ARG A 168 33.15 20.66 -10.35
CA ARG A 168 33.79 19.45 -9.88
C ARG A 168 32.89 18.26 -10.22
N VAL A 169 33.48 17.17 -10.70
CA VAL A 169 32.72 16.03 -11.18
C VAL A 169 32.54 14.97 -10.10
N LEU A 170 31.32 14.47 -9.95
CA LEU A 170 31.04 13.28 -9.16
C LEU A 170 30.89 12.12 -10.12
N LEU A 171 31.55 11.01 -9.84
CA LEU A 171 31.54 9.87 -10.75
C LEU A 171 31.23 8.57 -10.00
N GLY A 172 30.35 7.75 -10.59
CA GLY A 172 29.92 6.50 -9.97
C GLY A 172 30.59 5.29 -10.60
N GLY A 173 31.24 4.48 -9.77
CA GLY A 173 31.86 3.22 -10.21
C GLY A 173 31.35 2.03 -9.40
N PRO A 174 30.23 1.42 -9.84
CA PRO A 174 29.56 0.38 -9.06
C PRO A 174 30.26 -0.97 -8.95
N GLY A 175 31.38 -1.16 -9.62
CA GLY A 175 32.07 -2.45 -9.61
C GLY A 175 33.35 -2.48 -8.81
N SER A 176 33.78 -1.32 -8.32
CA SER A 176 35.03 -1.23 -7.56
C SER A 176 34.94 -2.05 -6.28
N PHE A 177 36.06 -2.66 -5.90
CA PHE A 177 36.19 -3.41 -4.65
C PHE A 177 35.13 -4.50 -4.50
N TYR A 178 35.17 -5.49 -5.38
CA TYR A 178 34.18 -6.58 -5.40
C TYR A 178 32.74 -6.06 -5.43
N TRP A 179 32.49 -5.11 -6.32
CA TRP A 179 31.15 -4.58 -6.53
C TRP A 179 30.55 -3.94 -5.28
N GLN A 180 31.41 -3.54 -4.33
CA GLN A 180 31.00 -2.64 -3.26
C GLN A 180 30.54 -1.34 -3.90
N GLY A 181 31.30 -0.90 -4.88
CA GLY A 181 31.00 0.32 -5.61
C GLY A 181 31.91 1.43 -5.15
N GLN A 182 31.89 2.55 -5.89
CA GLN A 182 32.76 3.66 -5.57
C GLN A 182 32.23 4.98 -6.09
N LEU A 183 32.44 6.02 -5.28
CA LEU A 183 32.28 7.39 -5.70
C LEU A 183 33.67 7.98 -5.80
N ILE A 184 33.94 8.73 -6.87
CA ILE A 184 35.17 9.50 -7.00
C ILE A 184 34.84 10.90 -7.52
N SER A 185 35.43 11.92 -6.91
CA SER A 185 35.17 13.29 -7.34
C SER A 185 36.45 14.07 -7.62
N ASP A 186 36.41 14.87 -8.68
CA ASP A 186 37.58 15.58 -9.15
C ASP A 186 37.26 17.00 -9.64
N GLN A 187 38.22 17.90 -9.45
CA GLN A 187 38.10 19.25 -9.96
C GLN A 187 38.23 19.27 -11.47
N VAL A 188 37.22 19.83 -12.14
CA VAL A 188 37.20 19.95 -13.59
C VAL A 188 38.51 20.55 -14.11
N ALA A 189 38.99 21.60 -13.45
CA ALA A 189 40.27 22.23 -13.79
C ALA A 189 41.39 21.21 -13.78
N GLU A 190 41.37 20.32 -12.80
CA GLU A 190 42.38 19.28 -12.61
C GLU A 190 42.39 18.28 -13.76
N ILE A 191 41.21 17.81 -14.15
CA ILE A 191 41.09 16.82 -15.21
C ILE A 191 41.76 17.32 -16.46
N VAL A 192 41.38 18.52 -16.91
CA VAL A 192 41.97 19.10 -18.12
C VAL A 192 43.45 19.43 -17.91
N SER A 193 43.75 19.96 -16.73
CA SER A 193 45.09 20.43 -16.39
C SER A 193 46.13 19.32 -16.41
N LYS A 194 45.85 18.26 -15.68
CA LYS A 194 46.81 17.16 -15.50
C LYS A 194 46.71 16.09 -16.59
N TYR A 195 45.84 16.30 -17.58
CA TYR A 195 45.70 15.33 -18.65
C TYR A 195 47.01 15.16 -19.40
N ASP A 196 47.42 13.91 -19.60
CA ASP A 196 48.60 13.57 -20.38
C ASP A 196 48.30 12.30 -21.17
N PRO A 197 48.34 12.37 -22.51
CA PRO A 197 48.00 11.20 -23.33
C PRO A 197 49.03 10.08 -23.27
N ASN A 198 50.24 10.41 -22.84
CA ASN A 198 51.30 9.41 -22.68
C ASN A 198 51.26 8.70 -21.33
N VAL A 199 50.27 9.03 -20.50
CA VAL A 199 50.10 8.36 -19.21
C VAL A 199 48.67 7.85 -19.09
N TYR A 200 48.50 6.54 -18.91
CA TYR A 200 47.18 5.92 -18.82
C TYR A 200 46.60 5.98 -17.41
N SER A 201 47.44 6.24 -16.40
CA SER A 201 46.97 6.29 -15.02
C SER A 201 47.34 7.60 -14.36
N ILE A 202 46.56 8.64 -14.65
CA ILE A 202 46.82 10.00 -14.17
C ILE A 202 46.35 10.19 -12.75
N LYS A 203 47.17 10.83 -11.93
CA LYS A 203 46.86 11.04 -10.50
C LYS A 203 46.51 12.50 -10.22
N TYR A 204 45.21 12.75 -10.04
CA TYR A 204 44.68 14.09 -9.82
C TYR A 204 44.88 14.48 -8.37
N ASN A 205 45.08 15.76 -8.15
CA ASN A 205 45.68 16.22 -6.90
C ASN A 205 44.68 16.32 -5.76
N ASN A 206 43.54 16.95 -6.02
CA ASN A 206 42.50 17.12 -5.01
C ASN A 206 41.37 16.14 -5.21
N GLN A 207 41.72 14.89 -5.52
CA GLN A 207 40.73 13.87 -5.74
C GLN A 207 40.12 13.45 -4.41
N LEU A 208 38.81 13.24 -4.42
CA LEU A 208 38.08 12.71 -3.29
C LEU A 208 37.53 11.37 -3.76
N ALA A 209 37.70 10.33 -2.94
CA ALA A 209 37.21 8.99 -3.28
C ALA A 209 36.85 8.15 -2.07
N THR A 210 35.74 7.42 -2.19
CA THR A 210 35.37 6.41 -1.21
C THR A 210 36.36 5.26 -1.28
N ARG A 211 36.66 4.65 -0.15
CA ARG A 211 37.68 3.62 -0.04
C ARG A 211 37.05 2.24 0.03
N THR A 212 37.85 1.21 -0.22
CA THR A 212 37.44 -0.17 -0.03
C THR A 212 36.99 -0.41 1.41
N ALA A 213 36.07 -1.36 1.59
CA ALA A 213 35.52 -1.70 2.91
C ALA A 213 35.50 -3.22 3.11
N GLN A 214 34.83 -3.66 4.17
CA GLN A 214 34.79 -5.08 4.52
C GLN A 214 34.00 -5.85 3.48
N ALA A 215 34.14 -7.18 3.49
CA ALA A 215 33.55 -8.04 2.45
C ALA A 215 32.04 -8.22 2.57
N ILE A 216 31.45 -7.93 3.73
CA ILE A 216 29.98 -7.93 3.83
C ILE A 216 29.40 -6.92 2.86
N PHE A 217 30.12 -5.82 2.65
CA PHE A 217 29.63 -4.75 1.79
C PHE A 217 29.75 -5.05 0.30
N ASP A 218 30.28 -6.23 -0.05
CA ASP A 218 30.44 -6.57 -1.45
C ASP A 218 29.10 -6.64 -2.17
N ASP A 219 29.14 -6.46 -3.48
CA ASP A 219 27.95 -6.51 -4.32
C ASP A 219 26.85 -5.60 -3.79
N SER A 220 27.18 -4.35 -3.52
CA SER A 220 26.21 -3.34 -3.10
C SER A 220 25.90 -2.36 -4.23
N TYR A 221 26.87 -2.14 -5.11
CA TYR A 221 26.74 -1.23 -6.25
C TYR A 221 26.62 0.24 -5.84
N LEU A 222 27.52 0.73 -4.99
CA LEU A 222 27.61 2.17 -4.73
C LEU A 222 27.92 2.88 -6.05
N GLY A 223 27.28 4.02 -6.28
CA GLY A 223 27.48 4.75 -7.53
C GLY A 223 26.67 4.22 -8.71
N TYR A 224 25.68 3.38 -8.45
CA TYR A 224 24.73 2.97 -9.47
C TYR A 224 24.00 4.21 -10.02
N SER A 225 23.54 5.06 -9.09
CA SER A 225 22.94 6.34 -9.42
C SER A 225 23.66 7.42 -8.63
N VAL A 226 23.46 8.67 -9.01
CA VAL A 226 24.16 9.76 -8.35
C VAL A 226 23.41 11.10 -8.47
N ALA A 227 23.61 11.96 -7.49
CA ALA A 227 22.96 13.27 -7.44
C ALA A 227 23.75 14.19 -6.51
N VAL A 228 23.64 15.50 -6.72
CA VAL A 228 24.39 16.46 -5.91
C VAL A 228 23.50 17.53 -5.27
N GLY A 229 23.90 17.98 -4.08
CA GLY A 229 23.11 18.95 -3.31
C GLY A 229 23.67 19.17 -1.93
N ASP A 230 23.43 20.35 -1.36
CA ASP A 230 24.01 20.72 -0.07
C ASP A 230 23.15 20.20 1.08
N PHE A 231 23.80 19.51 2.03
CA PHE A 231 23.10 18.92 3.17
C PHE A 231 23.75 19.22 4.53
N ASN A 232 25.08 19.23 4.60
CA ASN A 232 25.77 19.65 5.81
C ASN A 232 25.71 21.17 5.93
N GLY A 233 24.64 21.67 6.53
CA GLY A 233 24.41 23.09 6.61
C GLY A 233 24.67 23.74 5.27
N ASP A 234 25.65 24.65 5.25
CA ASP A 234 25.92 25.50 4.09
C ASP A 234 27.23 25.11 3.40
N GLY A 235 27.50 25.79 2.29
CA GLY A 235 28.70 25.57 1.53
C GLY A 235 28.40 24.83 0.25
N ILE A 236 29.16 23.76 0.01
CA ILE A 236 29.18 23.11 -1.30
C ILE A 236 28.27 21.91 -1.38
N ASP A 237 27.77 21.69 -2.59
CA ASP A 237 27.10 20.45 -2.98
C ASP A 237 27.84 19.23 -2.41
N ASP A 238 27.09 18.41 -1.69
CA ASP A 238 27.57 17.15 -1.16
C ASP A 238 27.03 16.04 -2.05
N PHE A 239 27.55 14.83 -1.87
CA PHE A 239 27.33 13.74 -2.83
C PHE A 239 26.27 12.75 -2.37
N VAL A 240 25.23 12.58 -3.17
CA VAL A 240 24.20 11.57 -2.91
C VAL A 240 24.38 10.41 -3.89
N SER A 241 24.25 9.18 -3.40
CA SER A 241 24.39 8.00 -4.26
C SER A 241 23.52 6.83 -3.85
N GLY A 242 22.87 6.23 -4.85
CA GLY A 242 22.07 5.03 -4.64
C GLY A 242 22.95 3.79 -4.57
N VAL A 243 22.69 2.94 -3.58
CA VAL A 243 23.40 1.67 -3.40
C VAL A 243 22.37 0.53 -3.40
N PRO A 244 21.92 0.10 -4.60
CA PRO A 244 20.72 -0.74 -4.73
C PRO A 244 20.77 -2.13 -4.08
N ARG A 245 21.93 -2.76 -4.02
CA ARG A 245 22.04 -4.07 -3.37
C ARG A 245 22.53 -3.95 -1.92
N ALA A 246 22.52 -2.75 -1.35
CA ALA A 246 22.94 -2.58 0.02
C ALA A 246 22.03 -3.34 0.99
N ALA A 247 22.53 -3.59 2.20
CA ALA A 247 21.75 -4.21 3.28
C ALA A 247 20.89 -5.36 2.80
N ARG A 248 21.53 -6.37 2.20
CA ARG A 248 20.85 -7.59 1.76
C ARG A 248 19.75 -7.30 0.74
N THR A 249 20.07 -6.46 -0.23
CA THR A 249 19.15 -6.00 -1.27
C THR A 249 17.97 -5.14 -0.79
N LEU A 250 17.95 -4.77 0.50
CA LEU A 250 17.06 -3.69 0.94
C LEU A 250 17.37 -2.43 0.14
N GLY A 251 18.65 -2.22 -0.16
CA GLY A 251 19.10 -1.06 -0.90
C GLY A 251 19.32 0.08 0.06
N MET A 252 20.24 0.97 -0.28
CA MET A 252 20.48 2.15 0.53
C MET A 252 20.75 3.35 -0.34
N VAL A 253 20.75 4.53 0.28
CA VAL A 253 21.18 5.76 -0.37
C VAL A 253 22.16 6.45 0.56
N TYR A 254 23.42 6.54 0.11
CA TYR A 254 24.45 7.18 0.89
C TYR A 254 24.57 8.64 0.50
N ILE A 255 24.86 9.49 1.48
CA ILE A 255 25.22 10.89 1.21
C ILE A 255 26.58 11.19 1.81
N TYR A 256 27.52 11.62 0.98
CA TYR A 256 28.86 12.01 1.43
C TYR A 256 29.06 13.52 1.35
N ASP A 257 29.93 14.05 2.21
CA ASP A 257 30.28 15.46 2.21
C ASP A 257 30.98 15.82 0.91
N GLY A 258 30.74 17.02 0.42
CA GLY A 258 31.41 17.54 -0.78
C GLY A 258 32.86 17.95 -0.55
N LYS A 259 33.18 18.39 0.66
CA LYS A 259 34.51 18.92 0.97
C LYS A 259 35.55 17.79 1.07
N ASN A 260 35.21 16.75 1.81
CA ASN A 260 35.92 15.46 1.78
C ASN A 260 34.87 14.38 1.57
N MET A 261 35.29 13.13 1.45
CA MET A 261 34.34 12.05 1.17
C MET A 261 33.83 11.45 2.50
N SER A 262 33.36 12.34 3.38
CA SER A 262 32.92 11.99 4.72
C SER A 262 31.43 11.66 4.71
N SER A 263 31.03 10.64 5.45
CA SER A 263 29.63 10.20 5.46
C SER A 263 28.75 11.14 6.29
N LEU A 264 27.58 11.48 5.76
CA LEU A 264 26.66 12.41 6.42
C LEU A 264 25.38 11.71 6.83
N TYR A 265 24.68 11.13 5.85
CA TYR A 265 23.42 10.41 6.10
C TYR A 265 23.33 9.16 5.25
N ASN A 266 22.59 8.18 5.75
CA ASN A 266 22.18 7.03 4.95
C ASN A 266 20.67 6.92 4.96
N PHE A 267 20.11 6.39 3.86
CA PHE A 267 18.73 5.96 3.82
C PHE A 267 18.73 4.47 3.54
N THR A 268 17.64 3.80 3.92
CA THR A 268 17.51 2.36 3.70
C THR A 268 16.10 2.01 3.22
N GLY A 269 16.00 1.03 2.33
CA GLY A 269 14.72 0.60 1.80
C GLY A 269 13.99 -0.31 2.77
N GLU A 270 12.68 -0.45 2.57
CA GLU A 270 11.84 -1.30 3.43
C GLU A 270 11.66 -2.71 2.87
N GLN A 271 11.90 -2.88 1.57
CA GLN A 271 11.55 -4.12 0.87
C GLN A 271 12.70 -4.62 0.01
N MET A 272 13.19 -5.82 0.31
CA MET A 272 14.30 -6.40 -0.44
C MET A 272 13.95 -6.61 -1.90
N ALA A 273 14.97 -6.52 -2.74
CA ALA A 273 14.86 -6.72 -4.19
C ALA A 273 14.18 -5.57 -4.94
N ALA A 274 13.63 -4.59 -4.24
CA ALA A 274 12.88 -3.49 -4.86
C ALA A 274 13.74 -2.42 -5.55
N TYR A 275 15.06 -2.60 -5.50
CA TYR A 275 16.00 -1.68 -6.13
C TYR A 275 15.91 -0.22 -5.67
N PHE A 276 15.72 -0.05 -4.36
CA PHE A 276 15.81 1.24 -3.70
C PHE A 276 17.19 1.81 -3.95
N GLY A 277 17.26 2.87 -4.77
CA GLY A 277 18.53 3.48 -5.15
C GLY A 277 18.78 3.50 -6.64
N PHE A 278 17.94 2.82 -7.41
CA PHE A 278 18.04 2.83 -8.88
C PHE A 278 18.24 4.26 -9.38
N SER A 279 17.43 5.18 -8.85
CA SER A 279 17.52 6.58 -9.22
C SER A 279 17.47 7.46 -7.98
N VAL A 280 18.16 8.59 -8.05
CA VAL A 280 18.18 9.55 -6.96
C VAL A 280 18.12 10.95 -7.55
N ALA A 281 17.51 11.87 -6.82
CA ALA A 281 17.45 13.27 -7.23
C ALA A 281 17.50 14.17 -6.01
N ALA A 282 18.07 15.35 -6.19
CA ALA A 282 18.11 16.37 -5.14
C ALA A 282 17.56 17.66 -5.72
N THR A 283 16.63 18.29 -5.01
CA THR A 283 16.00 19.54 -5.46
C THR A 283 15.14 20.07 -4.33
N ASP A 284 15.08 21.40 -4.17
CA ASP A 284 14.30 21.97 -3.07
C ASP A 284 12.84 22.09 -3.47
N ILE A 285 12.06 21.11 -3.06
CA ILE A 285 10.67 21.00 -3.49
C ILE A 285 9.71 21.93 -2.75
N ASN A 286 10.07 22.37 -1.54
CA ASN A 286 9.18 23.21 -0.73
C ASN A 286 9.65 24.66 -0.55
N GLY A 287 10.53 25.10 -1.45
CA GLY A 287 10.93 26.50 -1.51
C GLY A 287 11.39 27.08 -0.19
N ASP A 288 12.20 26.31 0.55
CA ASP A 288 12.79 26.79 1.79
C ASP A 288 14.32 26.81 1.72
N ASP A 289 14.87 26.78 0.51
CA ASP A 289 16.32 26.77 0.26
C ASP A 289 17.05 25.55 0.85
N TYR A 290 16.34 24.44 1.01
CA TYR A 290 16.96 23.21 1.47
C TYR A 290 16.69 22.08 0.47
N ALA A 291 17.76 21.54 -0.12
CA ALA A 291 17.63 20.45 -1.07
C ALA A 291 16.91 19.27 -0.43
N ASP A 292 16.07 18.61 -1.22
CA ASP A 292 15.27 17.50 -0.74
C ASP A 292 15.59 16.27 -1.57
N VAL A 293 15.68 15.11 -0.91
CA VAL A 293 16.10 13.87 -1.56
C VAL A 293 14.93 13.04 -2.06
N PHE A 294 15.06 12.51 -3.27
CA PHE A 294 14.09 11.60 -3.83
C PHE A 294 14.81 10.32 -4.20
N ILE A 295 14.21 9.17 -3.87
CA ILE A 295 14.86 7.88 -4.11
C ILE A 295 13.89 6.95 -4.81
N GLY A 296 14.26 6.51 -6.01
CA GLY A 296 13.45 5.57 -6.78
C GLY A 296 13.75 4.13 -6.39
N ALA A 297 12.69 3.37 -6.14
CA ALA A 297 12.77 1.93 -5.88
C ALA A 297 11.75 1.26 -6.80
N PRO A 298 12.06 1.18 -8.09
CA PRO A 298 11.06 0.97 -9.13
C PRO A 298 10.40 -0.40 -9.16
N LEU A 299 10.98 -1.38 -8.47
CA LEU A 299 10.40 -2.73 -8.40
C LEU A 299 9.70 -2.99 -7.06
N PHE A 300 9.32 -1.92 -6.36
CA PHE A 300 8.66 -2.04 -5.07
C PHE A 300 7.30 -2.68 -5.23
N MET A 301 6.89 -3.44 -4.23
CA MET A 301 5.58 -4.04 -4.20
C MET A 301 4.81 -3.50 -3.02
N ASP A 302 3.89 -2.57 -3.28
CA ASP A 302 2.93 -2.16 -2.28
C ASP A 302 1.88 -3.27 -2.20
N ARG A 303 0.83 -3.04 -1.43
CA ARG A 303 -0.18 -4.05 -1.20
C ARG A 303 -1.50 -3.57 -1.80
N GLY A 304 -2.09 -4.39 -2.67
CA GLY A 304 -3.35 -4.04 -3.31
C GLY A 304 -4.53 -3.94 -2.36
N SER A 305 -5.69 -3.57 -2.90
CA SER A 305 -6.92 -3.49 -2.13
C SER A 305 -7.39 -4.86 -1.62
N ASP A 306 -7.02 -5.90 -2.37
CA ASP A 306 -7.28 -7.29 -1.99
C ASP A 306 -6.37 -7.77 -0.86
N GLY A 307 -5.21 -7.12 -0.72
CA GLY A 307 -4.21 -7.48 0.29
C GLY A 307 -2.98 -8.14 -0.29
N LYS A 308 -2.93 -8.25 -1.61
CA LYS A 308 -1.92 -9.04 -2.31
C LYS A 308 -0.79 -8.15 -2.81
N LEU A 309 0.44 -8.67 -2.79
CA LEU A 309 1.60 -7.93 -3.29
C LEU A 309 1.39 -7.58 -4.75
N GLN A 310 1.88 -6.41 -5.15
CA GLN A 310 1.82 -6.00 -6.55
C GLN A 310 2.90 -4.99 -6.87
N GLU A 311 3.70 -5.30 -7.89
CA GLU A 311 4.84 -4.49 -8.31
C GLU A 311 4.36 -3.20 -8.96
N VAL A 312 4.45 -2.09 -8.24
CA VAL A 312 4.06 -0.78 -8.77
C VAL A 312 5.17 0.26 -8.74
N GLY A 313 6.21 0.01 -7.95
CA GLY A 313 7.32 0.95 -7.81
C GLY A 313 6.97 2.02 -6.79
N GLN A 314 8.00 2.53 -6.11
CA GLN A 314 7.83 3.54 -5.07
C GLN A 314 8.93 4.58 -5.09
N VAL A 315 8.56 5.83 -4.83
CA VAL A 315 9.53 6.92 -4.71
C VAL A 315 9.49 7.49 -3.30
N SER A 316 10.66 7.60 -2.68
CA SER A 316 10.80 8.16 -1.35
C SER A 316 11.00 9.66 -1.48
N VAL A 317 10.41 10.43 -0.56
CA VAL A 317 10.53 11.88 -0.60
C VAL A 317 10.95 12.41 0.78
N SER A 318 12.22 12.76 0.91
CA SER A 318 12.79 13.18 2.20
C SER A 318 13.02 14.70 2.25
N LEU A 319 12.18 15.40 3.02
CA LEU A 319 12.28 16.85 3.14
C LEU A 319 13.35 17.23 4.16
N GLN A 320 14.36 17.96 3.72
CA GLN A 320 15.47 18.36 4.61
C GLN A 320 15.02 19.44 5.58
N ARG A 321 15.50 19.32 6.81
CA ARG A 321 15.22 20.30 7.85
C ARG A 321 16.54 20.83 8.39
N ALA A 322 16.54 22.12 8.75
CA ALA A 322 17.72 22.78 9.32
C ALA A 322 18.33 22.03 10.50
N SER A 323 17.49 21.24 11.19
CA SER A 323 17.94 20.35 12.26
C SER A 323 18.90 19.29 11.73
N GLY A 324 18.42 18.52 10.75
CA GLY A 324 19.16 17.37 10.23
C GLY A 324 18.23 16.19 9.94
N ASP A 325 17.25 16.00 10.83
CA ASP A 325 16.23 14.98 10.63
C ASP A 325 15.42 15.29 9.39
N PHE A 326 15.47 14.39 8.41
CA PHE A 326 14.62 14.50 7.22
C PHE A 326 13.19 14.14 7.58
N GLN A 327 12.26 14.69 6.81
CA GLN A 327 10.83 14.49 7.04
C GLN A 327 10.30 13.73 5.82
N THR A 328 10.27 12.41 5.92
CA THR A 328 10.07 11.55 4.75
C THR A 328 8.63 11.10 4.55
N THR A 329 8.25 10.91 3.29
CA THR A 329 6.97 10.31 2.89
C THR A 329 7.18 9.42 1.66
N LYS A 330 6.22 8.54 1.40
CA LYS A 330 6.31 7.58 0.28
C LYS A 330 5.31 7.85 -0.84
N LEU A 331 5.66 7.45 -2.06
CA LEU A 331 4.87 7.75 -3.26
C LEU A 331 4.83 6.54 -4.20
N ASN A 332 3.69 5.89 -4.27
CA ASN A 332 3.56 4.60 -4.98
C ASN A 332 3.08 4.77 -6.43
N GLY A 333 3.64 3.95 -7.32
CA GLY A 333 3.18 3.90 -8.70
C GLY A 333 1.72 3.51 -8.82
N PHE A 334 1.19 3.61 -10.03
CA PHE A 334 -0.25 3.45 -10.27
C PHE A 334 -0.61 2.21 -11.11
N GLU A 335 0.37 1.61 -11.78
CA GLU A 335 0.16 0.43 -12.62
C GLU A 335 1.11 -0.70 -12.26
N VAL A 336 0.65 -1.93 -12.38
CA VAL A 336 1.49 -3.07 -12.08
C VAL A 336 2.52 -3.25 -13.19
N PHE A 337 3.79 -3.40 -12.79
CA PHE A 337 4.92 -3.60 -13.72
C PHE A 337 5.35 -2.38 -14.55
N ALA A 338 4.62 -1.28 -14.47
CA ALA A 338 5.09 0.00 -14.98
C ALA A 338 6.04 0.54 -13.94
N ARG A 339 7.32 0.64 -14.26
CA ARG A 339 8.36 0.81 -13.22
C ARG A 339 8.44 2.25 -12.68
N PHE A 340 7.55 2.58 -11.76
CA PHE A 340 7.31 3.98 -11.37
C PHE A 340 8.55 4.79 -10.95
N GLY A 341 9.41 4.24 -10.12
CA GLY A 341 10.56 5.02 -9.65
C GLY A 341 11.78 5.06 -10.57
N SER A 342 11.61 4.79 -11.85
CA SER A 342 12.76 4.59 -12.76
C SER A 342 13.62 5.82 -13.01
N ALA A 343 13.00 7.00 -13.09
CA ALA A 343 13.73 8.24 -13.31
C ALA A 343 13.05 9.41 -12.59
N ILE A 344 13.82 10.13 -11.78
CA ILE A 344 13.33 11.31 -11.04
C ILE A 344 14.03 12.54 -11.57
N ALA A 345 13.33 13.38 -12.33
CA ALA A 345 13.94 14.53 -13.00
C ALA A 345 13.40 15.86 -12.47
N PRO A 346 14.19 16.57 -11.66
CA PRO A 346 13.82 17.94 -11.25
C PRO A 346 13.56 18.84 -12.45
N LEU A 347 12.48 19.62 -12.40
CA LEU A 347 12.08 20.48 -13.50
C LEU A 347 12.37 21.95 -13.21
N GLY A 348 12.81 22.25 -12.00
CA GLY A 348 12.78 23.61 -11.51
C GLY A 348 11.33 23.97 -11.26
N ASP A 349 10.99 25.24 -11.46
CA ASP A 349 9.61 25.68 -11.27
C ASP A 349 8.88 25.62 -12.61
N LEU A 350 8.30 24.46 -12.90
CA LEU A 350 7.65 24.19 -14.17
C LEU A 350 6.51 25.16 -14.48
N ASP A 351 5.80 25.59 -13.45
CA ASP A 351 4.66 26.49 -13.62
C ASP A 351 4.89 27.89 -13.03
N GLN A 352 6.09 28.12 -12.50
CA GLN A 352 6.45 29.43 -11.94
C GLN A 352 5.55 29.88 -10.79
N ASP A 353 5.04 28.93 -10.00
CA ASP A 353 4.20 29.26 -8.84
C ASP A 353 5.02 29.73 -7.64
N GLY A 354 6.34 29.53 -7.69
CA GLY A 354 7.22 29.85 -6.57
C GLY A 354 7.88 28.62 -5.95
N PHE A 355 7.43 27.43 -6.35
CA PHE A 355 7.97 26.17 -5.83
C PHE A 355 8.44 25.27 -6.96
N ASN A 356 9.52 24.52 -6.70
CA ASN A 356 10.04 23.58 -7.68
C ASN A 356 9.13 22.39 -7.90
N ASP A 357 9.31 21.75 -9.05
CA ASP A 357 8.48 20.62 -9.46
C ASP A 357 9.39 19.50 -9.93
N ILE A 358 8.79 18.34 -10.19
CA ILE A 358 9.57 17.14 -10.46
C ILE A 358 8.77 16.16 -11.33
N ALA A 359 9.47 15.42 -12.18
CA ALA A 359 8.85 14.42 -13.05
C ALA A 359 9.33 13.04 -12.68
N ILE A 360 8.39 12.12 -12.49
CA ILE A 360 8.70 10.73 -12.15
C ILE A 360 8.17 9.84 -13.27
N ALA A 361 9.00 8.93 -13.74
CA ALA A 361 8.70 8.14 -14.93
C ALA A 361 8.37 6.69 -14.59
N ALA A 362 7.29 6.19 -15.18
CA ALA A 362 6.95 4.76 -15.16
C ALA A 362 7.06 4.26 -16.60
N PRO A 363 8.29 3.93 -17.04
CA PRO A 363 8.59 3.81 -18.47
C PRO A 363 8.05 2.58 -19.16
N TYR A 364 7.38 1.71 -18.42
CA TYR A 364 6.74 0.54 -19.01
C TYR A 364 5.25 0.54 -18.68
N GLY A 365 4.70 1.74 -18.50
CA GLY A 365 3.29 1.93 -18.16
C GLY A 365 2.49 2.45 -19.34
N GLY A 366 1.21 2.71 -19.09
CA GLY A 366 0.28 3.12 -20.14
C GLY A 366 -0.25 1.93 -20.93
N GLU A 367 -1.50 2.02 -21.39
CA GLU A 367 -2.07 1.05 -22.33
C GLU A 367 -1.12 0.90 -23.52
N ASP A 368 -0.89 -0.34 -23.94
CA ASP A 368 0.24 -0.68 -24.81
C ASP A 368 1.46 -0.13 -24.10
N LYS A 369 2.23 -0.99 -23.43
CA LYS A 369 3.25 -0.53 -22.48
C LYS A 369 4.30 0.38 -23.12
N LYS A 370 3.87 1.59 -23.49
CA LYS A 370 4.67 2.55 -24.23
C LYS A 370 5.46 3.49 -23.33
N GLY A 371 4.97 3.68 -22.09
CA GLY A 371 5.69 4.50 -21.09
C GLY A 371 4.95 5.77 -20.72
N ILE A 372 4.98 6.11 -19.43
CA ILE A 372 4.32 7.31 -18.92
C ILE A 372 5.28 8.13 -18.08
N VAL A 373 5.11 9.45 -18.11
CA VAL A 373 5.83 10.32 -17.20
C VAL A 373 4.83 11.12 -16.38
N TYR A 374 4.90 10.96 -15.06
CA TYR A 374 4.05 11.71 -14.15
C TYR A 374 4.81 12.94 -13.70
N ILE A 375 4.10 14.06 -13.63
CA ILE A 375 4.70 15.34 -13.23
C ILE A 375 3.99 15.85 -11.98
N PHE A 376 4.77 16.13 -10.93
CA PHE A 376 4.24 16.52 -9.62
C PHE A 376 4.72 17.89 -9.20
N ASN A 377 3.79 18.73 -8.76
CA ASN A 377 4.11 20.10 -8.35
C ASN A 377 4.48 20.20 -6.88
N GLY A 378 5.51 20.99 -6.59
CA GLY A 378 5.90 21.25 -5.22
C GLY A 378 5.04 22.31 -4.56
N ARG A 379 5.05 22.30 -3.23
CA ARG A 379 4.32 23.29 -2.44
C ARG A 379 5.04 23.47 -1.11
N SER A 380 4.73 24.55 -0.39
CA SER A 380 5.33 24.82 0.93
C SER A 380 5.30 23.61 1.86
N THR A 381 4.19 22.88 1.82
CA THR A 381 4.03 21.65 2.61
C THR A 381 5.03 20.57 2.24
N GLY A 382 5.34 20.48 0.94
CA GLY A 382 6.08 19.35 0.37
C GLY A 382 5.60 19.12 -1.05
N LEU A 383 5.83 17.93 -1.59
CA LEU A 383 5.37 17.64 -2.94
C LEU A 383 3.89 17.32 -2.91
N ASN A 384 3.16 17.84 -3.90
CA ASN A 384 1.76 17.45 -4.09
C ASN A 384 1.75 16.06 -4.67
N ALA A 385 1.27 15.09 -3.89
CA ALA A 385 1.34 13.68 -4.27
C ALA A 385 0.39 13.33 -5.41
N VAL A 386 -0.65 14.13 -5.64
CA VAL A 386 -1.54 13.94 -6.79
C VAL A 386 -0.90 14.60 -8.02
N PRO A 387 -0.48 13.78 -9.00
CA PRO A 387 0.23 14.33 -10.17
C PRO A 387 -0.66 15.23 -11.00
N SER A 388 -0.13 16.38 -11.43
CA SER A 388 -0.94 17.39 -12.12
C SER A 388 -1.00 17.15 -13.62
N GLN A 389 -0.17 16.24 -14.13
CA GLN A 389 -0.15 15.96 -15.56
C GLN A 389 0.52 14.60 -15.83
N ILE A 390 0.06 13.93 -16.88
CA ILE A 390 0.57 12.64 -17.27
C ILE A 390 0.98 12.70 -18.73
N LEU A 391 2.30 12.70 -18.97
CA LEU A 391 2.81 12.65 -20.34
C LEU A 391 2.79 11.20 -20.82
N GLU A 392 2.11 10.96 -21.94
CA GLU A 392 1.91 9.63 -22.47
C GLU A 392 2.95 9.33 -23.54
N GLY A 393 3.51 8.12 -23.52
CA GLY A 393 4.38 7.67 -24.59
C GLY A 393 3.61 7.57 -25.89
N GLN A 394 4.27 7.86 -27.01
CA GLN A 394 3.61 7.96 -28.30
C GLN A 394 3.97 6.84 -29.28
N TRP A 395 5.17 6.26 -29.15
CA TRP A 395 5.68 5.29 -30.12
C TRP A 395 5.63 3.85 -29.61
N ALA A 396 5.05 2.96 -30.40
CA ALA A 396 4.94 1.53 -30.05
C ALA A 396 6.26 0.83 -30.29
N ALA A 397 6.43 -0.31 -29.63
CA ALA A 397 7.68 -1.08 -29.68
C ALA A 397 7.91 -1.68 -31.07
N ARG A 398 9.17 -1.70 -31.48
CA ARG A 398 9.60 -2.49 -32.64
C ARG A 398 9.78 -3.94 -32.20
N SER A 399 10.23 -4.10 -30.96
CA SER A 399 10.56 -5.40 -30.38
C SER A 399 10.72 -5.21 -28.87
N MET A 400 11.82 -4.57 -28.49
CA MET A 400 12.08 -4.17 -27.12
C MET A 400 11.10 -3.05 -26.72
N PRO A 401 10.70 -2.98 -25.44
CA PRO A 401 9.86 -1.87 -25.02
C PRO A 401 10.49 -0.50 -25.33
N PRO A 402 9.68 0.47 -25.80
CA PRO A 402 10.19 1.80 -26.13
C PRO A 402 10.84 2.52 -24.97
N SER A 403 10.42 2.19 -23.75
CA SER A 403 11.05 2.70 -22.54
C SER A 403 11.05 4.23 -22.48
N PHE A 404 9.94 4.82 -22.87
CA PHE A 404 9.72 6.27 -22.77
C PHE A 404 9.74 6.68 -21.31
N GLY A 405 10.60 7.62 -20.95
CA GLY A 405 10.75 8.05 -19.57
C GLY A 405 11.90 7.38 -18.84
N TYR A 406 12.56 6.42 -19.47
CA TYR A 406 13.71 5.77 -18.86
C TYR A 406 14.82 6.78 -18.57
N SER A 407 14.87 7.86 -19.34
CA SER A 407 15.74 9.00 -19.01
C SER A 407 15.03 10.32 -19.27
N MET A 408 15.38 11.34 -18.49
CA MET A 408 14.73 12.65 -18.55
C MET A 408 15.69 13.73 -18.11
N LYS A 409 15.45 14.96 -18.58
CA LYS A 409 16.15 16.13 -18.07
C LYS A 409 15.26 17.36 -18.21
N GLY A 410 15.27 18.21 -17.18
CA GLY A 410 14.48 19.43 -17.17
C GLY A 410 15.29 20.62 -16.71
N ALA A 411 14.63 21.54 -16.03
CA ALA A 411 15.29 22.69 -15.39
C ALA A 411 15.94 23.70 -16.36
N THR A 412 15.62 23.62 -17.65
CA THR A 412 16.25 24.52 -18.64
C THR A 412 15.24 25.06 -19.66
N ASP A 413 14.96 26.36 -19.54
CA ASP A 413 14.08 27.06 -20.47
C ASP A 413 14.77 27.20 -21.82
N ILE A 414 14.60 26.20 -22.68
CA ILE A 414 15.33 26.14 -23.95
C ILE A 414 14.86 27.18 -24.96
N ASP A 415 13.65 27.70 -24.80
CA ASP A 415 13.15 28.79 -25.66
C ASP A 415 13.11 30.09 -24.86
N LYS A 416 12.34 31.07 -25.31
CA LYS A 416 12.35 32.38 -24.65
C LYS A 416 11.53 32.38 -23.36
N ASN A 417 10.27 31.93 -23.45
CA ASN A 417 9.31 32.03 -22.35
C ASN A 417 9.89 31.55 -21.02
N GLY A 418 9.58 32.25 -19.93
CA GLY A 418 10.24 32.02 -18.65
C GLY A 418 9.85 30.74 -17.91
N TYR A 419 9.71 29.64 -18.65
CA TYR A 419 9.28 28.38 -18.07
C TYR A 419 10.22 27.28 -18.49
N PRO A 420 10.68 26.46 -17.52
CA PRO A 420 11.60 25.39 -17.87
C PRO A 420 10.90 24.33 -18.72
N ASP A 421 11.68 23.62 -19.53
CA ASP A 421 11.14 22.62 -20.43
C ASP A 421 11.66 21.25 -20.02
N LEU A 422 11.30 20.21 -20.78
CA LEU A 422 11.59 18.83 -20.40
C LEU A 422 11.96 17.96 -21.59
N ILE A 423 13.06 17.22 -21.44
CA ILE A 423 13.45 16.21 -22.41
C ILE A 423 13.05 14.86 -21.83
N VAL A 424 12.33 14.06 -22.60
CA VAL A 424 12.09 12.67 -22.25
C VAL A 424 12.77 11.79 -23.29
N GLY A 425 13.49 10.76 -22.85
CA GLY A 425 14.17 9.84 -23.76
C GLY A 425 13.41 8.53 -23.89
N ALA A 426 13.30 8.02 -25.11
CA ALA A 426 12.67 6.71 -25.39
C ALA A 426 13.63 5.83 -26.19
N PHE A 427 14.58 5.20 -25.49
CA PHE A 427 15.71 4.54 -26.16
C PHE A 427 15.35 3.27 -26.92
N GLY A 428 14.28 2.61 -26.48
CA GLY A 428 13.80 1.41 -27.16
C GLY A 428 13.28 1.67 -28.56
N VAL A 429 13.00 2.93 -28.87
CA VAL A 429 12.59 3.33 -30.22
C VAL A 429 13.51 4.43 -30.77
N ASP A 430 14.71 4.53 -30.20
CA ASP A 430 15.72 5.49 -30.64
C ASP A 430 15.17 6.88 -30.86
N ARG A 431 14.42 7.36 -29.88
CA ARG A 431 13.84 8.69 -29.93
C ARG A 431 14.06 9.45 -28.62
N ALA A 432 14.01 10.76 -28.74
CA ALA A 432 14.01 11.66 -27.60
C ALA A 432 13.04 12.79 -27.91
N ILE A 433 12.27 13.21 -26.92
CA ILE A 433 11.19 14.16 -27.14
C ILE A 433 11.33 15.33 -26.19
N LEU A 434 11.33 16.55 -26.74
CA LEU A 434 11.36 17.76 -25.94
C LEU A 434 9.94 18.27 -25.75
N TYR A 435 9.49 18.34 -24.50
CA TYR A 435 8.23 18.98 -24.16
C TYR A 435 8.54 20.36 -23.61
N ARG A 436 7.87 21.38 -24.14
CA ARG A 436 8.10 22.76 -23.69
C ARG A 436 6.89 23.34 -22.95
N ALA A 437 7.18 23.97 -21.81
CA ALA A 437 6.17 24.45 -20.89
C ALA A 437 5.40 25.63 -21.47
N ARG A 438 4.09 25.64 -21.24
CA ARG A 438 3.25 26.72 -21.70
C ARG A 438 3.16 27.80 -20.63
N PRO A 439 2.91 29.06 -21.04
CA PRO A 439 2.67 30.13 -20.08
C PRO A 439 1.38 29.95 -19.28
N VAL A 440 1.44 30.28 -17.99
CA VAL A 440 0.30 30.18 -17.08
C VAL A 440 -0.21 31.58 -16.76
N ILE A 441 -1.53 31.74 -16.73
CA ILE A 441 -2.16 33.03 -16.41
C ILE A 441 -3.22 32.88 -15.33
N THR A 442 -3.27 33.86 -14.44
CA THR A 442 -4.23 33.92 -13.34
C THR A 442 -5.27 34.98 -13.65
N VAL A 443 -6.54 34.57 -13.76
CA VAL A 443 -7.64 35.51 -13.97
C VAL A 443 -8.44 35.72 -12.69
N ASN A 444 -8.91 36.95 -12.50
CA ASN A 444 -9.75 37.31 -11.37
C ASN A 444 -11.07 37.83 -11.92
N ALA A 445 -12.09 36.98 -11.88
CA ALA A 445 -13.41 37.35 -12.42
C ALA A 445 -14.26 38.03 -11.35
N GLY A 446 -14.92 39.11 -11.76
CA GLY A 446 -15.87 39.82 -10.91
C GLY A 446 -17.28 39.71 -11.44
N LEU A 447 -18.25 39.73 -10.53
CA LEU A 447 -19.67 39.74 -10.90
C LEU A 447 -20.47 40.44 -9.80
N GLU A 448 -21.45 41.25 -10.20
CA GLU A 448 -22.31 41.96 -9.25
C GLU A 448 -23.61 42.41 -9.92
N VAL A 449 -24.70 42.33 -9.16
CA VAL A 449 -26.00 42.84 -9.60
C VAL A 449 -26.41 43.99 -8.68
N TYR A 450 -26.20 45.22 -9.16
CA TYR A 450 -26.28 46.42 -8.31
C TYR A 450 -27.59 46.52 -7.51
N PRO A 451 -28.75 46.36 -8.17
CA PRO A 451 -29.99 46.09 -7.44
C PRO A 451 -30.06 44.59 -7.11
N SER A 452 -29.76 44.26 -5.86
CA SER A 452 -29.69 42.87 -5.41
C SER A 452 -31.07 42.24 -5.23
N ILE A 453 -31.91 42.92 -4.44
CA ILE A 453 -33.29 42.54 -4.23
C ILE A 453 -34.17 43.21 -5.28
N LEU A 454 -34.95 42.42 -6.01
CA LEU A 454 -35.77 42.96 -7.11
C LEU A 454 -37.23 43.17 -6.72
N ASN A 455 -37.68 44.42 -6.81
CA ASN A 455 -39.06 44.80 -6.55
C ASN A 455 -39.83 44.78 -7.86
N GLN A 456 -40.82 43.88 -7.97
CA GLN A 456 -41.61 43.73 -9.20
C GLN A 456 -42.48 44.95 -9.51
N ASP A 457 -42.77 45.74 -8.49
CA ASP A 457 -43.55 46.96 -8.64
C ASP A 457 -42.69 48.11 -9.18
N ASN A 458 -41.42 48.16 -8.76
CA ASN A 458 -40.49 49.17 -9.27
C ASN A 458 -40.17 48.85 -10.74
N LYS A 459 -40.93 49.45 -11.65
CA LYS A 459 -40.71 49.28 -13.09
C LYS A 459 -40.17 50.57 -13.70
N THR A 460 -38.85 50.76 -13.62
CA THR A 460 -38.22 52.00 -14.01
C THR A 460 -37.92 52.07 -15.51
N CYS A 461 -37.04 51.20 -15.98
CA CYS A 461 -36.61 51.24 -17.39
C CYS A 461 -37.64 50.58 -18.29
N SER A 462 -37.70 51.04 -19.54
CA SER A 462 -38.68 50.57 -20.51
C SER A 462 -38.13 49.48 -21.43
N LEU A 463 -39.00 48.56 -21.83
CA LEU A 463 -38.64 47.47 -22.73
C LEU A 463 -38.54 48.02 -24.16
N PRO A 464 -37.43 47.71 -24.87
CA PRO A 464 -37.10 48.36 -26.14
C PRO A 464 -38.17 48.26 -27.22
N GLY A 465 -38.59 47.04 -27.54
CA GLY A 465 -39.55 46.83 -28.62
C GLY A 465 -40.93 47.39 -28.31
N THR A 466 -41.44 47.02 -27.14
CA THR A 466 -42.80 47.39 -26.73
C THR A 466 -42.85 48.82 -26.18
N ALA A 467 -44.05 49.25 -25.81
CA ALA A 467 -44.27 50.59 -25.24
C ALA A 467 -44.65 50.52 -23.76
N LEU A 468 -44.10 49.54 -23.05
CA LEU A 468 -44.37 49.38 -21.62
C LEU A 468 -43.06 49.30 -20.83
N LYS A 469 -43.16 49.33 -19.50
CA LYS A 469 -42.00 49.34 -18.62
C LYS A 469 -41.90 48.07 -17.77
N VAL A 470 -40.68 47.79 -17.30
CA VAL A 470 -40.37 46.54 -16.62
C VAL A 470 -39.46 46.77 -15.41
N SER A 471 -39.52 45.86 -14.46
CA SER A 471 -38.67 45.90 -13.27
C SER A 471 -37.31 45.30 -13.59
N CYS A 472 -36.39 46.16 -14.01
CA CYS A 472 -35.08 45.72 -14.46
C CYS A 472 -33.99 46.00 -13.43
N PHE A 473 -32.85 45.36 -13.65
CA PHE A 473 -31.68 45.52 -12.79
C PHE A 473 -30.42 45.45 -13.63
N ASN A 474 -29.31 45.87 -13.03
CA ASN A 474 -28.05 45.94 -13.74
C ASN A 474 -27.13 44.76 -13.37
N VAL A 475 -26.52 44.18 -14.40
CA VAL A 475 -25.58 43.07 -14.26
C VAL A 475 -24.23 43.50 -14.82
N ARG A 476 -23.16 43.32 -14.04
CA ARG A 476 -21.84 43.75 -14.47
C ARG A 476 -20.76 42.73 -14.19
N PHE A 477 -20.15 42.21 -15.25
CA PHE A 477 -19.03 41.30 -15.12
C PHE A 477 -17.72 42.06 -15.36
N CYS A 478 -16.61 41.44 -14.99
CA CYS A 478 -15.32 42.09 -15.10
C CYS A 478 -14.20 41.06 -15.03
N LEU A 479 -13.12 41.30 -15.80
CA LEU A 479 -11.98 40.36 -15.84
C LEU A 479 -10.64 41.08 -15.67
N LYS A 480 -9.86 40.61 -14.68
CA LYS A 480 -8.46 41.01 -14.53
C LYS A 480 -7.58 39.78 -14.68
N ALA A 481 -6.69 39.79 -15.68
CA ALA A 481 -5.84 38.64 -15.97
C ALA A 481 -4.36 39.03 -16.01
N ASP A 482 -3.50 38.14 -15.52
CA ASP A 482 -2.06 38.37 -15.53
C ASP A 482 -1.28 37.05 -15.35
N GLY A 483 -0.03 37.04 -15.80
CA GLY A 483 0.82 35.86 -15.68
C GLY A 483 2.29 36.13 -15.97
N LYS A 484 3.17 35.40 -15.28
CA LYS A 484 4.61 35.56 -15.43
C LYS A 484 5.13 34.99 -16.76
N GLY A 485 6.33 35.41 -17.15
CA GLY A 485 7.00 34.90 -18.35
C GLY A 485 6.63 35.64 -19.62
N VAL A 486 7.11 35.13 -20.76
CA VAL A 486 6.82 35.71 -22.06
C VAL A 486 5.44 35.26 -22.54
N LEU A 487 4.52 36.22 -22.63
CA LEU A 487 3.16 35.95 -23.10
C LEU A 487 2.55 37.27 -23.58
N PRO A 488 1.52 37.20 -24.45
CA PRO A 488 1.07 38.42 -25.08
C PRO A 488 0.34 39.34 -24.11
N ARG A 489 0.09 40.55 -24.55
CA ARG A 489 -0.60 41.54 -23.73
C ARG A 489 -2.08 41.50 -24.02
N LYS A 490 -2.45 41.38 -25.29
CA LYS A 490 -3.85 41.25 -25.69
C LYS A 490 -4.33 39.81 -25.47
N LEU A 491 -5.20 39.63 -24.47
CA LEU A 491 -5.79 38.32 -24.18
C LEU A 491 -7.27 38.34 -24.52
N ASN A 492 -7.68 37.40 -25.37
CA ASN A 492 -9.09 37.29 -25.78
C ASN A 492 -9.84 36.28 -24.93
N PHE A 493 -11.00 36.70 -24.42
CA PHE A 493 -11.85 35.85 -23.59
C PHE A 493 -13.28 35.79 -24.14
N GLN A 494 -13.82 34.58 -24.18
CA GLN A 494 -15.22 34.36 -24.54
C GLN A 494 -16.04 34.24 -23.25
N VAL A 495 -16.69 35.32 -22.86
CA VAL A 495 -17.51 35.34 -21.65
C VAL A 495 -18.96 35.00 -21.98
N GLU A 496 -19.62 34.31 -21.05
CA GLU A 496 -21.01 33.91 -21.21
C GLU A 496 -21.77 34.11 -19.90
N LEU A 497 -22.95 34.73 -20.00
CA LEU A 497 -23.80 35.01 -18.85
C LEU A 497 -25.11 34.24 -18.95
N LEU A 498 -25.65 33.83 -17.81
CA LEU A 498 -26.90 33.09 -17.76
C LEU A 498 -27.76 33.54 -16.57
N LEU A 499 -28.98 33.98 -16.86
CA LEU A 499 -29.93 34.40 -15.84
C LEU A 499 -30.74 33.21 -15.32
N ASP A 500 -30.74 33.04 -14.00
CA ASP A 500 -31.59 32.06 -13.33
C ASP A 500 -31.14 30.63 -13.63
N LYS A 501 -29.87 30.37 -13.34
CA LYS A 501 -29.21 29.11 -13.71
C LYS A 501 -29.96 27.87 -13.21
N LEU A 502 -30.37 27.88 -11.94
CA LEU A 502 -31.07 26.75 -11.33
C LEU A 502 -32.59 26.81 -11.58
N LYS A 503 -32.97 26.83 -12.85
CA LYS A 503 -34.37 27.03 -13.25
C LYS A 503 -34.56 26.74 -14.75
N GLN A 504 -33.63 27.20 -15.57
CA GLN A 504 -33.62 26.92 -17.01
C GLN A 504 -33.80 25.43 -17.29
N LYS A 505 -33.23 24.59 -16.43
CA LYS A 505 -33.45 23.14 -16.45
C LYS A 505 -34.95 22.86 -16.39
N GLY A 506 -35.59 22.86 -17.56
CA GLY A 506 -37.02 22.54 -17.69
C GLY A 506 -38.01 23.67 -17.39
N ALA A 507 -37.72 24.47 -16.36
CA ALA A 507 -38.70 25.42 -15.81
C ALA A 507 -38.64 26.81 -16.47
N ILE A 508 -39.43 27.74 -15.92
CA ILE A 508 -39.63 29.07 -16.51
C ILE A 508 -38.42 29.98 -16.32
N ARG A 509 -38.22 30.89 -17.28
CA ARG A 509 -37.08 31.80 -17.31
C ARG A 509 -37.48 33.15 -16.69
N ARG A 510 -37.27 33.31 -15.39
CA ARG A 510 -37.84 34.46 -14.67
C ARG A 510 -37.16 35.81 -14.95
N ALA A 511 -35.96 35.79 -15.53
CA ALA A 511 -35.25 37.04 -15.85
C ALA A 511 -34.58 36.97 -17.22
N LEU A 512 -34.60 38.09 -17.94
CA LEU A 512 -34.07 38.15 -19.29
C LEU A 512 -33.26 39.43 -19.48
N PHE A 513 -32.41 39.47 -20.50
CA PHE A 513 -31.67 40.69 -20.84
C PHE A 513 -32.57 41.63 -21.65
N LEU A 514 -32.37 42.93 -21.49
CA LEU A 514 -33.30 43.93 -22.02
C LEU A 514 -33.42 43.93 -23.55
N TYR A 515 -32.28 43.92 -24.24
CA TYR A 515 -32.25 44.09 -25.69
C TYR A 515 -32.46 42.79 -26.48
N SER A 516 -31.99 41.67 -25.92
CA SER A 516 -32.16 40.38 -26.56
C SER A 516 -33.43 39.67 -26.08
N ARG A 517 -33.84 39.96 -24.84
CA ARG A 517 -34.98 39.28 -24.19
C ARG A 517 -34.74 37.78 -24.13
N SER A 518 -33.53 37.41 -23.72
CA SER A 518 -33.10 36.02 -23.58
C SER A 518 -32.35 35.90 -22.26
N PRO A 519 -32.40 34.71 -21.62
CA PRO A 519 -31.62 34.50 -20.41
C PRO A 519 -30.13 34.27 -20.66
N SER A 520 -29.75 33.95 -21.90
CA SER A 520 -28.36 33.71 -22.27
C SER A 520 -27.81 34.86 -23.10
N HIS A 521 -26.54 35.20 -22.88
CA HIS A 521 -25.87 36.26 -23.63
C HIS A 521 -24.36 36.08 -23.63
N SER A 522 -23.74 36.30 -24.80
CA SER A 522 -22.29 36.15 -24.99
C SER A 522 -21.62 37.50 -25.14
N LYS A 523 -20.28 37.50 -25.05
CA LYS A 523 -19.50 38.72 -25.22
C LYS A 523 -18.02 38.39 -25.45
N ASN A 524 -17.57 38.60 -26.69
CA ASN A 524 -16.14 38.52 -27.01
C ASN A 524 -15.40 39.64 -26.31
N MET A 525 -14.72 39.31 -25.22
CA MET A 525 -13.99 40.29 -24.43
C MET A 525 -12.49 40.19 -24.71
N THR A 526 -11.79 41.32 -24.56
CA THR A 526 -10.36 41.39 -24.87
C THR A 526 -9.59 42.24 -23.84
N ILE A 527 -9.32 41.66 -22.67
CA ILE A 527 -8.53 42.31 -21.62
C ILE A 527 -7.04 42.23 -21.93
N SER A 528 -6.22 42.82 -21.06
CA SER A 528 -4.78 42.85 -21.31
C SER A 528 -3.89 43.02 -20.07
N ARG A 529 -2.66 42.56 -20.20
CA ARG A 529 -1.55 42.92 -19.31
C ARG A 529 -1.70 42.34 -17.90
N GLY A 530 -2.39 43.08 -17.02
CA GLY A 530 -2.42 42.76 -15.60
C GLY A 530 -2.79 43.98 -14.78
N GLY A 531 -3.92 43.90 -14.09
CA GLY A 531 -4.41 45.01 -13.27
C GLY A 531 -5.64 45.68 -13.88
N LEU A 532 -5.58 45.97 -15.17
CA LEU A 532 -6.68 46.68 -15.85
C LEU A 532 -7.95 45.83 -15.89
N MET A 533 -8.70 45.85 -14.79
CA MET A 533 -9.91 45.05 -14.66
C MET A 533 -10.97 45.59 -15.62
N GLN A 534 -10.94 45.10 -16.86
CA GLN A 534 -11.83 45.57 -17.92
C GLN A 534 -13.27 45.07 -17.71
N CYS A 535 -14.22 46.00 -17.78
CA CYS A 535 -15.62 45.74 -17.46
C CYS A 535 -16.56 45.89 -18.64
N GLU A 536 -17.77 45.37 -18.47
CA GLU A 536 -18.83 45.49 -19.46
C GLU A 536 -20.17 45.28 -18.75
N GLU A 537 -21.13 46.18 -18.98
CA GLU A 537 -22.41 46.15 -18.28
C GLU A 537 -23.57 45.71 -19.17
N LEU A 538 -24.60 45.17 -18.53
CA LEU A 538 -25.84 44.78 -19.20
C LEU A 538 -27.01 44.96 -18.24
N ILE A 539 -28.11 45.51 -18.74
CA ILE A 539 -29.33 45.66 -17.94
C ILE A 539 -30.33 44.56 -18.29
N ALA A 540 -30.69 43.76 -17.29
CA ALA A 540 -31.61 42.64 -17.47
C ALA A 540 -32.91 42.92 -16.72
N TYR A 541 -34.03 42.57 -17.34
CA TYR A 541 -35.34 42.85 -16.75
C TYR A 541 -35.99 41.60 -16.20
N LEU A 542 -37.10 41.80 -15.48
CA LEU A 542 -37.82 40.74 -14.81
C LEU A 542 -39.20 40.62 -15.45
N ARG A 543 -39.66 39.38 -15.64
CA ARG A 543 -40.95 39.13 -16.28
C ARG A 543 -42.13 39.69 -15.49
N ASP A 544 -43.28 39.81 -16.17
CA ASP A 544 -44.49 40.31 -15.55
C ASP A 544 -45.00 39.33 -14.50
N GLU A 545 -45.52 39.87 -13.39
CA GLU A 545 -46.06 39.07 -12.28
C GLU A 545 -47.03 37.99 -12.76
N SER A 546 -47.75 38.32 -13.83
CA SER A 546 -48.84 37.52 -14.36
C SER A 546 -48.50 36.11 -14.82
N GLU A 547 -47.46 35.49 -14.29
CA GLU A 547 -47.49 34.03 -14.18
C GLU A 547 -46.23 33.28 -13.87
N PHE A 548 -45.03 33.77 -14.11
CA PHE A 548 -44.00 32.98 -13.45
C PHE A 548 -44.54 33.00 -12.00
N ARG A 549 -44.69 31.81 -11.44
CA ARG A 549 -45.42 31.63 -10.19
C ARG A 549 -44.46 31.61 -9.01
N ASP A 550 -43.27 31.08 -9.24
CA ASP A 550 -42.25 31.01 -8.22
C ASP A 550 -41.71 32.40 -7.87
N LYS A 551 -41.83 32.79 -6.61
CA LYS A 551 -41.30 34.08 -6.13
C LYS A 551 -40.37 33.93 -4.92
N LEU A 552 -40.06 32.69 -4.55
CA LEU A 552 -39.26 32.43 -3.36
C LEU A 552 -37.85 31.97 -3.71
N THR A 553 -37.71 31.28 -4.84
CA THR A 553 -36.41 30.80 -5.29
C THR A 553 -35.54 31.98 -5.69
N PRO A 554 -34.23 31.91 -5.41
CA PRO A 554 -33.35 32.99 -5.87
C PRO A 554 -33.10 32.94 -7.36
N ILE A 555 -32.82 34.10 -7.95
CA ILE A 555 -32.47 34.19 -9.37
C ILE A 555 -30.95 34.27 -9.49
N THR A 556 -30.32 33.12 -9.67
CA THR A 556 -28.86 33.04 -9.73
C THR A 556 -28.30 33.49 -11.08
N ILE A 557 -27.51 34.55 -11.04
CA ILE A 557 -26.81 35.05 -12.21
C ILE A 557 -25.51 34.28 -12.33
N PHE A 558 -25.30 33.62 -13.47
CA PHE A 558 -24.13 32.78 -13.69
C PHE A 558 -23.24 33.36 -14.77
N MET A 559 -21.95 33.45 -14.48
CA MET A 559 -20.96 33.94 -15.44
C MET A 559 -19.87 32.91 -15.61
N GLU A 560 -19.56 32.56 -16.86
CA GLU A 560 -18.42 31.71 -17.16
C GLU A 560 -17.53 32.37 -18.23
N TYR A 561 -16.30 31.89 -18.34
CA TYR A 561 -15.35 32.48 -19.28
C TYR A 561 -14.31 31.47 -19.77
N ARG A 562 -13.93 31.60 -21.04
CA ARG A 562 -12.92 30.76 -21.66
C ARG A 562 -11.92 31.60 -22.44
N LEU A 563 -10.66 31.18 -22.43
CA LEU A 563 -9.62 31.81 -23.25
C LEU A 563 -9.78 31.38 -24.71
N ASP A 564 -9.29 32.21 -25.63
CA ASP A 564 -9.15 31.80 -27.03
C ASP A 564 -7.72 31.32 -27.28
N TYR A 565 -7.61 30.16 -27.93
CA TYR A 565 -6.38 29.36 -27.89
C TYR A 565 -5.28 29.93 -28.78
N ARG A 566 -5.53 29.96 -30.09
CA ARG A 566 -4.51 30.36 -31.08
C ARG A 566 -4.29 31.87 -31.12
N THR A 567 -5.35 32.65 -30.89
CA THR A 567 -5.20 34.09 -30.68
C THR A 567 -4.73 34.33 -29.25
N ALA A 568 -3.42 34.20 -29.05
CA ALA A 568 -2.81 34.10 -27.72
C ALA A 568 -1.41 33.46 -27.79
N ALA A 569 -1.23 32.51 -28.72
CA ALA A 569 0.04 31.81 -28.89
C ALA A 569 1.14 32.71 -29.46
N ASP A 570 2.38 32.21 -29.38
CA ASP A 570 3.55 32.90 -29.95
C ASP A 570 3.69 32.57 -31.44
N THR A 571 4.90 32.62 -31.99
CA THR A 571 5.12 32.33 -33.41
C THR A 571 5.01 30.84 -33.75
N THR A 572 5.61 29.97 -32.93
CA THR A 572 5.59 28.51 -33.19
C THR A 572 4.47 27.80 -32.41
N GLY A 573 3.33 28.48 -32.24
CA GLY A 573 2.12 27.88 -31.70
C GLY A 573 2.23 27.35 -30.27
N LEU A 574 2.74 28.17 -29.37
CA LEU A 574 2.79 27.82 -27.94
C LEU A 574 1.67 28.54 -27.21
N GLN A 575 0.51 27.91 -27.16
CA GLN A 575 -0.69 28.50 -26.58
C GLN A 575 -0.59 28.54 -25.05
N PRO A 576 -1.04 29.65 -24.43
CA PRO A 576 -0.98 29.77 -22.98
C PRO A 576 -2.07 28.97 -22.27
N ILE A 577 -1.85 28.70 -20.99
CA ILE A 577 -2.74 27.88 -20.17
C ILE A 577 -3.27 28.71 -19.00
N LEU A 578 -4.46 28.38 -18.51
CA LEU A 578 -4.99 28.99 -17.29
C LEU A 578 -4.48 28.24 -16.07
N ASN A 579 -4.50 28.90 -14.93
CA ASN A 579 -4.04 28.29 -13.69
C ASN A 579 -5.01 27.20 -13.25
N GLN A 580 -4.49 25.98 -13.08
CA GLN A 580 -5.35 24.82 -12.86
C GLN A 580 -6.29 24.93 -11.64
N PHE A 581 -5.87 25.66 -10.62
CA PHE A 581 -6.70 25.85 -9.42
C PHE A 581 -7.43 27.19 -9.47
N THR A 582 -8.06 27.48 -10.60
CA THR A 582 -8.85 28.69 -10.77
C THR A 582 -10.11 28.32 -11.54
N PRO A 583 -11.30 28.52 -10.93
CA PRO A 583 -12.54 28.13 -11.60
C PRO A 583 -12.91 29.10 -12.71
N ALA A 584 -13.42 28.57 -13.82
CA ALA A 584 -13.74 29.39 -15.00
C ALA A 584 -15.19 29.88 -14.98
N ASN A 585 -15.75 30.08 -13.80
CA ASN A 585 -17.07 30.72 -13.65
C ASN A 585 -17.35 31.18 -12.23
N ILE A 586 -18.33 32.08 -12.11
CA ILE A 586 -18.72 32.65 -10.82
C ILE A 586 -20.25 32.81 -10.75
N SER A 587 -20.79 32.72 -9.53
CA SER A 587 -22.22 32.84 -9.31
C SER A 587 -22.55 33.95 -8.32
N ARG A 588 -23.56 34.73 -8.67
CA ARG A 588 -24.19 35.68 -7.76
C ARG A 588 -25.67 35.44 -7.92
N GLN A 589 -26.50 36.05 -7.08
CA GLN A 589 -27.94 35.82 -7.17
C GLN A 589 -28.79 36.93 -6.60
N ALA A 590 -29.89 37.22 -7.29
CA ALA A 590 -30.88 38.20 -6.86
C ALA A 590 -32.08 37.45 -6.28
N HIS A 591 -32.78 38.12 -5.36
CA HIS A 591 -33.99 37.59 -4.75
C HIS A 591 -35.12 38.57 -4.98
N ILE A 592 -36.25 38.10 -5.46
CA ILE A 592 -37.43 38.94 -5.60
C ILE A 592 -37.85 39.45 -4.22
N LEU A 593 -38.21 40.73 -4.17
CA LEU A 593 -38.63 41.37 -2.93
C LEU A 593 -39.94 40.72 -2.48
N LEU A 594 -39.93 40.11 -1.29
CA LEU A 594 -41.12 39.41 -0.80
C LEU A 594 -41.20 39.47 0.73
N ASP A 595 -42.29 40.06 1.22
CA ASP A 595 -42.42 40.45 2.62
C ASP A 595 -41.42 41.57 2.92
N CYS A 596 -40.65 41.49 4.01
CA CYS A 596 -39.70 42.55 4.37
C CYS A 596 -40.36 43.80 5.00
N GLY A 597 -41.68 43.79 5.15
CA GLY A 597 -42.40 44.91 5.74
C GLY A 597 -42.57 46.08 4.79
N GLU A 598 -43.30 47.08 5.26
CA GLU A 598 -43.58 48.32 4.50
C GLU A 598 -42.33 49.05 4.00
N ASP A 599 -41.23 48.99 4.77
CA ASP A 599 -40.00 49.70 4.43
C ASP A 599 -39.22 49.04 3.29
N ASN A 600 -39.68 47.87 2.85
CA ASN A 600 -39.09 47.14 1.71
C ASN A 600 -37.69 46.60 1.95
N VAL A 601 -37.22 46.65 3.19
CA VAL A 601 -35.90 46.14 3.55
C VAL A 601 -36.09 45.01 4.55
N CYS A 602 -35.47 43.87 4.27
CA CYS A 602 -35.57 42.71 5.15
C CYS A 602 -34.51 42.74 6.26
N LYS A 603 -34.99 42.82 7.49
CA LYS A 603 -34.12 42.86 8.67
C LYS A 603 -34.36 41.59 9.52
N PRO A 604 -33.42 40.63 9.45
CA PRO A 604 -33.59 39.40 10.25
C PRO A 604 -33.14 39.56 11.70
N LYS A 605 -33.35 38.53 12.49
CA LYS A 605 -32.87 38.47 13.88
C LYS A 605 -32.38 37.05 14.13
N LEU A 606 -31.08 36.83 13.91
CA LEU A 606 -30.49 35.49 13.94
C LEU A 606 -29.94 35.17 15.33
N GLU A 607 -30.26 33.97 15.81
CA GLU A 607 -29.83 33.49 17.12
C GLU A 607 -29.30 32.07 17.01
N VAL A 608 -28.16 31.82 17.64
CA VAL A 608 -27.56 30.49 17.66
C VAL A 608 -27.25 30.11 19.10
N SER A 609 -27.43 28.84 19.43
CA SER A 609 -27.17 28.33 20.78
C SER A 609 -26.91 26.83 20.77
N VAL A 610 -26.11 26.36 21.72
CA VAL A 610 -25.69 24.96 21.80
C VAL A 610 -25.64 24.47 23.25
N ASP A 611 -25.49 23.16 23.44
CA ASP A 611 -25.38 22.58 24.79
C ASP A 611 -24.52 21.30 24.78
N SER A 612 -23.94 20.99 25.94
CA SER A 612 -23.00 19.86 26.08
C SER A 612 -23.69 18.52 26.22
N ASP A 613 -23.76 17.77 25.12
CA ASP A 613 -24.33 16.42 25.13
C ASP A 613 -23.45 15.52 26.00
N GLN A 614 -22.16 15.52 25.72
CA GLN A 614 -21.17 14.80 26.52
C GLN A 614 -20.17 15.80 27.07
N LYS A 615 -20.12 15.94 28.39
CA LYS A 615 -19.37 17.01 29.03
C LYS A 615 -17.86 16.79 29.02
N LYS A 616 -17.42 15.54 28.83
CA LYS A 616 -16.01 15.19 28.94
C LYS A 616 -15.39 14.82 27.59
N ILE A 617 -14.15 15.28 27.37
CA ILE A 617 -13.31 14.79 26.29
C ILE A 617 -11.99 14.29 26.89
N TYR A 618 -11.85 12.98 26.99
CA TYR A 618 -10.67 12.37 27.60
C TYR A 618 -9.45 12.45 26.69
N ILE A 619 -8.34 12.94 27.25
CA ILE A 619 -7.14 13.24 26.50
C ILE A 619 -6.39 11.98 26.10
N GLY A 620 -5.66 12.05 24.98
CA GLY A 620 -4.74 10.99 24.58
C GLY A 620 -5.15 10.16 23.38
N ASP A 621 -6.35 10.40 22.85
CA ASP A 621 -6.84 9.67 21.68
C ASP A 621 -7.99 10.40 21.00
N ASP A 622 -8.49 9.83 19.92
CA ASP A 622 -9.66 10.37 19.22
C ASP A 622 -10.90 10.18 20.08
N ASN A 623 -11.83 11.12 19.97
CA ASN A 623 -12.97 11.20 20.88
C ASN A 623 -14.22 11.69 20.16
N PRO A 624 -15.29 10.88 20.13
CA PRO A 624 -16.52 11.30 19.48
C PRO A 624 -17.27 12.36 20.28
N LEU A 625 -17.64 13.45 19.61
CA LEU A 625 -18.37 14.55 20.24
C LEU A 625 -19.36 15.18 19.27
N THR A 626 -20.64 15.14 19.65
CA THR A 626 -21.70 15.79 18.89
C THR A 626 -22.37 16.87 19.74
N LEU A 627 -22.58 18.03 19.13
CA LEU A 627 -23.23 19.15 19.82
C LEU A 627 -24.47 19.58 19.04
N ILE A 628 -25.55 19.84 19.77
CA ILE A 628 -26.82 20.21 19.17
C ILE A 628 -26.86 21.73 19.04
N VAL A 629 -27.32 22.20 17.89
CA VAL A 629 -27.35 23.63 17.59
C VAL A 629 -28.77 24.08 17.30
N LYS A 630 -29.18 25.20 17.87
CA LYS A 630 -30.48 25.76 17.61
C LYS A 630 -30.32 27.11 16.91
N ALA A 631 -30.56 27.12 15.60
CA ALA A 631 -30.51 28.34 14.79
C ALA A 631 -31.93 28.82 14.48
N GLN A 632 -32.25 30.04 14.91
CA GLN A 632 -33.59 30.60 14.68
C GLN A 632 -33.53 32.04 14.16
N ASN A 633 -34.49 32.36 13.30
CA ASN A 633 -34.68 33.69 12.74
C ASN A 633 -35.98 34.23 13.29
N GLN A 634 -35.89 35.25 14.15
CA GLN A 634 -37.07 35.88 14.74
C GLN A 634 -37.47 37.19 14.05
N GLY A 635 -36.57 37.71 13.23
CA GLY A 635 -36.87 38.88 12.40
C GLY A 635 -37.46 38.47 11.07
N GLU A 636 -37.19 39.27 10.03
CA GLU A 636 -37.70 39.02 8.69
C GLU A 636 -36.77 38.05 7.94
N GLY A 637 -37.17 37.65 6.73
CA GLY A 637 -36.46 36.64 5.96
C GLY A 637 -34.99 36.96 5.73
N ALA A 638 -34.12 36.02 6.10
CA ALA A 638 -32.67 36.18 5.92
C ALA A 638 -32.21 35.44 4.67
N TYR A 639 -31.67 36.18 3.70
CA TYR A 639 -31.21 35.62 2.44
C TYR A 639 -29.84 34.94 2.60
N GLU A 640 -29.69 33.78 1.96
CA GLU A 640 -28.45 33.01 1.98
C GLU A 640 -27.96 32.79 3.41
N ALA A 641 -28.91 32.45 4.27
CA ALA A 641 -28.63 32.23 5.68
C ALA A 641 -27.86 30.93 5.80
N GLU A 642 -26.75 30.96 6.54
CA GLU A 642 -26.00 29.75 6.80
C GLU A 642 -25.19 29.82 8.09
N LEU A 643 -25.15 28.71 8.81
CA LEU A 643 -24.45 28.60 10.09
C LEU A 643 -22.97 28.41 9.84
N ILE A 644 -22.15 29.18 10.56
CA ILE A 644 -20.70 29.10 10.42
C ILE A 644 -20.09 28.64 11.73
N VAL A 645 -20.08 27.33 11.94
CA VAL A 645 -19.45 26.76 13.13
C VAL A 645 -17.94 26.60 12.90
N SER A 646 -17.18 27.52 13.47
CA SER A 646 -15.72 27.50 13.36
C SER A 646 -15.13 26.55 14.40
N ILE A 647 -14.60 25.42 13.93
CA ILE A 647 -14.14 24.34 14.80
C ILE A 647 -12.62 24.37 15.03
N PRO A 648 -12.16 23.93 16.21
CA PRO A 648 -10.74 23.97 16.47
C PRO A 648 -10.09 22.83 15.71
N LEU A 649 -9.35 23.18 14.65
CA LEU A 649 -8.89 22.20 13.66
C LEU A 649 -7.81 21.24 14.24
N GLN A 650 -7.86 21.05 15.55
CA GLN A 650 -7.43 19.81 16.18
C GLN A 650 -8.62 18.83 16.21
N ALA A 651 -9.72 19.22 15.54
CA ALA A 651 -10.92 18.41 15.42
C ALA A 651 -11.37 18.32 13.96
N ASP A 652 -12.03 17.22 13.61
CA ASP A 652 -12.54 16.99 12.26
C ASP A 652 -14.06 16.83 12.28
N PHE A 653 -14.68 17.06 11.13
CA PHE A 653 -16.14 16.97 10.99
C PHE A 653 -16.53 15.68 10.31
N ILE A 654 -17.39 14.90 10.96
CA ILE A 654 -17.86 13.63 10.40
C ILE A 654 -19.04 13.89 9.49
N GLY A 655 -20.08 14.52 10.05
CA GLY A 655 -21.30 14.81 9.30
C GLY A 655 -22.42 15.26 10.20
N VAL A 656 -23.53 15.68 9.59
CA VAL A 656 -24.76 15.96 10.33
C VAL A 656 -25.38 14.63 10.71
N VAL A 657 -26.11 14.60 11.83
CA VAL A 657 -26.74 13.36 12.29
C VAL A 657 -28.04 13.10 11.53
N ARG A 658 -28.21 11.86 11.05
CA ARG A 658 -29.47 11.41 10.48
C ARG A 658 -29.89 10.13 11.21
N ASN A 659 -29.89 10.22 12.53
CA ASN A 659 -30.22 9.12 13.42
C ASN A 659 -31.35 9.55 14.37
N ASN A 660 -32.10 10.59 13.98
CA ASN A 660 -33.04 11.25 14.87
C ASN A 660 -33.92 12.24 14.11
N GLU A 661 -35.23 11.98 14.09
CA GLU A 661 -36.19 12.88 13.42
C GLU A 661 -36.46 14.17 14.21
N ALA A 662 -36.00 14.22 15.46
CA ALA A 662 -36.09 15.43 16.28
C ALA A 662 -35.13 16.53 15.80
N LEU A 663 -34.03 16.12 15.17
CA LEU A 663 -33.05 17.05 14.62
C LEU A 663 -33.25 17.19 13.11
N ALA A 664 -33.02 18.38 12.60
CA ALA A 664 -33.08 18.65 11.17
C ALA A 664 -31.75 18.24 10.51
N ARG A 665 -31.85 17.73 9.29
CA ARG A 665 -30.69 17.22 8.56
C ARG A 665 -30.23 18.26 7.53
N LEU A 666 -29.34 19.14 7.97
CA LEU A 666 -28.92 20.28 7.16
C LEU A 666 -27.88 19.88 6.13
N SER A 667 -27.64 20.80 5.19
CA SER A 667 -26.66 20.60 4.13
C SER A 667 -25.38 21.32 4.53
N CYS A 668 -24.32 20.54 4.78
CA CYS A 668 -23.08 21.08 5.34
C CYS A 668 -21.84 20.70 4.57
N ALA A 669 -20.78 21.49 4.75
CA ALA A 669 -19.50 21.27 4.09
C ALA A 669 -18.40 21.94 4.90
N PHE A 670 -17.24 21.28 4.97
CA PHE A 670 -16.08 21.79 5.70
C PHE A 670 -15.19 22.60 4.78
N LYS A 671 -14.62 23.70 5.29
CA LYS A 671 -13.67 24.50 4.51
C LYS A 671 -12.69 25.29 5.38
N THR A 672 -11.62 25.75 4.73
CA THR A 672 -10.58 26.54 5.38
C THR A 672 -9.96 27.48 4.34
N GLU A 673 -10.49 28.70 4.25
CA GLU A 673 -10.05 29.69 3.28
C GLU A 673 -8.96 30.56 3.89
N ASN A 674 -7.81 29.95 4.16
CA ASN A 674 -6.70 30.56 4.90
C ASN A 674 -7.06 30.93 6.33
N GLN A 675 -6.41 30.27 7.29
CA GLN A 675 -6.54 30.56 8.72
C GLN A 675 -7.89 30.16 9.33
N THR A 676 -8.97 30.21 8.54
CA THR A 676 -10.29 29.79 9.01
C THR A 676 -10.33 28.27 9.19
N ARG A 677 -11.29 27.81 9.98
CA ARG A 677 -11.40 26.39 10.34
C ARG A 677 -12.86 26.07 10.68
N GLN A 678 -13.67 25.81 9.66
CA GLN A 678 -15.13 25.86 9.84
C GLN A 678 -15.91 24.84 9.02
N VAL A 679 -17.06 24.46 9.56
CA VAL A 679 -18.09 23.77 8.81
C VAL A 679 -19.18 24.81 8.53
N VAL A 680 -19.70 24.80 7.31
CA VAL A 680 -20.73 25.77 6.90
C VAL A 680 -22.00 25.02 6.53
N CYS A 681 -23.09 25.32 7.24
CA CYS A 681 -24.37 24.64 7.03
C CYS A 681 -25.44 25.58 6.54
N ASP A 682 -26.23 25.12 5.58
CA ASP A 682 -27.30 25.92 4.99
C ASP A 682 -28.56 25.88 5.84
N LEU A 683 -29.08 27.06 6.14
CA LEU A 683 -30.28 27.21 6.97
C LEU A 683 -31.48 27.66 6.12
N GLY A 684 -31.39 27.46 4.82
CA GLY A 684 -32.41 27.93 3.89
C GLY A 684 -31.98 29.24 3.26
N ASN A 685 -32.20 29.38 1.94
CA ASN A 685 -31.73 30.54 1.22
C ASN A 685 -32.48 31.77 1.71
N PRO A 686 -33.78 31.91 1.38
CA PRO A 686 -34.52 32.75 2.32
C PRO A 686 -34.93 31.91 3.53
N MET A 687 -34.16 32.02 4.62
CA MET A 687 -34.57 31.47 5.90
C MET A 687 -35.70 32.34 6.43
N LYS A 688 -36.94 31.88 6.23
CA LYS A 688 -38.12 32.69 6.54
C LYS A 688 -38.22 33.08 8.01
N ALA A 689 -39.11 34.03 8.31
CA ALA A 689 -39.31 34.53 9.65
C ALA A 689 -39.82 33.43 10.58
N GLY A 690 -39.35 33.44 11.82
CA GLY A 690 -39.80 32.48 12.84
C GLY A 690 -39.40 31.03 12.61
N THR A 691 -38.61 30.76 11.57
CA THR A 691 -38.23 29.39 11.25
C THR A 691 -37.10 28.97 12.17
N GLN A 692 -37.44 28.27 13.24
CA GLN A 692 -36.45 27.75 14.18
C GLN A 692 -35.99 26.38 13.69
N LEU A 693 -34.68 26.16 13.72
CA LEU A 693 -34.11 24.88 13.30
C LEU A 693 -33.31 24.23 14.42
N LEU A 694 -33.34 22.90 14.45
CA LEU A 694 -32.57 22.12 15.41
C LEU A 694 -31.72 21.13 14.64
N ALA A 695 -30.42 21.12 14.91
CA ALA A 695 -29.48 20.29 14.15
C ALA A 695 -28.38 19.74 15.02
N GLY A 696 -27.91 18.54 14.68
CA GLY A 696 -26.80 17.90 15.38
C GLY A 696 -25.60 17.78 14.45
N LEU A 697 -24.44 18.25 14.92
CA LEU A 697 -23.22 18.18 14.15
C LEU A 697 -22.21 17.34 14.91
N ARG A 698 -21.87 16.16 14.38
CA ARG A 698 -20.95 15.26 15.06
C ARG A 698 -19.52 15.47 14.60
N PHE A 699 -18.59 15.38 15.54
CA PHE A 699 -17.17 15.59 15.28
C PHE A 699 -16.32 14.50 15.93
N SER A 700 -15.02 14.58 15.69
CA SER A 700 -14.04 13.81 16.43
C SER A 700 -12.81 14.69 16.68
N VAL A 701 -12.45 14.84 17.95
CA VAL A 701 -11.30 15.63 18.35
C VAL A 701 -10.15 14.72 18.78
N HIS A 702 -9.00 14.92 18.14
CA HIS A 702 -7.86 14.03 18.29
C HIS A 702 -6.99 14.43 19.48
N GLN A 703 -6.84 15.74 19.69
CA GLN A 703 -5.98 16.33 20.74
C GLN A 703 -5.32 15.32 21.69
N GLN A 704 -4.13 14.84 21.30
CA GLN A 704 -3.32 13.97 22.15
C GLN A 704 -2.44 14.77 23.11
N SER A 705 -2.13 16.03 22.75
CA SER A 705 -1.15 16.83 23.46
C SER A 705 -1.74 17.60 24.65
N GLU A 706 -0.86 18.16 25.48
CA GLU A 706 -1.23 18.84 26.72
C GLU A 706 -1.42 20.32 26.48
N MET A 707 -2.23 20.67 25.48
CA MET A 707 -2.49 22.06 25.13
C MET A 707 -3.43 22.71 26.17
N ASP A 708 -4.46 23.40 25.70
CA ASP A 708 -5.36 24.15 26.57
C ASP A 708 -6.19 23.23 27.49
N THR A 709 -6.67 23.79 28.59
CA THR A 709 -7.56 23.08 29.52
C THR A 709 -8.87 22.59 28.89
N SER A 710 -9.31 23.25 27.82
CA SER A 710 -10.54 22.87 27.12
C SER A 710 -10.34 22.99 25.61
N VAL A 711 -11.41 22.74 24.87
CA VAL A 711 -11.42 22.95 23.42
C VAL A 711 -12.66 23.77 23.04
N LYS A 712 -12.46 24.77 22.18
CA LYS A 712 -13.45 25.80 21.93
C LYS A 712 -14.03 25.73 20.51
N PHE A 713 -15.35 25.79 20.42
CA PHE A 713 -16.04 25.96 19.14
C PHE A 713 -16.74 27.31 19.14
N ASP A 714 -16.57 28.07 18.05
CA ASP A 714 -17.33 29.30 17.87
C ASP A 714 -18.29 29.12 16.71
N LEU A 715 -19.54 29.54 16.90
CA LEU A 715 -20.54 29.48 15.84
C LEU A 715 -21.42 30.73 15.80
N GLN A 716 -21.76 31.15 14.59
CA GLN A 716 -22.72 32.23 14.39
C GLN A 716 -23.38 32.08 13.02
N ILE A 717 -24.64 32.52 12.94
CA ILE A 717 -25.39 32.51 11.69
C ILE A 717 -25.04 33.79 10.94
N GLN A 718 -25.03 33.73 9.62
CA GLN A 718 -24.82 34.93 8.81
C GLN A 718 -25.53 34.87 7.46
N SER A 719 -25.87 36.06 6.96
CA SER A 719 -26.74 36.21 5.79
C SER A 719 -26.26 37.33 4.88
N SER A 720 -26.92 37.46 3.73
CA SER A 720 -26.56 38.44 2.71
C SER A 720 -27.45 39.70 2.77
N ASN A 721 -28.10 39.92 3.90
CA ASN A 721 -28.93 41.11 4.07
C ASN A 721 -28.07 42.33 4.33
N LEU A 722 -28.56 43.49 3.93
CA LEU A 722 -27.84 44.74 4.20
C LEU A 722 -27.83 45.08 5.69
N PHE A 723 -28.89 44.71 6.40
CA PHE A 723 -29.03 45.04 7.82
C PHE A 723 -29.26 43.79 8.68
N ASP A 724 -28.76 43.86 9.92
CA ASP A 724 -28.94 42.79 10.91
C ASP A 724 -28.63 41.41 10.34
N LYS A 725 -27.54 41.34 9.56
CA LYS A 725 -27.27 40.18 8.73
C LYS A 725 -26.59 39.00 9.44
N VAL A 726 -26.20 39.19 10.70
CA VAL A 726 -25.54 38.12 11.46
C VAL A 726 -26.13 37.97 12.86
N SER A 727 -25.94 36.78 13.43
CA SER A 727 -26.22 36.54 14.84
C SER A 727 -25.00 36.98 15.64
N PRO A 728 -25.14 37.07 16.97
CA PRO A 728 -23.95 37.22 17.78
C PRO A 728 -23.13 35.92 17.72
N VAL A 729 -21.82 36.02 17.91
CA VAL A 729 -20.97 34.84 17.99
C VAL A 729 -21.20 34.18 19.35
N VAL A 730 -21.22 32.84 19.35
CA VAL A 730 -21.45 32.09 20.56
C VAL A 730 -20.36 31.02 20.71
N SER A 731 -19.61 31.12 21.81
CA SER A 731 -18.58 30.13 22.13
C SER A 731 -19.21 28.89 22.78
N HIS A 732 -18.44 27.82 22.85
CA HIS A 732 -18.87 26.60 23.53
C HIS A 732 -17.68 25.77 23.99
N LYS A 733 -17.36 25.87 25.28
CA LYS A 733 -16.28 25.11 25.88
C LYS A 733 -16.60 23.62 25.87
N VAL A 734 -15.56 22.80 25.86
CA VAL A 734 -15.68 21.38 26.13
C VAL A 734 -14.48 20.96 26.99
N ASP A 735 -14.76 20.36 28.15
CA ASP A 735 -13.73 20.10 29.14
C ASP A 735 -12.90 18.87 28.78
N LEU A 736 -11.58 19.05 28.69
CA LEU A 736 -10.66 17.94 28.55
C LEU A 736 -10.49 17.24 29.89
N ALA A 737 -10.59 15.91 29.89
CA ALA A 737 -10.47 15.12 31.11
C ALA A 737 -9.29 14.14 31.02
N VAL A 738 -8.85 13.65 32.17
CA VAL A 738 -7.81 12.63 32.23
C VAL A 738 -8.44 11.29 32.57
N LEU A 739 -8.10 10.26 31.81
CA LEU A 739 -8.47 8.88 32.13
C LEU A 739 -7.37 7.91 31.70
N ALA A 740 -6.86 7.14 32.65
CA ALA A 740 -5.81 6.16 32.39
C ALA A 740 -6.12 4.85 33.11
N ALA A 741 -6.97 4.02 32.48
CA ALA A 741 -7.20 2.64 32.93
C ALA A 741 -5.90 1.86 33.04
N VAL A 742 -5.18 2.08 34.13
CA VAL A 742 -3.93 1.37 34.39
C VAL A 742 -4.24 0.09 35.15
N GLU A 743 -3.59 -1.01 34.75
CA GLU A 743 -3.77 -2.29 35.44
C GLU A 743 -2.44 -2.98 35.70
N ILE A 744 -2.40 -3.75 36.78
CA ILE A 744 -1.26 -4.59 37.09
C ILE A 744 -1.73 -6.05 37.01
N ARG A 745 -0.87 -6.92 36.50
CA ARG A 745 -1.18 -8.33 36.45
C ARG A 745 0.13 -9.12 36.48
N GLY A 746 0.06 -10.36 36.95
CA GLY A 746 1.26 -11.16 37.19
C GLY A 746 1.07 -12.64 36.93
N VAL A 747 2.15 -13.39 37.01
CA VAL A 747 2.10 -14.83 36.74
C VAL A 747 3.31 -15.54 37.35
N SER A 748 3.16 -16.84 37.61
CA SER A 748 4.28 -17.69 38.03
C SER A 748 4.41 -18.82 37.02
N SER A 749 5.48 -18.81 36.23
CA SER A 749 5.57 -19.70 35.07
C SER A 749 5.41 -21.18 35.44
N PRO A 750 6.13 -21.65 36.48
CA PRO A 750 5.65 -22.87 37.10
C PRO A 750 4.71 -22.44 38.22
N ASP A 751 3.40 -22.48 37.94
CA ASP A 751 2.38 -22.12 38.93
C ASP A 751 2.36 -23.10 40.09
N HIS A 752 2.95 -24.27 39.88
CA HIS A 752 3.05 -25.31 40.89
C HIS A 752 4.44 -25.96 40.88
N VAL A 753 4.76 -26.66 41.96
CA VAL A 753 5.94 -27.51 42.01
C VAL A 753 5.64 -28.75 42.85
N PHE A 754 5.65 -29.90 42.19
CA PHE A 754 5.42 -31.18 42.86
C PHE A 754 6.74 -31.66 43.47
N LEU A 755 6.70 -32.01 44.76
CA LEU A 755 7.93 -32.08 45.56
C LEU A 755 8.78 -33.34 45.50
N PRO A 756 8.26 -34.44 44.94
CA PRO A 756 9.25 -35.44 44.55
C PRO A 756 10.23 -34.80 43.55
N ILE A 757 11.21 -34.07 44.08
CA ILE A 757 12.08 -33.21 43.28
C ILE A 757 13.22 -34.05 42.70
N PRO A 758 13.21 -34.27 41.38
CA PRO A 758 14.11 -35.28 40.81
C PRO A 758 15.59 -34.93 40.93
N ASN A 759 16.42 -35.95 41.16
CA ASN A 759 17.88 -35.79 41.21
C ASN A 759 18.31 -34.67 42.13
N TRP A 760 17.77 -34.66 43.35
CA TRP A 760 18.12 -33.65 44.33
C TRP A 760 18.75 -34.27 45.56
N GLU A 761 19.75 -33.59 46.11
CA GLU A 761 20.33 -33.97 47.40
C GLU A 761 20.93 -32.76 48.10
N HIS A 762 21.06 -32.85 49.41
CA HIS A 762 21.51 -31.73 50.24
C HIS A 762 22.98 -31.39 50.00
N LYS A 763 23.27 -30.10 49.88
CA LYS A 763 24.63 -29.60 49.72
C LYS A 763 24.93 -28.61 50.85
N GLU A 764 26.02 -28.84 51.57
CA GLU A 764 26.36 -28.03 52.74
C GLU A 764 26.42 -26.55 52.34
N ASN A 765 27.34 -26.23 51.43
CA ASN A 765 27.43 -24.89 50.87
C ASN A 765 27.25 -24.98 49.36
N PRO A 766 26.02 -24.73 48.88
CA PRO A 766 25.69 -25.00 47.48
C PRO A 766 26.16 -23.91 46.52
N GLU A 767 26.40 -24.32 45.27
CA GLU A 767 26.57 -23.42 44.15
C GLU A 767 25.53 -23.88 43.13
N THR A 768 25.35 -23.12 42.04
CA THR A 768 24.44 -23.51 40.95
C THR A 768 22.96 -23.55 41.31
N GLU A 769 22.12 -23.43 40.29
CA GLU A 769 20.67 -23.47 40.44
C GLU A 769 20.22 -24.90 40.69
N GLU A 770 20.88 -25.84 40.01
CA GLU A 770 20.58 -27.26 40.15
C GLU A 770 20.60 -27.72 41.60
N ASP A 771 21.59 -27.23 42.36
CA ASP A 771 21.78 -27.66 43.75
C ASP A 771 20.77 -27.07 44.73
N VAL A 772 20.08 -26.00 44.35
CA VAL A 772 19.12 -25.34 45.24
C VAL A 772 17.70 -25.80 44.98
N GLY A 773 17.32 -25.84 43.71
CA GLY A 773 15.98 -26.23 43.32
C GLY A 773 15.58 -25.65 41.97
N PRO A 774 14.35 -25.90 41.54
CA PRO A 774 13.90 -25.46 40.23
C PRO A 774 13.72 -23.95 40.15
N VAL A 775 13.85 -23.41 38.94
CA VAL A 775 13.67 -22.00 38.72
C VAL A 775 12.17 -21.67 38.73
N VAL A 776 11.81 -20.59 39.42
CA VAL A 776 10.44 -20.09 39.44
C VAL A 776 10.44 -18.64 38.98
N GLN A 777 9.85 -18.43 37.80
CA GLN A 777 9.74 -17.09 37.22
C GLN A 777 8.44 -16.44 37.70
N HIS A 778 8.55 -15.20 38.18
CA HIS A 778 7.38 -14.40 38.56
C HIS A 778 7.40 -13.12 37.73
N ILE A 779 6.65 -13.08 36.64
CA ILE A 779 6.57 -11.89 35.81
C ILE A 779 5.47 -10.96 36.33
N TYR A 780 5.81 -9.69 36.54
CA TYR A 780 4.84 -8.67 36.93
C TYR A 780 4.78 -7.59 35.86
N GLU A 781 3.55 -7.19 35.51
CA GLU A 781 3.30 -6.27 34.40
C GLU A 781 2.35 -5.15 34.81
N LEU A 782 2.81 -3.92 34.72
CA LEU A 782 1.96 -2.75 34.88
C LEU A 782 1.72 -2.21 33.48
N ARG A 783 0.45 -2.06 33.10
CA ARG A 783 0.12 -1.58 31.76
C ARG A 783 -0.91 -0.47 31.80
N ASN A 784 -0.63 0.62 31.07
CA ASN A 784 -1.59 1.71 30.90
C ASN A 784 -2.40 1.49 29.62
N ASN A 785 -3.63 1.05 29.79
CA ASN A 785 -4.56 0.89 28.67
C ASN A 785 -5.19 2.21 28.34
N GLY A 786 -5.57 2.95 29.39
CA GLY A 786 -6.41 4.15 29.26
C GLY A 786 -5.86 5.17 28.29
N PRO A 787 -6.77 5.99 27.70
CA PRO A 787 -6.39 6.88 26.61
C PRO A 787 -5.30 7.86 27.02
N SER A 788 -5.48 8.47 28.19
CA SER A 788 -4.53 9.43 28.72
C SER A 788 -3.34 8.69 29.30
N SER A 789 -2.16 9.30 29.21
CA SER A 789 -0.95 8.71 29.72
C SER A 789 -0.67 9.19 31.14
N PHE A 790 0.27 8.54 31.83
CA PHE A 790 0.78 9.06 33.09
C PHE A 790 2.29 9.22 33.01
N SER A 791 2.85 10.11 33.81
CA SER A 791 4.25 10.48 33.71
C SER A 791 5.13 9.83 34.77
N LYS A 792 4.53 9.46 35.90
CA LYS A 792 5.25 8.75 36.96
C LYS A 792 4.35 7.83 37.76
N ALA A 793 4.92 6.73 38.22
CA ALA A 793 4.21 5.78 39.07
C ALA A 793 5.19 5.02 39.96
N MET A 794 4.65 4.37 40.98
CA MET A 794 5.44 3.61 41.93
C MET A 794 4.94 2.18 41.98
N LEU A 795 5.86 1.22 41.94
CA LEU A 795 5.51 -0.20 42.00
C LEU A 795 6.15 -0.81 43.25
N HIS A 796 5.36 -1.58 44.01
CA HIS A 796 5.84 -2.20 45.24
C HIS A 796 5.59 -3.70 45.23
N LEU A 797 6.66 -4.49 45.21
CA LEU A 797 6.55 -5.95 45.29
C LEU A 797 6.86 -6.39 46.70
N GLN A 798 6.02 -7.28 47.24
CA GLN A 798 6.30 -7.94 48.50
C GLN A 798 6.57 -9.41 48.19
N TRP A 799 7.76 -9.88 48.57
CA TRP A 799 8.23 -11.21 48.20
C TRP A 799 8.42 -12.07 49.44
N PRO A 800 7.82 -13.27 49.47
CA PRO A 800 7.98 -14.15 50.61
C PRO A 800 9.37 -14.77 50.63
N TYR A 801 10.27 -14.16 51.39
CA TYR A 801 11.68 -14.54 51.36
C TYR A 801 11.99 -15.73 52.26
N LYS A 802 11.54 -15.67 53.51
CA LYS A 802 11.77 -16.75 54.48
C LYS A 802 10.56 -17.00 55.34
N TYR A 803 10.36 -18.26 55.71
CA TYR A 803 9.38 -18.63 56.74
C TYR A 803 10.18 -19.18 57.92
N ASN A 804 9.86 -18.68 59.11
CA ASN A 804 10.73 -18.83 60.27
C ASN A 804 12.14 -18.31 59.90
N ASN A 805 13.11 -19.19 59.72
CA ASN A 805 14.43 -18.79 59.25
C ASN A 805 14.85 -19.64 58.05
N ASN A 806 13.87 -20.05 57.26
CA ASN A 806 14.06 -20.97 56.14
C ASN A 806 13.73 -20.26 54.83
N THR A 807 14.57 -20.46 53.82
CA THR A 807 14.69 -19.51 52.71
C THR A 807 13.72 -19.64 51.51
N LEU A 808 12.60 -20.34 51.67
CA LEU A 808 11.49 -20.38 50.66
C LEU A 808 11.88 -20.19 49.18
N LEU A 809 11.60 -19.01 48.60
CA LEU A 809 11.97 -18.69 47.21
C LEU A 809 13.16 -17.73 47.19
N TYR A 810 14.27 -18.18 46.61
CA TYR A 810 15.53 -17.43 46.61
C TYR A 810 15.70 -16.73 45.27
N ILE A 811 15.77 -15.40 45.31
CA ILE A 811 15.88 -14.60 44.09
C ILE A 811 17.30 -14.56 43.58
N LEU A 812 17.52 -15.10 42.38
CA LEU A 812 18.81 -15.04 41.72
C LEU A 812 19.02 -13.67 41.10
N HIS A 813 18.09 -13.28 40.22
CA HIS A 813 18.22 -12.07 39.45
C HIS A 813 16.85 -11.58 39.02
N TYR A 814 16.66 -10.25 39.01
CA TYR A 814 15.45 -9.67 38.41
C TYR A 814 15.80 -8.77 37.22
N ASP A 815 14.90 -8.73 36.24
CA ASP A 815 15.08 -7.94 35.01
C ASP A 815 13.90 -6.99 34.84
N ILE A 816 14.11 -5.96 34.03
CA ILE A 816 13.12 -4.92 33.83
C ILE A 816 12.92 -4.63 32.35
N ASP A 817 11.69 -4.35 31.98
CA ASP A 817 11.34 -4.00 30.61
C ASP A 817 10.47 -2.76 30.67
N GLY A 818 10.88 -1.71 29.95
CA GLY A 818 10.15 -0.45 29.94
C GLY A 818 10.77 0.59 30.87
N PRO A 819 10.10 1.75 31.00
CA PRO A 819 10.62 2.87 31.77
C PRO A 819 10.45 2.63 33.26
N MET A 820 11.48 2.05 33.87
CA MET A 820 11.38 1.63 35.25
C MET A 820 12.75 1.27 35.82
N ASN A 821 13.06 1.82 36.99
CA ASN A 821 14.17 1.35 37.79
C ASN A 821 13.62 0.64 39.01
N CYS A 822 14.41 -0.28 39.58
CA CYS A 822 14.02 -0.95 40.81
C CYS A 822 15.17 -1.08 41.79
N THR A 823 14.82 -1.20 43.07
CA THR A 823 15.78 -1.41 44.13
C THR A 823 15.22 -2.44 45.09
N SER A 824 16.05 -3.39 45.48
CA SER A 824 15.71 -4.37 46.50
C SER A 824 16.22 -3.87 47.84
N ASP A 825 15.40 -3.97 48.88
CA ASP A 825 15.84 -3.56 50.22
C ASP A 825 16.81 -4.57 50.84
N MET A 826 17.01 -5.71 50.19
CA MET A 826 17.98 -6.73 50.60
C MET A 826 18.89 -7.12 49.45
N GLU A 827 20.17 -7.29 49.74
CA GLU A 827 21.13 -7.84 48.79
C GLU A 827 20.56 -9.07 48.13
N ILE A 828 20.36 -9.02 46.81
CA ILE A 828 19.89 -10.19 46.06
C ILE A 828 21.07 -11.10 45.75
N ASN A 829 20.80 -12.41 45.77
CA ASN A 829 21.83 -13.43 45.56
C ASN A 829 23.01 -13.29 46.54
N PRO A 830 22.72 -13.28 47.86
CA PRO A 830 23.80 -13.16 48.84
C PRO A 830 24.82 -14.28 48.72
N LEU A 831 24.33 -15.49 48.45
CA LEU A 831 25.18 -16.68 48.43
C LEU A 831 26.00 -16.80 47.13
N ARG A 832 25.79 -15.88 46.19
CA ARG A 832 26.50 -15.88 44.92
C ARG A 832 26.26 -17.16 44.10
N ILE A 833 25.02 -17.62 44.12
CA ILE A 833 24.60 -18.75 43.30
C ILE A 833 24.45 -18.26 41.87
N LYS A 834 25.35 -18.69 40.99
CA LYS A 834 25.38 -18.21 39.62
C LYS A 834 25.33 -19.37 38.62
N ILE A 835 24.53 -19.20 37.57
CA ILE A 835 24.56 -20.12 36.42
C ILE A 835 23.76 -19.56 35.23
N SER A 836 22.53 -19.12 35.49
CA SER A 836 21.66 -18.57 34.44
C SER A 836 21.52 -19.52 33.23
N SER A 837 22.28 -19.28 32.16
CA SER A 837 22.19 -20.04 30.89
C SER A 837 20.80 -20.00 30.24
N LEU A 838 20.10 -18.87 30.40
CA LEU A 838 18.76 -18.67 29.83
C LEU A 838 18.86 -17.92 28.51
N ASP A 868 -1.77 -20.80 60.07
CA ASP A 868 -1.45 -20.29 58.73
C ASP A 868 -0.55 -21.27 57.94
N ILE A 869 -0.94 -22.54 57.95
CA ILE A 869 -0.16 -23.62 57.35
C ILE A 869 -0.08 -23.51 55.82
N HIS A 870 -1.22 -23.25 55.17
CA HIS A 870 -1.28 -23.34 53.71
C HIS A 870 -0.57 -22.16 53.03
N THR A 871 -1.14 -20.96 53.13
CA THR A 871 -0.62 -19.79 52.42
C THR A 871 0.52 -19.09 53.16
N LEU A 872 1.65 -18.94 52.47
CA LEU A 872 2.80 -18.23 53.03
C LEU A 872 3.05 -16.91 52.30
N GLY A 873 2.52 -15.82 52.86
CA GLY A 873 2.73 -14.48 52.32
C GLY A 873 3.54 -13.65 53.29
N CYS A 874 3.77 -12.38 52.94
CA CYS A 874 4.58 -11.46 53.76
C CYS A 874 3.96 -11.10 55.12
N GLY A 875 2.67 -11.35 55.30
CA GLY A 875 2.05 -11.17 56.61
C GLY A 875 2.67 -12.12 57.64
N VAL A 876 2.72 -13.41 57.29
CA VAL A 876 3.26 -14.44 58.19
C VAL A 876 4.72 -14.77 57.90
N ALA A 877 5.23 -14.30 56.77
CA ALA A 877 6.61 -14.60 56.34
C ALA A 877 7.54 -13.40 56.42
N GLN A 878 8.84 -13.68 56.32
CA GLN A 878 9.89 -12.66 56.28
C GLN A 878 9.86 -12.01 54.90
N CYS A 879 9.77 -10.68 54.87
CA CYS A 879 9.44 -9.97 53.65
C CYS A 879 10.66 -9.36 52.97
N LEU A 880 10.77 -9.59 51.66
CA LEU A 880 11.73 -8.89 50.81
C LEU A 880 10.94 -7.95 49.93
N LYS A 881 11.26 -6.66 50.01
CA LYS A 881 10.56 -5.62 49.27
C LYS A 881 11.38 -5.14 48.09
N ILE A 882 10.70 -4.97 46.94
CA ILE A 882 11.31 -4.32 45.78
C ILE A 882 10.45 -3.13 45.39
N VAL A 883 11.01 -1.93 45.50
CA VAL A 883 10.34 -0.73 45.01
C VAL A 883 10.81 -0.43 43.60
N CYS A 884 9.89 0.03 42.75
CA CYS A 884 10.24 0.45 41.42
C CYS A 884 9.66 1.81 41.08
N GLN A 885 10.44 2.59 40.37
CA GLN A 885 10.06 3.93 39.98
C GLN A 885 9.74 3.85 38.50
N VAL A 886 8.46 3.92 38.15
CA VAL A 886 8.03 3.85 36.76
C VAL A 886 8.00 5.26 36.15
N GLY A 887 8.48 5.36 34.91
CA GLY A 887 8.49 6.61 34.16
C GLY A 887 7.16 6.90 33.51
N ARG A 888 7.19 7.48 32.31
CA ARG A 888 5.98 7.81 31.58
C ARG A 888 5.50 6.62 30.74
N LEU A 889 4.39 6.02 31.15
CA LEU A 889 3.71 5.03 30.32
C LEU A 889 2.57 5.68 29.57
N ASP A 890 2.65 5.62 28.25
CA ASP A 890 1.59 6.12 27.39
C ASP A 890 0.52 5.06 27.17
N ARG A 891 -0.58 5.47 26.57
CA ARG A 891 -1.66 4.56 26.21
C ARG A 891 -1.09 3.38 25.44
N GLY A 892 -1.42 2.18 25.90
CA GLY A 892 -0.96 0.96 25.26
C GLY A 892 0.53 0.70 25.44
N LYS A 893 1.02 0.91 26.66
CA LYS A 893 2.42 0.64 26.97
C LYS A 893 2.51 0.07 28.39
N SER A 894 3.64 -0.57 28.69
CA SER A 894 3.78 -1.27 29.97
C SER A 894 5.21 -1.39 30.49
N ALA A 895 5.33 -1.50 31.82
CA ALA A 895 6.60 -1.80 32.49
C ALA A 895 6.50 -3.22 33.03
N ILE A 896 7.59 -3.96 32.97
CA ILE A 896 7.57 -5.37 33.33
C ILE A 896 8.76 -5.75 34.19
N LEU A 897 8.47 -6.40 35.32
CA LEU A 897 9.48 -6.90 36.23
C LEU A 897 9.53 -8.42 36.10
N TYR A 898 10.66 -8.94 35.62
CA TYR A 898 10.89 -10.38 35.58
C TYR A 898 11.75 -10.79 36.77
N VAL A 899 11.12 -11.44 37.76
CA VAL A 899 11.82 -11.93 38.94
C VAL A 899 12.15 -13.41 38.78
N LYS A 900 13.42 -13.73 38.55
CA LYS A 900 13.84 -15.13 38.44
C LYS A 900 14.33 -15.62 39.80
N SER A 901 13.63 -16.61 40.35
CA SER A 901 13.96 -17.15 41.67
C SER A 901 14.12 -18.66 41.62
N LEU A 902 14.82 -19.19 42.63
CA LEU A 902 14.97 -20.63 42.83
C LEU A 902 14.21 -21.01 44.10
N LEU A 903 13.54 -22.16 44.05
CA LEU A 903 12.87 -22.70 45.21
C LEU A 903 13.90 -23.35 46.12
N TRP A 904 13.90 -22.95 47.40
CA TRP A 904 14.82 -23.52 48.37
C TRP A 904 14.24 -24.82 48.92
N THR A 905 14.52 -25.91 48.22
CA THR A 905 13.96 -27.22 48.55
C THR A 905 14.26 -27.67 49.97
N GLU A 906 15.50 -27.50 50.41
CA GLU A 906 15.91 -27.89 51.77
C GLU A 906 14.77 -27.72 52.77
N THR A 907 14.21 -26.52 52.77
CA THR A 907 13.14 -26.14 53.70
C THR A 907 11.94 -27.08 53.61
N PHE A 908 11.46 -27.30 52.40
CA PHE A 908 10.21 -28.01 52.18
C PHE A 908 10.35 -29.50 52.46
N MET A 909 11.59 -29.98 52.50
CA MET A 909 11.88 -31.29 53.06
C MET A 909 11.80 -31.13 54.57
N ASN A 910 10.62 -30.78 55.06
CA ASN A 910 10.43 -30.31 56.44
C ASN A 910 11.09 -31.27 57.42
N LYS A 911 12.26 -30.88 57.91
CA LYS A 911 12.95 -31.64 58.94
C LYS A 911 12.20 -31.51 60.27
N GLU A 912 11.29 -30.53 60.35
CA GLU A 912 10.33 -30.45 61.45
C GLU A 912 9.51 -31.74 61.50
N ASN A 913 8.89 -32.07 60.37
CA ASN A 913 8.25 -33.37 60.12
C ASN A 913 7.68 -33.44 58.71
N GLN A 914 8.33 -34.22 57.86
CA GLN A 914 7.87 -34.51 56.49
C GLN A 914 7.48 -33.26 55.67
N ASN A 915 6.23 -32.81 55.82
CA ASN A 915 5.65 -31.88 54.83
C ASN A 915 4.30 -31.25 55.19
N HIS A 916 3.89 -30.33 54.32
CA HIS A 916 2.48 -29.98 54.08
C HIS A 916 2.44 -29.08 52.84
N SER A 917 1.26 -28.93 52.23
CA SER A 917 1.10 -28.08 51.05
C SER A 917 1.22 -26.60 51.39
N TYR A 918 2.20 -25.93 50.79
CA TYR A 918 2.43 -24.50 50.97
C TYR A 918 2.10 -23.72 49.71
N SER A 919 1.43 -22.58 49.87
CA SER A 919 1.16 -21.67 48.76
C SER A 919 2.00 -20.41 48.93
N LEU A 920 3.08 -20.32 48.17
CA LEU A 920 4.00 -19.18 48.26
C LEU A 920 3.43 -18.02 47.47
N LYS A 921 3.00 -16.96 48.16
CA LYS A 921 2.39 -15.82 47.49
C LYS A 921 3.25 -14.57 47.62
N SER A 922 3.55 -13.96 46.47
CA SER A 922 4.09 -12.62 46.41
C SER A 922 2.97 -11.73 45.92
N SER A 923 3.08 -10.44 46.21
CA SER A 923 2.10 -9.46 45.74
C SER A 923 2.80 -8.22 45.27
N ALA A 924 2.21 -7.59 44.26
CA ALA A 924 2.73 -6.35 43.70
C ALA A 924 1.61 -5.34 43.56
N SER A 925 1.81 -4.15 44.12
CA SER A 925 0.84 -3.07 44.01
C SER A 925 1.48 -1.89 43.28
N PHE A 926 0.64 -0.97 42.81
CA PHE A 926 1.13 0.25 42.19
C PHE A 926 0.31 1.48 42.59
N ASN A 927 0.94 2.64 42.47
CA ASN A 927 0.25 3.90 42.65
C ASN A 927 0.76 4.89 41.61
N VAL A 928 -0.15 5.42 40.80
CA VAL A 928 0.23 6.45 39.82
C VAL A 928 0.24 7.79 40.54
N ILE A 929 1.36 8.48 40.47
CA ILE A 929 1.59 9.70 41.24
C ILE A 929 1.57 10.99 40.42
N GLU A 930 1.94 10.91 39.15
CA GLU A 930 2.01 12.12 38.31
C GLU A 930 1.44 11.90 36.92
N PHE A 931 1.04 13.01 36.29
CA PHE A 931 0.51 13.03 34.94
C PHE A 931 1.13 14.22 34.20
N PRO A 932 1.31 14.10 32.88
CA PRO A 932 1.88 15.19 32.09
C PRO A 932 0.93 16.36 31.86
N TYR A 933 -0.35 16.18 32.17
CA TYR A 933 -1.37 17.21 31.98
C TYR A 933 -1.52 18.01 33.26
N LYS A 934 -0.45 18.72 33.62
CA LYS A 934 -0.33 19.33 34.96
C LYS A 934 -1.36 20.43 35.25
N ASN A 935 -2.09 20.89 34.22
CA ASN A 935 -3.04 21.98 34.38
C ASN A 935 -4.52 21.54 34.44
N LEU A 936 -4.75 20.27 34.75
CA LEU A 936 -6.08 19.66 34.64
C LEU A 936 -6.33 18.67 35.78
N PRO A 937 -7.58 18.60 36.30
CA PRO A 937 -7.97 17.63 37.32
C PRO A 937 -7.39 16.23 37.11
N ILE A 938 -6.67 15.74 38.12
CA ILE A 938 -6.05 14.42 38.09
C ILE A 938 -6.54 13.62 39.29
N GLU A 939 -6.06 12.38 39.42
CA GLU A 939 -6.39 11.54 40.56
C GLU A 939 -5.46 10.34 40.59
N ASP A 940 -4.93 10.02 41.77
CA ASP A 940 -4.02 8.87 41.93
C ASP A 940 -4.78 7.57 41.66
N ILE A 941 -4.14 6.68 40.91
CA ILE A 941 -4.70 5.39 40.55
C ILE A 941 -3.92 4.33 41.30
N THR A 942 -4.64 3.42 41.97
CA THR A 942 -4.00 2.37 42.77
C THR A 942 -4.68 1.03 42.54
N ASN A 943 -3.87 -0.03 42.48
CA ASN A 943 -4.39 -1.39 42.47
C ASN A 943 -3.27 -2.38 42.71
N SER A 944 -3.62 -3.65 42.78
CA SER A 944 -2.64 -4.68 43.07
C SER A 944 -3.08 -6.06 42.60
N THR A 945 -2.10 -6.96 42.52
CA THR A 945 -2.33 -8.35 42.20
C THR A 945 -1.43 -9.17 43.10
N LEU A 946 -1.75 -10.45 43.22
CA LEU A 946 -0.87 -11.40 43.88
C LEU A 946 -0.71 -12.59 42.95
N VAL A 947 0.52 -13.07 42.78
CA VAL A 947 0.77 -14.28 42.03
C VAL A 947 1.30 -15.31 43.01
N THR A 948 0.98 -16.58 42.76
CA THR A 948 1.19 -17.64 43.73
C THR A 948 1.92 -18.82 43.09
N THR A 949 2.76 -19.47 43.88
CA THR A 949 3.44 -20.71 43.47
C THR A 949 3.18 -21.79 44.53
N ASN A 950 2.27 -22.71 44.22
CA ASN A 950 1.87 -23.73 45.18
C ASN A 950 2.81 -24.92 45.16
N VAL A 951 3.43 -25.19 46.31
CA VAL A 951 4.31 -26.34 46.46
C VAL A 951 3.57 -27.44 47.21
N THR A 952 3.37 -28.57 46.53
CA THR A 952 2.69 -29.73 47.12
C THR A 952 3.48 -30.99 46.79
N TRP A 953 3.01 -32.13 47.30
CA TRP A 953 3.70 -33.41 47.10
C TRP A 953 3.03 -34.30 46.05
N GLY A 954 1.72 -34.48 46.17
CA GLY A 954 1.00 -35.39 45.28
C GLY A 954 1.28 -36.84 45.65
N ILE A 955 2.53 -37.26 45.47
CA ILE A 955 3.00 -38.56 45.98
C ILE A 955 3.17 -38.47 47.49
N GLN A 956 2.24 -39.10 48.23
CA GLN A 956 2.21 -39.02 49.68
C GLN A 956 1.63 -40.32 50.28
N PRO A 957 1.95 -40.62 51.56
CA PRO A 957 1.66 -41.93 52.18
C PRO A 957 0.23 -42.50 52.00
N ALA A 958 0.17 -43.82 51.77
CA ALA A 958 -1.07 -44.58 51.86
C ALA A 958 -1.30 -44.96 53.32
N PRO A 959 -2.46 -45.56 53.66
CA PRO A 959 -2.79 -45.88 55.07
C PRO A 959 -1.78 -46.80 55.82
N MET A 960 -1.41 -46.37 57.04
CA MET A 960 -0.49 -47.14 57.92
C MET A 960 -0.62 -46.60 59.36
N PRO A 961 -0.62 -47.51 60.37
CA PRO A 961 -1.09 -47.10 61.71
C PRO A 961 -0.11 -46.26 62.57
N VAL A 962 0.83 -46.88 63.28
CA VAL A 962 1.64 -46.18 64.29
C VAL A 962 3.15 -45.94 64.01
N PRO A 963 3.68 -46.32 62.81
CA PRO A 963 5.13 -46.14 62.62
C PRO A 963 5.56 -44.70 62.33
N VAL A 964 6.88 -44.49 62.22
CA VAL A 964 7.47 -43.16 61.96
C VAL A 964 8.38 -43.20 60.72
N TRP A 965 8.94 -42.04 60.36
CA TRP A 965 9.75 -41.90 59.13
C TRP A 965 11.27 -41.93 59.38
N VAL A 966 12.03 -42.08 58.30
CA VAL A 966 13.50 -42.06 58.33
C VAL A 966 14.07 -41.43 57.05
N ILE A 967 15.31 -40.94 57.12
CA ILE A 967 15.99 -40.33 55.96
C ILE A 967 16.58 -41.42 55.05
N GLY B 1 -48.65 1.07 1.11
CA GLY B 1 -48.26 2.48 1.08
C GLY B 1 -46.92 2.72 0.42
N PRO B 2 -46.55 4.00 0.20
CA PRO B 2 -45.30 4.35 -0.49
C PRO B 2 -44.05 3.94 0.30
N ASN B 3 -43.27 3.04 -0.27
CA ASN B 3 -42.11 2.45 0.41
C ASN B 3 -40.95 2.18 -0.54
N ILE B 4 -39.86 2.93 -0.37
CA ILE B 4 -38.60 2.75 -1.11
C ILE B 4 -38.75 2.72 -2.64
N CYS B 5 -39.38 1.67 -3.15
CA CYS B 5 -39.63 1.52 -4.57
C CYS B 5 -40.55 2.64 -5.07
N THR B 6 -41.58 2.95 -4.28
CA THR B 6 -42.54 3.98 -4.62
C THR B 6 -41.89 5.36 -4.71
N THR B 7 -41.08 5.69 -3.72
CA THR B 7 -40.48 7.02 -3.61
C THR B 7 -39.36 7.24 -4.64
N ARG B 8 -38.66 6.18 -5.02
CA ARG B 8 -37.51 6.28 -5.90
C ARG B 8 -37.77 5.72 -7.30
N GLY B 9 -38.20 4.45 -7.36
CA GLY B 9 -38.30 3.74 -8.63
C GLY B 9 -39.64 3.78 -9.35
N VAL B 10 -40.24 4.96 -9.43
CA VAL B 10 -41.50 5.13 -10.18
C VAL B 10 -41.28 5.95 -11.44
N SER B 11 -40.02 6.20 -11.78
CA SER B 11 -39.67 6.94 -12.99
C SER B 11 -39.75 6.04 -14.22
N SER B 12 -39.35 4.78 -14.07
CA SER B 12 -39.40 3.78 -15.15
C SER B 12 -39.19 2.37 -14.62
N CYS B 13 -39.04 1.40 -15.53
CA CYS B 13 -38.81 0.01 -15.17
C CYS B 13 -37.38 -0.21 -14.65
N GLN B 14 -36.40 0.31 -15.36
CA GLN B 14 -34.99 0.18 -14.95
C GLN B 14 -34.77 0.87 -13.62
N GLN B 15 -35.33 2.07 -13.47
CA GLN B 15 -35.28 2.78 -12.19
C GLN B 15 -35.88 1.93 -11.07
N CYS B 16 -37.03 1.32 -11.35
CA CYS B 16 -37.72 0.46 -10.39
C CYS B 16 -36.84 -0.71 -9.94
N LEU B 17 -36.24 -1.41 -10.90
CA LEU B 17 -35.30 -2.51 -10.60
C LEU B 17 -34.06 -1.98 -9.88
N ALA B 18 -33.48 -0.92 -10.42
CA ALA B 18 -32.27 -0.30 -9.87
C ALA B 18 -32.38 0.11 -8.40
N VAL B 19 -33.61 0.32 -7.93
CA VAL B 19 -33.83 0.73 -6.55
C VAL B 19 -33.47 -0.37 -5.56
N SER B 20 -34.07 -1.54 -5.72
CA SER B 20 -33.88 -2.64 -4.77
C SER B 20 -34.39 -3.97 -5.33
N PRO B 21 -33.83 -5.10 -4.83
CA PRO B 21 -34.38 -6.43 -5.11
C PRO B 21 -35.82 -6.68 -4.67
N MET B 22 -36.39 -5.80 -3.85
CA MET B 22 -37.77 -5.92 -3.40
C MET B 22 -38.80 -5.50 -4.44
N CYS B 23 -38.36 -4.67 -5.40
CA CYS B 23 -39.28 -3.94 -6.28
C CYS B 23 -39.75 -4.74 -7.49
N ALA B 24 -40.92 -4.36 -8.02
CA ALA B 24 -41.52 -4.98 -9.22
C ALA B 24 -42.43 -3.98 -9.95
N TRP B 25 -42.68 -4.21 -11.24
CA TRP B 25 -43.34 -3.23 -12.12
C TRP B 25 -44.64 -3.77 -12.76
N CYS B 26 -45.41 -2.89 -13.40
CA CYS B 26 -46.62 -3.30 -14.14
C CYS B 26 -46.45 -3.18 -15.65
N SER B 27 -47.38 -3.80 -16.38
CA SER B 27 -47.33 -3.84 -17.84
C SER B 27 -48.72 -3.68 -18.44
N ASP B 28 -48.78 -2.99 -19.58
CA ASP B 28 -50.01 -2.84 -20.38
C ASP B 28 -51.18 -2.22 -19.59
N GLU B 29 -50.94 -1.05 -19.01
CA GLU B 29 -51.95 -0.31 -18.22
C GLU B 29 -52.92 -1.23 -17.48
N ALA B 30 -52.36 -2.09 -16.62
CA ALA B 30 -53.16 -3.03 -15.82
C ALA B 30 -54.10 -2.26 -14.89
N LEU B 31 -53.58 -1.21 -14.28
CA LEU B 31 -54.37 -0.25 -13.52
C LEU B 31 -54.22 1.12 -14.19
N PRO B 32 -54.96 1.35 -15.30
CA PRO B 32 -54.76 2.50 -16.18
C PRO B 32 -54.60 3.83 -15.43
N LEU B 33 -53.39 4.38 -15.46
CA LEU B 33 -53.03 5.60 -14.72
C LEU B 33 -53.70 5.65 -13.33
N GLY B 34 -53.66 4.52 -12.63
CA GLY B 34 -54.33 4.37 -11.35
C GLY B 34 -53.62 5.13 -10.23
N SER B 35 -52.55 4.54 -9.71
CA SER B 35 -51.77 5.14 -8.62
C SER B 35 -50.41 4.49 -8.36
N PRO B 36 -50.38 3.19 -7.97
CA PRO B 36 -49.15 2.63 -7.40
C PRO B 36 -48.24 1.91 -8.40
N ARG B 37 -47.03 2.42 -8.56
CA ARG B 37 -46.01 1.78 -9.41
C ARG B 37 -44.83 1.34 -8.54
N CYS B 38 -44.26 0.17 -8.83
CA CYS B 38 -43.05 -0.33 -8.16
C CYS B 38 -43.34 -0.87 -6.74
N ASP B 39 -43.65 0.03 -5.81
CA ASP B 39 -43.89 -0.27 -4.37
C ASP B 39 -43.16 -1.48 -3.73
N LEU B 40 -43.60 -2.70 -4.04
CA LEU B 40 -42.99 -3.93 -3.52
C LEU B 40 -43.21 -5.06 -4.54
N LYS B 41 -44.16 -5.95 -4.26
CA LYS B 41 -44.45 -7.10 -5.11
C LYS B 41 -45.82 -7.67 -4.75
N GLU B 42 -45.96 -8.08 -3.49
CA GLU B 42 -47.25 -8.54 -2.96
C GLU B 42 -48.30 -7.43 -3.05
N ASN B 43 -47.90 -6.22 -2.68
CA ASN B 43 -48.78 -5.04 -2.73
C ASN B 43 -49.24 -4.74 -4.15
N LEU B 44 -48.29 -4.72 -5.08
CA LEU B 44 -48.58 -4.50 -6.49
C LEU B 44 -49.43 -5.63 -7.08
N LEU B 45 -49.14 -6.85 -6.64
CA LEU B 45 -49.90 -8.03 -7.04
C LEU B 45 -51.32 -7.99 -6.47
N LYS B 46 -51.43 -7.53 -5.23
CA LYS B 46 -52.73 -7.36 -4.56
C LYS B 46 -53.62 -6.34 -5.31
N ASP B 47 -53.01 -5.44 -6.05
CA ASP B 47 -53.74 -4.45 -6.84
C ASP B 47 -53.98 -4.96 -8.27
N ASN B 48 -54.50 -6.19 -8.36
CA ASN B 48 -54.84 -6.85 -9.63
C ASN B 48 -53.67 -7.13 -10.55
N CYS B 49 -53.05 -6.08 -11.09
CA CYS B 49 -51.84 -6.19 -11.92
C CYS B 49 -51.04 -7.43 -11.56
N ALA B 50 -51.26 -8.53 -12.29
CA ALA B 50 -50.78 -9.85 -11.88
C ALA B 50 -50.09 -10.70 -12.95
N PRO B 51 -50.80 -11.03 -14.07
CA PRO B 51 -50.29 -12.03 -15.04
C PRO B 51 -48.91 -11.71 -15.65
N GLU B 52 -48.70 -12.10 -16.90
CA GLU B 52 -47.51 -11.71 -17.66
C GLU B 52 -47.37 -10.20 -17.56
N SER B 53 -46.81 -9.76 -16.44
CA SER B 53 -46.89 -8.37 -16.01
C SER B 53 -46.09 -8.09 -14.73
N ILE B 54 -46.05 -9.07 -13.82
CA ILE B 54 -45.29 -8.96 -12.56
C ILE B 54 -43.92 -8.29 -12.70
N GLU B 55 -43.14 -8.74 -13.68
CA GLU B 55 -41.76 -8.27 -13.87
C GLU B 55 -40.97 -8.19 -12.55
N PHE B 56 -40.83 -9.34 -11.89
CA PHE B 56 -40.06 -9.45 -10.65
C PHE B 56 -38.98 -10.51 -10.80
N PRO B 57 -37.84 -10.13 -11.41
CA PRO B 57 -36.78 -11.11 -11.67
C PRO B 57 -35.97 -11.46 -10.43
N VAL B 58 -35.95 -12.74 -10.07
CA VAL B 58 -35.18 -13.19 -8.91
C VAL B 58 -33.74 -13.46 -9.33
N SER B 59 -32.80 -13.29 -8.39
CA SER B 59 -31.40 -13.64 -8.63
C SER B 59 -31.20 -15.16 -8.48
N GLU B 60 -30.08 -15.66 -8.97
CA GLU B 60 -29.83 -17.10 -9.03
C GLU B 60 -28.34 -17.46 -8.98
N ALA B 61 -28.07 -18.70 -8.59
CA ALA B 61 -26.72 -19.25 -8.64
C ALA B 61 -26.77 -20.76 -8.97
N ARG B 62 -27.33 -21.09 -10.15
CA ARG B 62 -27.41 -22.47 -10.62
C ARG B 62 -26.03 -23.12 -10.78
N VAL B 63 -25.82 -24.27 -10.14
CA VAL B 63 -24.62 -25.08 -10.37
C VAL B 63 -24.76 -25.78 -11.72
N LEU B 64 -23.81 -25.55 -12.62
CA LEU B 64 -23.84 -26.18 -13.94
C LEU B 64 -23.12 -27.52 -13.95
N GLU B 65 -22.00 -27.60 -13.23
CA GLU B 65 -21.26 -28.86 -13.10
C GLU B 65 -20.76 -29.07 -11.67
N ASP B 66 -21.10 -30.22 -11.09
CA ASP B 66 -20.52 -30.61 -9.80
C ASP B 66 -20.22 -32.11 -9.73
N ARG B 67 -19.13 -32.53 -10.37
CA ARG B 67 -18.64 -33.88 -10.23
C ARG B 67 -18.18 -34.08 -8.78
N PRO B 68 -18.32 -35.31 -8.27
CA PRO B 68 -17.93 -35.56 -6.88
C PRO B 68 -16.43 -35.48 -6.67
N LEU B 69 -16.03 -35.23 -5.42
CA LEU B 69 -14.62 -35.16 -5.07
C LEU B 69 -14.04 -36.57 -5.03
N SER B 70 -12.81 -36.73 -5.50
CA SER B 70 -12.20 -38.04 -5.64
C SER B 70 -11.72 -38.65 -4.31
N ASP B 71 -11.50 -39.97 -4.31
CA ASP B 71 -10.96 -40.68 -3.15
C ASP B 71 -9.47 -40.97 -3.33
N LYS B 72 -9.09 -41.44 -4.53
CA LYS B 72 -7.69 -41.70 -4.86
C LYS B 72 -7.18 -40.65 -5.85
N GLY B 73 -5.86 -40.54 -5.95
CA GLY B 73 -5.21 -39.59 -6.86
C GLY B 73 -4.71 -40.25 -8.12
N SER B 74 -3.92 -41.31 -7.95
CA SER B 74 -3.40 -42.10 -9.08
C SER B 74 -4.51 -42.88 -9.77
N GLY B 75 -5.52 -43.27 -8.99
CA GLY B 75 -6.73 -43.88 -9.54
C GLY B 75 -7.42 -42.91 -10.48
N ASP B 76 -7.12 -43.05 -11.77
CA ASP B 76 -7.75 -42.23 -12.79
C ASP B 76 -8.88 -43.04 -13.46
N SER B 77 -8.82 -43.24 -14.78
CA SER B 77 -9.99 -43.63 -15.58
C SER B 77 -11.02 -42.49 -15.51
N SER B 78 -11.58 -42.26 -14.32
CA SER B 78 -12.32 -41.04 -14.04
C SER B 78 -11.34 -39.91 -13.70
N GLN B 79 -11.49 -38.78 -14.38
CA GLN B 79 -10.63 -37.61 -14.15
C GLN B 79 -10.65 -37.16 -12.69
N VAL B 80 -9.46 -36.86 -12.15
CA VAL B 80 -9.34 -36.54 -10.71
C VAL B 80 -9.96 -35.19 -10.40
N THR B 81 -10.67 -35.11 -9.27
CA THR B 81 -11.42 -33.92 -8.91
C THR B 81 -11.18 -33.54 -7.45
N GLN B 82 -10.75 -32.29 -7.22
CA GLN B 82 -10.44 -31.78 -5.89
C GLN B 82 -11.22 -30.52 -5.51
N VAL B 83 -12.18 -30.13 -6.33
CA VAL B 83 -13.02 -28.95 -6.08
C VAL B 83 -14.43 -29.34 -6.50
N SER B 84 -15.39 -29.30 -5.58
CA SER B 84 -16.60 -30.11 -5.78
C SER B 84 -17.55 -29.57 -6.83
N PRO B 85 -17.88 -28.26 -6.77
CA PRO B 85 -18.55 -27.68 -7.92
C PRO B 85 -17.50 -27.06 -8.84
N GLN B 86 -17.62 -27.29 -10.15
CA GLN B 86 -16.57 -26.88 -11.10
C GLN B 86 -16.99 -25.65 -11.88
N ARG B 87 -18.29 -25.54 -12.16
CA ARG B 87 -18.83 -24.32 -12.77
C ARG B 87 -20.25 -24.02 -12.30
N ILE B 88 -20.53 -22.74 -12.13
CA ILE B 88 -21.71 -22.29 -11.43
C ILE B 88 -22.17 -20.97 -12.08
N ALA B 89 -23.42 -20.91 -12.51
CA ALA B 89 -23.94 -19.78 -13.27
C ALA B 89 -24.69 -18.81 -12.35
N LEU B 90 -24.26 -17.56 -12.36
CA LEU B 90 -24.80 -16.54 -11.46
C LEU B 90 -25.56 -15.48 -12.23
N ARG B 91 -26.80 -15.22 -11.82
CA ARG B 91 -27.59 -14.10 -12.34
C ARG B 91 -27.90 -13.15 -11.20
N LEU B 92 -27.35 -11.93 -11.26
CA LEU B 92 -27.60 -10.94 -10.23
C LEU B 92 -28.40 -9.79 -10.80
N ARG B 93 -29.37 -9.31 -10.02
CA ARG B 93 -30.09 -8.07 -10.33
C ARG B 93 -29.37 -6.93 -9.59
N PRO B 94 -29.75 -5.66 -9.86
CA PRO B 94 -28.88 -4.59 -9.38
C PRO B 94 -28.90 -4.41 -7.87
N ASP B 95 -27.73 -4.20 -7.29
CA ASP B 95 -27.54 -4.12 -5.84
C ASP B 95 -28.13 -5.36 -5.15
N ASP B 96 -27.68 -6.53 -5.59
CA ASP B 96 -28.17 -7.80 -5.07
C ASP B 96 -27.05 -8.83 -4.95
N SER B 97 -27.28 -9.84 -4.11
CA SER B 97 -26.28 -10.85 -3.83
C SER B 97 -26.86 -12.25 -3.72
N LYS B 98 -26.02 -13.25 -4.01
CA LYS B 98 -26.35 -14.65 -3.78
C LYS B 98 -25.11 -15.38 -3.29
N ASN B 99 -25.32 -16.32 -2.38
CA ASN B 99 -24.23 -17.05 -1.75
C ASN B 99 -24.11 -18.47 -2.30
N PHE B 100 -22.93 -19.06 -2.12
CA PHE B 100 -22.68 -20.43 -2.53
C PHE B 100 -21.42 -20.95 -1.84
N SER B 101 -21.09 -22.22 -2.06
CA SER B 101 -19.93 -22.82 -1.41
C SER B 101 -19.09 -23.67 -2.37
N ILE B 102 -17.90 -24.02 -1.91
CA ILE B 102 -16.94 -24.77 -2.70
C ILE B 102 -16.12 -25.66 -1.76
N GLN B 103 -16.09 -26.96 -2.06
CA GLN B 103 -15.41 -27.93 -1.23
C GLN B 103 -14.07 -28.29 -1.85
N VAL B 104 -12.98 -27.85 -1.23
CA VAL B 104 -11.64 -28.19 -1.71
C VAL B 104 -11.11 -29.40 -0.95
N ARG B 105 -10.40 -30.29 -1.65
CA ARG B 105 -9.90 -31.52 -1.05
C ARG B 105 -8.41 -31.73 -1.32
N GLN B 106 -7.70 -32.18 -0.29
CA GLN B 106 -6.30 -32.58 -0.40
C GLN B 106 -6.27 -34.09 -0.68
N VAL B 107 -6.25 -34.43 -1.98
CA VAL B 107 -6.53 -35.79 -2.43
C VAL B 107 -5.39 -36.76 -2.17
N GLU B 108 -5.74 -37.94 -1.65
CA GLU B 108 -4.77 -39.01 -1.37
C GLU B 108 -4.15 -39.57 -2.66
N ASP B 109 -2.85 -39.84 -2.60
CA ASP B 109 -2.09 -40.48 -3.68
C ASP B 109 -2.07 -39.67 -4.98
N TYR B 110 -2.06 -38.34 -4.84
CA TYR B 110 -2.00 -37.44 -5.99
C TYR B 110 -0.58 -37.47 -6.59
N PRO B 111 -0.48 -37.49 -7.93
CA PRO B 111 0.83 -37.57 -8.55
C PRO B 111 1.65 -36.30 -8.38
N VAL B 112 2.97 -36.44 -8.45
CA VAL B 112 3.87 -35.32 -8.17
C VAL B 112 5.01 -35.25 -9.19
N ASP B 113 5.23 -34.04 -9.70
CA ASP B 113 6.40 -33.74 -10.53
C ASP B 113 7.45 -33.09 -9.65
N ILE B 114 8.71 -33.50 -9.80
CA ILE B 114 9.81 -32.88 -9.06
C ILE B 114 10.94 -32.50 -10.00
N TYR B 115 11.06 -31.21 -10.27
CA TYR B 115 12.15 -30.71 -11.10
C TYR B 115 13.27 -30.15 -10.22
N TYR B 116 14.44 -30.73 -10.36
CA TYR B 116 15.58 -30.39 -9.51
C TYR B 116 16.44 -29.37 -10.25
N LEU B 117 16.41 -28.13 -9.76
CA LEU B 117 17.13 -27.03 -10.38
C LEU B 117 18.26 -26.63 -9.45
N MET B 118 19.50 -26.93 -9.84
CA MET B 118 20.63 -26.77 -8.92
C MET B 118 21.75 -25.85 -9.43
N ASP B 119 22.27 -25.07 -8.50
CA ASP B 119 23.49 -24.29 -8.68
C ASP B 119 24.63 -25.26 -8.98
N LEU B 120 25.42 -24.96 -10.01
CA LEU B 120 26.63 -25.73 -10.32
C LEU B 120 27.88 -24.83 -10.34
N SER B 121 27.96 -23.92 -9.38
CA SER B 121 29.18 -23.17 -9.10
C SER B 121 30.17 -24.17 -8.50
N TYR B 122 31.46 -23.86 -8.64
CA TYR B 122 32.53 -24.77 -8.19
C TYR B 122 32.26 -25.33 -6.80
N SER B 123 31.71 -24.49 -5.92
CA SER B 123 31.39 -24.90 -4.54
C SER B 123 30.46 -26.11 -4.46
N MET B 124 29.72 -26.37 -5.53
CA MET B 124 28.72 -27.43 -5.55
C MET B 124 29.22 -28.77 -6.13
N LYS B 125 30.53 -28.93 -6.28
CA LYS B 125 31.07 -30.16 -6.87
C LYS B 125 30.88 -31.36 -5.92
N ASP B 126 31.08 -31.14 -4.63
CA ASP B 126 30.86 -32.19 -3.64
C ASP B 126 29.38 -32.48 -3.46
N ASP B 127 28.53 -31.49 -3.75
CA ASP B 127 27.09 -31.70 -3.73
C ASP B 127 26.74 -32.66 -4.84
N LEU B 128 27.09 -32.27 -6.07
CA LEU B 128 26.81 -33.06 -7.27
C LEU B 128 27.19 -34.53 -7.08
N TRP B 129 28.29 -34.76 -6.39
CA TRP B 129 28.78 -36.13 -6.14
C TRP B 129 27.77 -37.01 -5.42
N SER B 130 27.24 -36.53 -4.30
CA SER B 130 26.31 -37.31 -3.49
C SER B 130 24.89 -37.35 -4.05
N ILE B 131 24.61 -36.48 -5.02
CA ILE B 131 23.31 -36.46 -5.70
C ILE B 131 23.12 -37.66 -6.66
N GLN B 132 24.22 -38.22 -7.15
CA GLN B 132 24.14 -39.40 -8.03
C GLN B 132 23.28 -40.50 -7.40
N ASN B 133 23.42 -40.64 -6.09
CA ASN B 133 22.68 -41.64 -5.31
C ASN B 133 21.20 -41.29 -5.26
N LEU B 134 20.90 -39.99 -5.20
CA LEU B 134 19.53 -39.48 -5.24
C LEU B 134 18.83 -39.90 -6.53
N GLY B 135 17.50 -39.90 -6.50
CA GLY B 135 16.69 -40.29 -7.64
C GLY B 135 15.98 -41.59 -7.31
N THR B 136 16.70 -42.70 -7.46
CA THR B 136 16.21 -43.99 -7.01
C THR B 136 16.01 -43.97 -5.49
N LYS B 137 16.90 -43.27 -4.80
CA LYS B 137 16.80 -43.08 -3.35
C LYS B 137 15.58 -42.24 -3.00
N LEU B 138 15.35 -41.20 -3.80
CA LEU B 138 14.16 -40.35 -3.64
C LEU B 138 12.90 -41.10 -4.04
N ALA B 139 13.00 -41.95 -5.06
CA ALA B 139 11.85 -42.68 -5.59
C ALA B 139 11.23 -43.60 -4.55
N THR B 140 12.07 -44.23 -3.73
CA THR B 140 11.60 -45.18 -2.73
C THR B 140 10.86 -44.49 -1.58
N GLN B 141 11.21 -43.24 -1.28
CA GLN B 141 10.53 -42.47 -0.23
C GLN B 141 9.19 -41.96 -0.75
N MET B 142 9.21 -41.35 -1.93
CA MET B 142 7.99 -40.81 -2.54
C MET B 142 6.96 -41.90 -2.79
N ARG B 143 7.44 -43.11 -3.11
CA ARG B 143 6.60 -44.31 -3.15
C ARG B 143 5.54 -44.31 -2.05
N LYS B 144 5.92 -43.83 -0.87
CA LYS B 144 5.03 -43.80 0.29
C LYS B 144 3.88 -42.81 0.10
N LEU B 145 4.24 -41.54 -0.07
CA LEU B 145 3.25 -40.45 -0.17
C LEU B 145 2.52 -40.44 -1.50
N THR B 146 3.12 -41.00 -2.54
CA THR B 146 2.49 -41.02 -3.86
C THR B 146 2.83 -42.26 -4.67
N SER B 147 1.98 -42.54 -5.66
CA SER B 147 2.17 -43.66 -6.56
C SER B 147 2.88 -43.18 -7.81
N ASN B 148 2.16 -42.42 -8.63
CA ASN B 148 2.66 -42.00 -9.93
C ASN B 148 3.52 -40.74 -9.82
N LEU B 149 4.83 -40.91 -9.86
CA LEU B 149 5.77 -39.79 -9.76
C LEU B 149 6.73 -39.75 -10.96
N ARG B 150 7.13 -38.54 -11.35
CA ARG B 150 8.19 -38.38 -12.35
C ARG B 150 9.05 -37.16 -12.01
N ILE B 151 10.35 -37.30 -12.23
CA ILE B 151 11.31 -36.27 -11.88
C ILE B 151 12.16 -35.84 -13.08
N GLY B 152 12.74 -34.65 -12.97
CA GLY B 152 13.60 -34.09 -14.02
C GLY B 152 14.79 -33.35 -13.43
N PHE B 153 15.53 -32.63 -14.27
CA PHE B 153 16.75 -31.95 -13.84
C PHE B 153 17.15 -30.76 -14.71
N GLY B 154 17.71 -29.75 -14.05
CA GLY B 154 18.25 -28.56 -14.72
C GLY B 154 19.27 -27.90 -13.81
N ALA B 155 20.22 -27.17 -14.41
CA ALA B 155 21.28 -26.53 -13.64
C ALA B 155 21.57 -25.12 -14.14
N PHE B 156 22.11 -24.28 -13.26
CA PHE B 156 22.37 -22.88 -13.59
C PHE B 156 23.67 -22.39 -12.95
N VAL B 157 24.32 -21.43 -13.62
CA VAL B 157 25.49 -20.74 -13.07
C VAL B 157 25.65 -19.34 -13.68
N ASP B 158 24.59 -18.54 -13.65
CA ASP B 158 24.67 -17.11 -14.05
C ASP B 158 25.00 -16.80 -15.53
N LYS B 159 24.68 -15.58 -15.96
CA LYS B 159 24.82 -15.17 -17.35
C LYS B 159 26.27 -15.18 -17.84
N PRO B 160 26.51 -15.80 -19.01
CA PRO B 160 27.86 -15.84 -19.55
C PRO B 160 28.25 -14.53 -20.24
N VAL B 161 28.28 -13.44 -19.48
CA VAL B 161 28.57 -12.12 -20.04
C VAL B 161 29.65 -11.39 -19.24
N SER B 162 30.15 -10.31 -19.84
CA SER B 162 31.46 -9.74 -19.52
C SER B 162 31.76 -9.27 -18.08
N PRO B 163 30.72 -8.92 -17.29
CA PRO B 163 30.98 -8.63 -15.87
C PRO B 163 31.05 -9.86 -14.96
N TYR B 164 30.10 -10.78 -15.13
CA TYR B 164 29.97 -11.95 -14.26
C TYR B 164 30.97 -13.01 -14.68
N MET B 165 30.90 -13.39 -15.95
CA MET B 165 31.79 -14.38 -16.54
C MET B 165 33.19 -13.82 -16.67
N TYR B 166 34.16 -14.71 -16.78
CA TYR B 166 35.55 -14.30 -17.00
C TYR B 166 35.75 -13.81 -18.44
N ILE B 167 35.10 -12.68 -18.74
CA ILE B 167 35.14 -11.99 -20.05
C ILE B 167 35.79 -12.83 -21.12
N SER B 168 37.13 -12.80 -21.13
CA SER B 168 37.99 -13.61 -21.98
C SER B 168 39.39 -13.02 -21.89
N PRO B 169 39.96 -12.96 -20.66
CA PRO B 169 41.21 -12.22 -20.56
C PRO B 169 42.27 -12.94 -21.37
N PRO B 170 42.57 -14.23 -21.05
CA PRO B 170 43.10 -15.06 -22.10
C PRO B 170 41.96 -15.86 -22.72
N GLU B 171 42.16 -16.37 -23.93
CA GLU B 171 41.15 -17.22 -24.58
C GLU B 171 41.00 -18.55 -23.83
N ALA B 172 42.10 -19.03 -23.25
CA ALA B 172 42.10 -20.29 -22.49
C ALA B 172 41.07 -20.27 -21.37
N LEU B 173 40.86 -19.09 -20.79
CA LEU B 173 39.91 -18.91 -19.69
C LEU B 173 38.42 -18.99 -20.10
N GLU B 174 38.14 -19.13 -21.40
CA GLU B 174 36.78 -19.43 -21.84
C GLU B 174 36.35 -20.81 -21.34
N ASN B 175 37.32 -21.70 -21.16
CA ASN B 175 37.17 -22.90 -20.35
C ASN B 175 37.90 -22.60 -19.02
N PRO B 176 37.16 -22.15 -17.99
CA PRO B 176 37.81 -21.60 -16.80
C PRO B 176 38.60 -22.63 -16.01
N CYS B 177 38.94 -22.30 -14.76
CA CYS B 177 39.65 -23.21 -13.86
C CYS B 177 41.12 -23.49 -14.23
N TYR B 178 41.59 -22.93 -15.34
CA TYR B 178 43.02 -22.94 -15.66
C TYR B 178 43.81 -22.23 -14.54
N ASP B 179 43.15 -21.26 -13.93
CA ASP B 179 43.71 -20.45 -12.85
C ASP B 179 44.15 -21.29 -11.66
N MET B 180 43.36 -22.32 -11.34
CA MET B 180 43.64 -23.21 -10.20
C MET B 180 43.65 -24.67 -10.64
N LYS B 181 44.86 -25.21 -10.81
CA LYS B 181 45.11 -26.61 -11.22
C LYS B 181 43.88 -27.53 -11.27
N THR B 182 43.01 -27.29 -12.25
CA THR B 182 41.85 -28.16 -12.50
C THR B 182 41.11 -27.75 -13.79
N THR B 183 40.00 -28.43 -14.07
CA THR B 183 39.18 -28.13 -15.24
C THR B 183 37.70 -28.12 -14.88
N CYS B 184 36.97 -27.18 -15.47
CA CYS B 184 35.53 -27.07 -15.29
C CYS B 184 34.97 -26.52 -16.58
N LEU B 185 33.72 -26.85 -16.89
CA LEU B 185 33.12 -26.43 -18.16
C LEU B 185 32.85 -24.93 -18.16
N PRO B 186 32.74 -24.33 -19.35
CA PRO B 186 32.44 -22.90 -19.47
C PRO B 186 31.13 -22.50 -18.79
N MET B 187 30.98 -21.20 -18.53
CA MET B 187 29.76 -20.66 -17.94
C MET B 187 28.62 -20.85 -18.92
N PHE B 188 27.44 -21.24 -18.42
CA PHE B 188 26.32 -21.56 -19.31
C PHE B 188 25.03 -20.78 -19.04
N GLY B 189 24.71 -20.51 -17.77
CA GLY B 189 23.52 -19.73 -17.44
C GLY B 189 22.37 -20.59 -16.95
N TYR B 190 21.55 -21.10 -17.87
CA TYR B 190 20.59 -22.14 -17.53
C TYR B 190 20.61 -23.26 -18.56
N LYS B 191 20.76 -24.48 -18.06
CA LYS B 191 20.87 -25.67 -18.89
C LYS B 191 19.83 -26.67 -18.41
N HIS B 192 18.80 -26.90 -19.22
CA HIS B 192 17.84 -27.96 -18.95
C HIS B 192 18.46 -29.27 -19.38
N VAL B 193 18.54 -30.23 -18.46
CA VAL B 193 19.18 -31.51 -18.77
C VAL B 193 18.14 -32.59 -19.00
N LEU B 194 17.25 -32.80 -18.02
CA LEU B 194 16.29 -33.91 -18.06
C LEU B 194 14.84 -33.44 -17.97
N THR B 195 14.05 -33.78 -18.98
CA THR B 195 12.61 -33.53 -18.94
C THR B 195 11.96 -34.54 -17.99
N LEU B 196 10.89 -34.12 -17.30
CA LEU B 196 10.25 -34.93 -16.27
C LEU B 196 9.85 -36.32 -16.77
N THR B 197 10.72 -37.30 -16.52
CA THR B 197 10.43 -38.70 -16.85
C THR B 197 10.10 -39.48 -15.58
N ASP B 198 9.33 -40.55 -15.75
CA ASP B 198 9.03 -41.47 -14.64
C ASP B 198 10.09 -42.56 -14.52
N GLN B 199 11.04 -42.56 -15.47
CA GLN B 199 12.18 -43.47 -15.44
C GLN B 199 13.26 -42.88 -14.52
N VAL B 200 13.03 -43.06 -13.23
CA VAL B 200 13.89 -42.54 -12.16
C VAL B 200 15.38 -42.86 -12.36
N THR B 201 15.67 -44.06 -12.84
CA THR B 201 17.04 -44.50 -13.03
C THR B 201 17.86 -43.53 -13.88
N ARG B 202 17.25 -42.92 -14.89
CA ARG B 202 17.97 -42.04 -15.80
C ARG B 202 18.31 -40.67 -15.18
N PHE B 203 17.67 -40.34 -14.05
CA PHE B 203 18.06 -39.19 -13.26
C PHE B 203 19.49 -39.37 -12.76
N ASN B 204 19.71 -40.52 -12.11
CA ASN B 204 21.04 -40.87 -11.60
C ASN B 204 22.09 -40.88 -12.72
N GLU B 205 21.67 -41.31 -13.90
CA GLU B 205 22.53 -41.40 -15.06
C GLU B 205 23.00 -40.02 -15.51
N GLU B 206 22.05 -39.10 -15.68
CA GLU B 206 22.34 -37.76 -16.18
C GLU B 206 23.12 -36.91 -15.19
N VAL B 207 22.74 -36.95 -13.92
CA VAL B 207 23.45 -36.22 -12.86
C VAL B 207 24.94 -36.60 -12.80
N LYS B 208 25.25 -37.86 -13.15
CA LYS B 208 26.63 -38.33 -13.17
C LYS B 208 27.41 -37.73 -14.35
N LYS B 209 26.71 -37.41 -15.44
CA LYS B 209 27.31 -36.73 -16.59
C LYS B 209 27.66 -35.28 -16.31
N GLN B 210 26.92 -34.64 -15.40
CA GLN B 210 27.10 -33.22 -15.12
C GLN B 210 28.45 -32.89 -14.48
N SER B 211 28.85 -31.64 -14.60
CA SER B 211 30.08 -31.11 -13.97
C SER B 211 29.96 -29.60 -13.76
N VAL B 212 30.63 -29.09 -12.72
CA VAL B 212 30.49 -27.69 -12.32
C VAL B 212 31.28 -26.72 -13.19
N SER B 213 30.86 -25.45 -13.13
CA SER B 213 31.56 -24.34 -13.78
C SER B 213 32.02 -23.38 -12.69
N ARG B 214 32.51 -22.21 -13.10
CA ARG B 214 33.01 -21.22 -12.16
C ARG B 214 32.49 -19.83 -12.52
N ASN B 215 32.29 -19.01 -11.50
CA ASN B 215 31.79 -17.63 -11.66
C ASN B 215 32.67 -16.67 -10.87
N ARG B 216 33.06 -15.56 -11.49
CA ARG B 216 33.86 -14.52 -10.84
C ARG B 216 33.07 -13.85 -9.71
N ASP B 217 31.80 -13.55 -10.00
CA ASP B 217 30.94 -12.80 -9.10
C ASP B 217 30.20 -13.74 -8.14
N ALA B 218 30.00 -13.30 -6.89
CA ALA B 218 29.36 -14.13 -5.87
C ALA B 218 27.89 -14.47 -6.18
N PRO B 219 27.04 -13.45 -6.42
CA PRO B 219 25.66 -13.75 -6.73
C PRO B 219 25.53 -14.43 -8.09
N GLU B 220 24.52 -15.29 -8.23
CA GLU B 220 24.31 -16.07 -9.45
C GLU B 220 22.92 -15.85 -10.04
N GLY B 221 22.69 -16.42 -11.22
CA GLY B 221 21.48 -16.12 -11.99
C GLY B 221 20.38 -17.15 -11.87
N GLY B 222 20.12 -17.61 -10.65
CA GLY B 222 19.09 -18.60 -10.40
C GLY B 222 17.71 -18.20 -10.90
N PHE B 223 17.39 -16.91 -10.80
CA PHE B 223 16.06 -16.44 -11.15
C PHE B 223 15.73 -16.57 -12.63
N ASP B 224 16.74 -16.53 -13.49
CA ASP B 224 16.55 -16.91 -14.88
C ASP B 224 16.07 -18.35 -14.92
N ALA B 225 16.84 -19.21 -14.26
CA ALA B 225 16.53 -20.63 -14.17
C ALA B 225 15.15 -20.87 -13.57
N ILE B 226 14.84 -20.20 -12.46
CA ILE B 226 13.52 -20.39 -11.82
C ILE B 226 12.40 -19.97 -12.76
N MET B 227 12.58 -18.85 -13.44
CA MET B 227 11.60 -18.35 -14.40
C MET B 227 11.41 -19.31 -15.58
N GLN B 228 12.52 -19.72 -16.19
CA GLN B 228 12.46 -20.58 -17.39
C GLN B 228 11.99 -22.01 -17.07
N ALA B 229 12.39 -22.54 -15.93
CA ALA B 229 11.90 -23.82 -15.48
C ALA B 229 10.39 -23.74 -15.27
N THR B 230 9.91 -22.58 -14.82
CA THR B 230 8.48 -22.34 -14.59
C THR B 230 7.66 -22.26 -15.88
N VAL B 231 8.13 -21.51 -16.87
CA VAL B 231 7.31 -21.16 -18.04
C VAL B 231 7.57 -21.98 -19.32
N CYS B 232 8.69 -22.70 -19.38
CA CYS B 232 8.95 -23.63 -20.48
C CYS B 232 8.34 -24.98 -20.14
N ASP B 233 7.05 -24.97 -19.90
CA ASP B 233 6.36 -26.16 -19.38
C ASP B 233 6.29 -27.30 -20.41
N GLU B 234 6.50 -26.98 -21.69
CA GLU B 234 6.61 -28.02 -22.70
C GLU B 234 7.97 -28.73 -22.59
N LYS B 235 9.04 -27.96 -22.43
CA LYS B 235 10.39 -28.52 -22.29
C LYS B 235 10.56 -29.30 -20.99
N ILE B 236 10.22 -28.69 -19.86
CA ILE B 236 10.34 -29.33 -18.57
C ILE B 236 9.33 -30.47 -18.44
N GLY B 237 8.14 -30.26 -19.00
CA GLY B 237 7.15 -31.31 -19.14
C GLY B 237 6.28 -31.54 -17.92
N TRP B 238 5.84 -30.45 -17.29
CA TRP B 238 4.91 -30.55 -16.17
C TRP B 238 3.59 -31.13 -16.66
N ARG B 239 3.02 -32.06 -15.91
CA ARG B 239 1.70 -32.61 -16.23
C ARG B 239 0.62 -31.66 -15.74
N ASN B 240 -0.63 -31.89 -16.13
CA ASN B 240 -1.73 -31.05 -15.68
C ASN B 240 -2.18 -31.48 -14.29
N ASP B 241 -2.71 -32.69 -14.19
CA ASP B 241 -3.15 -33.23 -12.91
C ASP B 241 -1.96 -33.83 -12.15
N ALA B 242 -1.19 -32.96 -11.52
CA ALA B 242 -0.04 -33.39 -10.70
C ALA B 242 0.55 -32.22 -9.93
N SER B 243 1.09 -32.48 -8.75
CA SER B 243 1.70 -31.45 -7.92
C SER B 243 3.09 -31.12 -8.43
N HIS B 244 3.39 -29.83 -8.55
CA HIS B 244 4.63 -29.38 -9.16
C HIS B 244 5.59 -28.85 -8.10
N LEU B 245 6.71 -29.55 -7.91
CA LEU B 245 7.75 -29.07 -7.01
C LEU B 245 8.96 -28.63 -7.82
N LEU B 246 9.37 -27.37 -7.65
CA LEU B 246 10.57 -26.86 -8.28
C LEU B 246 11.65 -26.68 -7.22
N VAL B 247 12.43 -27.74 -7.00
CA VAL B 247 13.47 -27.71 -5.97
C VAL B 247 14.65 -26.90 -6.47
N PHE B 248 14.83 -25.73 -5.89
CA PHE B 248 15.87 -24.78 -6.26
C PHE B 248 16.96 -24.82 -5.20
N THR B 249 18.13 -25.35 -5.55
CA THR B 249 19.21 -25.52 -4.57
C THR B 249 20.42 -24.66 -4.92
N THR B 250 20.80 -23.79 -4.00
CA THR B 250 21.98 -22.92 -4.15
C THR B 250 22.64 -22.69 -2.80
N ASP B 251 23.91 -22.32 -2.85
CA ASP B 251 24.68 -21.99 -1.64
C ASP B 251 25.18 -20.55 -1.67
N ALA B 252 24.62 -19.73 -2.57
CA ALA B 252 25.12 -18.37 -2.84
C ALA B 252 24.04 -17.30 -2.76
N LYS B 253 24.46 -16.04 -2.78
CA LYS B 253 23.57 -14.90 -3.04
C LYS B 253 22.97 -15.08 -4.43
N THR B 254 22.04 -14.21 -4.82
CA THR B 254 21.42 -14.30 -6.14
C THR B 254 21.28 -12.94 -6.77
N HIS B 255 21.59 -12.84 -8.06
CA HIS B 255 21.28 -11.61 -8.79
C HIS B 255 19.77 -11.41 -8.86
N ILE B 256 19.37 -10.15 -8.93
CA ILE B 256 17.98 -9.74 -8.97
C ILE B 256 17.76 -8.82 -10.17
N ALA B 257 16.50 -8.54 -10.49
CA ALA B 257 16.17 -7.70 -11.62
C ALA B 257 16.77 -6.31 -11.45
N LEU B 258 17.27 -5.75 -12.55
CA LEU B 258 18.00 -4.48 -12.62
C LEU B 258 19.51 -4.61 -12.36
N ASP B 259 19.96 -5.73 -11.80
CA ASP B 259 21.40 -6.01 -11.75
C ASP B 259 21.97 -6.05 -13.16
N GLY B 260 21.23 -6.65 -14.08
CA GLY B 260 21.68 -6.82 -15.46
C GLY B 260 22.16 -5.57 -16.20
N ARG B 261 21.83 -4.38 -15.71
CA ARG B 261 22.26 -3.14 -16.36
C ARG B 261 23.77 -3.02 -16.44
N LEU B 262 24.45 -3.41 -15.36
CA LEU B 262 25.91 -3.41 -15.34
C LEU B 262 26.46 -4.18 -16.54
N ALA B 263 25.84 -5.31 -16.86
CA ALA B 263 26.21 -6.12 -18.01
C ALA B 263 25.82 -5.48 -19.33
N GLY B 264 25.12 -4.35 -19.28
CA GLY B 264 24.58 -3.72 -20.47
C GLY B 264 23.32 -4.43 -20.96
N ILE B 265 22.70 -5.23 -20.08
CA ILE B 265 21.44 -5.92 -20.37
C ILE B 265 20.31 -5.06 -19.84
N VAL B 266 19.76 -4.22 -20.72
CA VAL B 266 18.78 -3.23 -20.30
C VAL B 266 17.35 -3.58 -20.75
N GLN B 267 17.12 -4.82 -21.16
CA GLN B 267 15.80 -5.27 -21.60
C GLN B 267 15.12 -6.07 -20.49
N PRO B 268 13.89 -5.69 -20.14
CA PRO B 268 13.21 -6.36 -19.03
C PRO B 268 12.79 -7.77 -19.39
N ASN B 269 12.66 -8.63 -18.38
CA ASN B 269 12.26 -10.02 -18.58
C ASN B 269 10.84 -10.07 -19.12
N ASP B 270 10.67 -10.73 -20.27
CA ASP B 270 9.38 -10.73 -20.96
C ASP B 270 8.40 -11.76 -20.40
N GLY B 271 8.92 -12.76 -19.69
CA GLY B 271 8.09 -13.80 -19.09
C GLY B 271 7.94 -15.02 -19.98
N GLN B 272 8.25 -14.87 -21.27
CA GLN B 272 8.11 -15.96 -22.23
C GLN B 272 9.19 -17.02 -22.04
N CYS B 273 8.98 -18.18 -22.64
CA CYS B 273 9.99 -19.24 -22.66
C CYS B 273 11.02 -18.99 -23.75
N HIS B 274 12.29 -19.26 -23.45
CA HIS B 274 13.39 -19.07 -24.41
C HIS B 274 14.45 -20.17 -24.34
N VAL B 275 14.02 -21.42 -24.17
CA VAL B 275 14.91 -22.57 -24.16
C VAL B 275 14.62 -23.42 -25.38
N GLY B 276 15.49 -23.32 -26.40
CA GLY B 276 15.27 -24.00 -27.68
C GLY B 276 15.72 -25.45 -27.72
N SER B 277 16.03 -25.92 -28.94
CA SER B 277 16.46 -27.30 -29.16
C SER B 277 17.78 -27.63 -28.47
N ASP B 278 18.64 -26.63 -28.29
CA ASP B 278 19.92 -26.82 -27.60
C ASP B 278 19.78 -26.89 -26.08
N ASN B 279 18.56 -26.72 -25.58
CA ASN B 279 18.27 -26.82 -24.15
C ASN B 279 19.01 -25.82 -23.27
N HIS B 280 19.36 -24.66 -23.84
CA HIS B 280 20.01 -23.58 -23.12
C HIS B 280 19.15 -22.33 -23.20
N TYR B 281 19.15 -21.55 -22.13
CA TYR B 281 18.35 -20.31 -22.06
C TYR B 281 18.97 -19.23 -22.92
N SER B 282 18.49 -19.12 -24.16
CA SER B 282 19.09 -18.23 -25.16
C SER B 282 18.88 -16.73 -24.88
N ALA B 283 17.92 -16.39 -24.03
CA ALA B 283 17.73 -14.99 -23.65
C ALA B 283 18.76 -14.55 -22.62
N SER B 284 19.44 -15.52 -22.00
CA SER B 284 20.38 -15.25 -20.92
C SER B 284 21.20 -13.98 -21.10
N THR B 285 21.86 -13.85 -22.24
CA THR B 285 22.80 -12.75 -22.47
C THR B 285 22.19 -11.49 -23.11
N THR B 286 20.86 -11.43 -23.20
CA THR B 286 20.19 -10.24 -23.76
C THR B 286 19.01 -9.72 -22.91
N MET B 287 18.50 -10.56 -21.99
CA MET B 287 17.33 -10.23 -21.19
C MET B 287 17.72 -10.17 -19.72
N ASP B 288 17.14 -9.21 -18.99
CA ASP B 288 17.48 -9.00 -17.58
C ASP B 288 16.85 -10.07 -16.69
N TYR B 289 17.36 -10.20 -15.46
CA TYR B 289 16.81 -11.11 -14.46
C TYR B 289 15.36 -10.72 -14.16
N PRO B 290 14.49 -11.72 -13.95
CA PRO B 290 13.08 -11.43 -13.66
C PRO B 290 12.89 -10.88 -12.26
N SER B 291 11.89 -10.02 -12.08
CA SER B 291 11.59 -9.45 -10.78
C SER B 291 10.69 -10.40 -9.99
N LEU B 292 10.75 -10.31 -8.66
CA LEU B 292 9.96 -11.16 -7.76
C LEU B 292 8.49 -11.17 -8.13
N GLY B 293 7.97 -10.00 -8.50
CA GLY B 293 6.58 -9.88 -8.94
C GLY B 293 6.30 -10.74 -10.17
N LEU B 294 7.24 -10.73 -11.12
CA LEU B 294 7.07 -11.51 -12.35
C LEU B 294 7.21 -12.98 -12.04
N MET B 295 8.18 -13.32 -11.19
CA MET B 295 8.33 -14.71 -10.74
C MET B 295 7.05 -15.19 -10.04
N THR B 296 6.45 -14.33 -9.23
CA THR B 296 5.24 -14.70 -8.50
C THR B 296 4.08 -15.03 -9.43
N GLU B 297 3.82 -14.19 -10.42
CA GLU B 297 2.63 -14.39 -11.27
C GLU B 297 2.74 -15.61 -12.19
N LYS B 298 3.97 -16.01 -12.51
CA LYS B 298 4.18 -17.16 -13.39
C LYS B 298 4.21 -18.46 -12.60
N LEU B 299 4.80 -18.45 -11.41
CA LEU B 299 4.69 -19.59 -10.50
C LEU B 299 3.21 -19.90 -10.22
N SER B 300 2.45 -18.86 -9.96
CA SER B 300 1.03 -19.00 -9.69
C SER B 300 0.23 -19.49 -10.91
N GLN B 301 0.57 -18.95 -12.08
CA GLN B 301 -0.14 -19.30 -13.31
C GLN B 301 0.12 -20.74 -13.76
N LYS B 302 1.33 -21.24 -13.51
CA LYS B 302 1.67 -22.62 -13.87
C LYS B 302 1.66 -23.56 -12.66
N ASN B 303 1.08 -23.10 -11.56
CA ASN B 303 0.91 -23.90 -10.35
C ASN B 303 2.19 -24.63 -9.93
N ILE B 304 3.29 -23.88 -9.91
CA ILE B 304 4.60 -24.41 -9.54
C ILE B 304 4.92 -24.03 -8.10
N ASN B 305 5.35 -25.00 -7.31
CA ASN B 305 5.80 -24.73 -5.93
C ASN B 305 7.31 -24.61 -5.85
N LEU B 306 7.79 -23.37 -5.78
CA LEU B 306 9.21 -23.11 -5.66
C LEU B 306 9.70 -23.48 -4.28
N ILE B 307 10.62 -24.42 -4.21
CA ILE B 307 11.25 -24.82 -2.95
C ILE B 307 12.68 -24.30 -2.89
N PHE B 308 12.95 -23.43 -1.92
CA PHE B 308 14.29 -22.89 -1.69
C PHE B 308 15.12 -23.83 -0.80
N ALA B 309 15.92 -24.71 -1.43
CA ALA B 309 16.88 -25.54 -0.71
C ALA B 309 18.22 -24.81 -0.61
N VAL B 310 18.36 -23.95 0.38
CA VAL B 310 19.55 -23.11 0.49
C VAL B 310 20.41 -23.45 1.71
N THR B 311 21.69 -23.09 1.65
CA THR B 311 22.63 -23.40 2.73
C THR B 311 22.56 -22.38 3.87
N GLU B 312 22.93 -22.83 5.07
CA GLU B 312 22.77 -22.03 6.30
C GLU B 312 23.29 -20.60 6.18
N ASN B 313 24.49 -20.46 5.63
CA ASN B 313 25.13 -19.16 5.46
C ASN B 313 24.23 -18.12 4.77
N VAL B 314 23.32 -18.59 3.94
CA VAL B 314 22.50 -17.71 3.11
C VAL B 314 21.00 -17.97 3.30
N VAL B 315 20.63 -18.62 4.41
CA VAL B 315 19.23 -19.02 4.64
C VAL B 315 18.32 -17.83 4.98
N ASN B 316 18.78 -16.94 5.84
CA ASN B 316 18.01 -15.73 6.17
C ASN B 316 17.60 -14.98 4.91
N LEU B 317 18.54 -14.89 3.99
CA LEU B 317 18.31 -14.19 2.73
C LEU B 317 17.08 -14.74 2.02
N TYR B 318 17.10 -16.02 1.70
CA TYR B 318 16.02 -16.64 0.92
C TYR B 318 14.72 -16.79 1.71
N GLN B 319 14.82 -16.73 3.03
CA GLN B 319 13.64 -16.70 3.88
C GLN B 319 12.91 -15.38 3.64
N ASN B 320 13.67 -14.30 3.58
CA ASN B 320 13.10 -12.98 3.33
C ASN B 320 12.51 -12.88 1.94
N TYR B 321 13.21 -13.46 0.97
CA TYR B 321 12.72 -13.48 -0.40
C TYR B 321 11.47 -14.34 -0.47
N SER B 322 11.54 -15.53 0.12
CA SER B 322 10.40 -16.45 0.15
C SER B 322 9.16 -15.73 0.67
N GLU B 323 9.37 -14.90 1.68
CA GLU B 323 8.31 -14.15 2.32
C GLU B 323 7.70 -13.09 1.40
N LEU B 324 8.45 -12.67 0.38
CA LEU B 324 7.94 -11.76 -0.65
C LEU B 324 7.34 -12.51 -1.84
N ILE B 325 7.42 -13.85 -1.81
CA ILE B 325 6.89 -14.69 -2.87
C ILE B 325 6.00 -15.75 -2.21
N PRO B 326 4.81 -15.34 -1.73
CA PRO B 326 3.96 -16.20 -0.92
C PRO B 326 3.73 -17.59 -1.51
N GLY B 327 3.71 -18.60 -0.64
CA GLY B 327 3.53 -19.99 -1.06
C GLY B 327 4.84 -20.74 -1.16
N THR B 328 5.93 -19.99 -1.34
CA THR B 328 7.26 -20.57 -1.47
C THR B 328 7.73 -21.15 -0.15
N THR B 329 8.43 -22.27 -0.22
CA THR B 329 8.99 -22.92 0.97
C THR B 329 10.51 -22.74 0.98
N VAL B 330 11.11 -22.83 2.16
CA VAL B 330 12.57 -22.75 2.28
C VAL B 330 13.09 -23.68 3.38
N GLY B 331 14.16 -24.41 3.07
CA GLY B 331 14.77 -25.36 4.00
C GLY B 331 16.28 -25.29 3.99
N VAL B 332 16.91 -25.71 5.08
CA VAL B 332 18.35 -25.66 5.20
C VAL B 332 19.00 -26.82 4.46
N LEU B 333 19.82 -26.49 3.46
CA LEU B 333 20.56 -27.49 2.70
C LEU B 333 21.92 -27.73 3.33
N SER B 334 22.43 -28.94 3.16
CA SER B 334 23.78 -29.28 3.61
C SER B 334 24.83 -28.63 2.72
N MET B 335 26.08 -28.65 3.18
CA MET B 335 27.22 -28.16 2.41
C MET B 335 27.43 -29.03 1.17
N ASP B 336 27.02 -30.29 1.27
CA ASP B 336 27.17 -31.27 0.20
C ASP B 336 25.83 -31.89 -0.21
N SER B 337 24.73 -31.24 0.16
CA SER B 337 23.38 -31.70 -0.20
C SER B 337 23.02 -33.12 0.31
N SER B 338 23.57 -33.52 1.45
CA SER B 338 23.25 -34.81 2.05
C SER B 338 21.76 -34.90 2.40
N ASN B 339 21.21 -33.79 2.87
CA ASN B 339 19.88 -33.76 3.47
C ASN B 339 18.77 -33.34 2.53
N VAL B 340 19.02 -33.37 1.22
CA VAL B 340 18.03 -32.92 0.24
C VAL B 340 16.77 -33.78 0.30
N LEU B 341 16.95 -35.09 0.23
CA LEU B 341 15.85 -36.04 0.39
C LEU B 341 14.78 -35.49 1.34
N GLN B 342 15.14 -35.36 2.61
CA GLN B 342 14.18 -35.03 3.66
C GLN B 342 13.62 -33.63 3.48
N LEU B 343 14.44 -32.70 2.99
CA LEU B 343 13.98 -31.35 2.70
C LEU B 343 12.84 -31.35 1.69
N ILE B 344 12.98 -32.16 0.64
CA ILE B 344 11.95 -32.30 -0.39
C ILE B 344 10.69 -32.92 0.21
N VAL B 345 10.87 -34.01 0.94
CA VAL B 345 9.79 -34.68 1.65
C VAL B 345 9.10 -33.73 2.63
N ASP B 346 9.89 -33.01 3.41
CA ASP B 346 9.37 -32.02 4.36
C ASP B 346 8.64 -30.89 3.64
N ALA B 347 9.17 -30.47 2.49
CA ALA B 347 8.56 -29.41 1.71
C ALA B 347 7.21 -29.82 1.15
N TYR B 348 7.11 -31.08 0.74
CA TYR B 348 5.87 -31.60 0.16
C TYR B 348 4.72 -31.51 1.18
N GLY B 349 4.94 -32.09 2.36
CA GLY B 349 3.97 -32.05 3.45
C GLY B 349 3.65 -30.62 3.86
N LYS B 350 4.64 -29.74 3.74
CA LYS B 350 4.44 -28.31 3.99
C LYS B 350 3.35 -27.79 3.06
N ILE B 351 3.58 -27.98 1.76
CA ILE B 351 2.74 -27.33 0.75
C ILE B 351 1.43 -28.06 0.45
N ARG B 352 1.23 -29.22 1.06
CA ARG B 352 -0.07 -29.90 1.01
C ARG B 352 -0.78 -29.84 2.35
N SER B 353 -0.25 -29.05 3.29
CA SER B 353 -0.93 -28.81 4.55
C SER B 353 -1.87 -27.61 4.44
N LYS B 354 -1.74 -26.83 3.36
CA LYS B 354 -2.44 -25.56 3.23
C LYS B 354 -3.34 -25.52 2.01
N VAL B 355 -4.37 -24.70 2.07
CA VAL B 355 -5.29 -24.49 0.95
C VAL B 355 -5.91 -23.08 1.03
N GLU B 356 -5.46 -22.20 0.12
CA GLU B 356 -5.96 -20.83 0.04
C GLU B 356 -6.55 -20.61 -1.33
N LEU B 357 -7.75 -20.02 -1.38
CA LEU B 357 -8.40 -19.73 -2.67
C LEU B 357 -7.76 -18.52 -3.37
N GLU B 358 -7.96 -18.47 -4.69
CA GLU B 358 -7.54 -17.35 -5.54
C GLU B 358 -8.74 -16.89 -6.38
N VAL B 359 -8.71 -15.65 -6.84
CA VAL B 359 -9.77 -15.11 -7.70
C VAL B 359 -9.14 -14.44 -8.92
N ARG B 360 -9.54 -14.87 -10.12
CA ARG B 360 -9.02 -14.28 -11.36
C ARG B 360 -10.14 -13.76 -12.25
N ASP B 361 -9.90 -12.59 -12.85
CA ASP B 361 -10.84 -11.94 -13.77
C ASP B 361 -12.15 -11.53 -13.08
N LEU B 362 -12.06 -11.18 -11.81
CA LEU B 362 -13.24 -10.75 -11.04
C LEU B 362 -13.76 -9.43 -11.61
N PRO B 363 -15.02 -9.42 -12.10
CA PRO B 363 -15.63 -8.18 -12.58
C PRO B 363 -15.50 -7.03 -11.58
N GLU B 364 -15.10 -5.86 -12.08
CA GLU B 364 -14.81 -4.71 -11.21
C GLU B 364 -15.91 -4.43 -10.19
N GLU B 365 -17.16 -4.43 -10.65
CA GLU B 365 -18.27 -3.95 -9.85
C GLU B 365 -18.85 -5.03 -8.93
N LEU B 366 -18.29 -6.23 -9.02
CA LEU B 366 -18.69 -7.34 -8.17
C LEU B 366 -17.73 -7.40 -6.97
N SER B 367 -18.21 -7.96 -5.86
CA SER B 367 -17.44 -8.08 -4.62
C SER B 367 -17.72 -9.43 -3.95
N LEU B 368 -16.70 -10.03 -3.36
CA LEU B 368 -16.84 -11.35 -2.75
C LEU B 368 -16.50 -11.38 -1.26
N SER B 369 -17.15 -12.28 -0.53
CA SER B 369 -16.96 -12.45 0.90
C SER B 369 -16.76 -13.92 1.18
N PHE B 370 -15.80 -14.25 2.04
CA PHE B 370 -15.48 -15.63 2.34
C PHE B 370 -15.63 -15.95 3.80
N ASN B 371 -16.25 -17.09 4.08
CA ASN B 371 -16.16 -17.73 5.38
C ASN B 371 -15.44 -19.07 5.17
N ALA B 372 -14.61 -19.46 6.14
CA ALA B 372 -13.84 -20.70 6.04
C ALA B 372 -14.30 -21.72 7.06
N THR B 373 -14.62 -22.93 6.61
CA THR B 373 -14.89 -24.06 7.48
C THR B 373 -13.83 -25.12 7.24
N CYS B 374 -12.93 -25.31 8.21
CA CYS B 374 -11.76 -26.18 8.04
C CYS B 374 -11.46 -27.10 9.19
N LEU B 375 -12.04 -26.82 10.35
CA LEU B 375 -12.00 -27.73 11.49
C LEU B 375 -13.43 -28.12 11.81
N ASN B 376 -13.72 -29.42 11.74
CA ASN B 376 -15.03 -29.94 12.09
C ASN B 376 -16.13 -29.14 11.39
N ASN B 377 -16.99 -28.46 12.15
CA ASN B 377 -18.01 -27.58 11.56
C ASN B 377 -17.86 -26.13 12.04
N GLU B 378 -16.67 -25.77 12.49
CA GLU B 378 -16.39 -24.42 12.96
C GLU B 378 -16.14 -23.50 11.77
N VAL B 379 -17.00 -22.50 11.63
CA VAL B 379 -16.89 -21.53 10.54
C VAL B 379 -16.20 -20.25 11.06
N ILE B 380 -15.00 -19.98 10.54
CA ILE B 380 -14.28 -18.74 10.85
C ILE B 380 -14.45 -17.76 9.68
N PRO B 381 -15.05 -16.59 9.94
CA PRO B 381 -15.50 -15.72 8.86
C PRO B 381 -14.41 -14.79 8.33
N GLY B 382 -14.62 -14.29 7.12
CA GLY B 382 -13.65 -13.41 6.48
C GLY B 382 -12.32 -14.10 6.22
N LEU B 383 -12.37 -15.40 5.92
CA LEU B 383 -11.16 -16.17 5.68
C LEU B 383 -11.30 -17.04 4.44
N LYS B 384 -10.30 -16.95 3.56
CA LYS B 384 -10.30 -17.67 2.30
C LYS B 384 -9.17 -18.72 2.26
N SER B 385 -8.57 -18.98 3.43
CA SER B 385 -7.36 -19.77 3.54
C SER B 385 -7.45 -20.76 4.69
N CYS B 386 -6.83 -21.93 4.53
CA CYS B 386 -6.77 -22.92 5.61
C CYS B 386 -5.51 -23.77 5.65
N MET B 387 -5.01 -23.94 6.87
CA MET B 387 -3.69 -24.52 7.11
C MET B 387 -3.77 -25.69 8.08
N GLY B 388 -2.61 -26.27 8.36
CA GLY B 388 -2.50 -27.34 9.36
C GLY B 388 -3.08 -28.66 8.89
N LEU B 389 -3.38 -28.75 7.60
CA LEU B 389 -4.09 -29.90 7.07
C LEU B 389 -3.12 -31.03 6.76
N LYS B 390 -3.69 -32.16 6.32
CA LYS B 390 -2.90 -33.31 5.91
C LYS B 390 -3.62 -34.03 4.78
N ILE B 391 -2.85 -34.75 3.96
CA ILE B 391 -3.37 -35.36 2.74
C ILE B 391 -4.55 -36.27 3.09
N GLY B 392 -5.69 -36.02 2.43
CA GLY B 392 -6.93 -36.74 2.72
C GLY B 392 -8.05 -35.81 3.18
N ASP B 393 -7.67 -34.69 3.78
CA ASP B 393 -8.62 -33.74 4.35
C ASP B 393 -9.36 -32.94 3.29
N THR B 394 -10.59 -32.55 3.63
CA THR B 394 -11.42 -31.71 2.78
C THR B 394 -11.87 -30.50 3.58
N VAL B 395 -11.57 -29.31 3.08
CA VAL B 395 -12.06 -28.08 3.69
C VAL B 395 -13.19 -27.52 2.87
N SER B 396 -13.84 -26.49 3.41
CA SER B 396 -14.96 -25.86 2.74
C SER B 396 -14.97 -24.34 2.95
N PHE B 397 -15.52 -23.64 1.97
CA PHE B 397 -15.58 -22.18 1.99
C PHE B 397 -16.95 -21.72 1.53
N SER B 398 -17.48 -20.69 2.18
CA SER B 398 -18.76 -20.10 1.80
C SER B 398 -18.50 -18.74 1.18
N ILE B 399 -19.07 -18.52 -0.01
CA ILE B 399 -18.82 -17.31 -0.78
C ILE B 399 -20.11 -16.52 -0.97
N GLU B 400 -20.01 -15.20 -0.95
CA GLU B 400 -21.15 -14.32 -1.26
C GLU B 400 -20.74 -13.31 -2.32
N ALA B 401 -21.39 -13.38 -3.48
CA ALA B 401 -21.11 -12.46 -4.59
C ALA B 401 -22.18 -11.39 -4.65
N LYS B 402 -21.78 -10.13 -4.51
CA LYS B 402 -22.71 -9.01 -4.56
C LYS B 402 -22.28 -8.00 -5.62
N VAL B 403 -23.23 -7.60 -6.46
CA VAL B 403 -23.00 -6.59 -7.50
C VAL B 403 -23.40 -5.22 -6.98
N ARG B 404 -22.75 -4.18 -7.51
CA ARG B 404 -23.15 -2.82 -7.21
C ARG B 404 -23.71 -2.17 -8.46
N GLY B 405 -25.03 -2.03 -8.50
CA GLY B 405 -25.69 -1.43 -9.65
C GLY B 405 -25.80 -2.39 -10.83
N CYS B 406 -25.76 -1.83 -12.04
CA CYS B 406 -26.04 -2.56 -13.27
C CYS B 406 -24.90 -2.38 -14.27
N PRO B 407 -23.89 -3.26 -14.20
CA PRO B 407 -22.75 -3.27 -15.13
C PRO B 407 -23.10 -3.51 -16.60
N GLN B 408 -22.05 -3.67 -17.41
CA GLN B 408 -22.15 -3.76 -18.87
C GLN B 408 -23.11 -4.83 -19.37
N GLU B 409 -23.64 -4.61 -20.57
CA GLU B 409 -24.53 -5.57 -21.22
C GLU B 409 -23.69 -6.72 -21.82
N LYS B 410 -23.10 -7.54 -20.94
CA LYS B 410 -22.22 -8.62 -21.39
C LYS B 410 -22.00 -9.64 -20.27
N GLU B 411 -22.19 -10.91 -20.59
CA GLU B 411 -21.98 -12.00 -19.64
C GLU B 411 -20.48 -12.16 -19.39
N LYS B 412 -20.06 -12.02 -18.14
CA LYS B 412 -18.65 -12.11 -17.77
C LYS B 412 -18.36 -13.33 -16.90
N SER B 413 -17.24 -14.00 -17.19
CA SER B 413 -16.83 -15.19 -16.45
C SER B 413 -15.56 -14.93 -15.67
N PHE B 414 -15.48 -15.51 -14.47
CA PHE B 414 -14.28 -15.43 -13.64
C PHE B 414 -14.10 -16.75 -12.90
N THR B 415 -12.95 -16.92 -12.27
CA THR B 415 -12.57 -18.21 -11.70
C THR B 415 -12.11 -18.11 -10.23
N ILE B 416 -12.60 -19.00 -9.39
CA ILE B 416 -12.17 -19.15 -7.99
C ILE B 416 -11.51 -20.50 -7.81
N LYS B 417 -10.21 -20.52 -7.52
CA LYS B 417 -9.49 -21.79 -7.32
C LYS B 417 -8.46 -21.74 -6.20
N PRO B 418 -8.03 -22.92 -5.72
CA PRO B 418 -6.98 -22.98 -4.72
C PRO B 418 -5.62 -22.79 -5.37
N VAL B 419 -4.72 -22.12 -4.64
CA VAL B 419 -3.37 -21.87 -5.13
C VAL B 419 -2.69 -23.19 -5.47
N GLY B 420 -2.08 -23.25 -6.64
CA GLY B 420 -1.33 -24.43 -7.06
C GLY B 420 -2.13 -25.64 -7.49
N PHE B 421 -3.46 -25.51 -7.52
CA PHE B 421 -4.36 -26.60 -7.91
C PHE B 421 -4.73 -26.48 -9.38
N LYS B 422 -4.99 -27.61 -10.03
CA LYS B 422 -5.49 -27.60 -11.40
C LYS B 422 -6.98 -27.25 -11.39
N ASP B 423 -7.74 -27.90 -10.53
CA ASP B 423 -9.19 -27.72 -10.43
C ASP B 423 -9.60 -26.31 -9.98
N SER B 424 -10.83 -25.94 -10.33
CA SER B 424 -11.33 -24.59 -10.13
C SER B 424 -12.84 -24.51 -10.29
N LEU B 425 -13.45 -23.55 -9.59
CA LEU B 425 -14.82 -23.18 -9.83
C LEU B 425 -14.85 -22.02 -10.82
N ILE B 426 -15.55 -22.20 -11.95
CA ILE B 426 -15.71 -21.13 -12.92
C ILE B 426 -17.11 -20.52 -12.77
N VAL B 427 -17.16 -19.20 -12.57
CA VAL B 427 -18.42 -18.53 -12.24
C VAL B 427 -18.87 -17.59 -13.35
N GLN B 428 -19.84 -18.02 -14.15
CA GLN B 428 -20.39 -17.20 -15.23
C GLN B 428 -21.38 -16.21 -14.64
N VAL B 429 -21.04 -14.93 -14.71
CA VAL B 429 -21.92 -13.87 -14.20
C VAL B 429 -22.67 -13.21 -15.33
N THR B 430 -24.00 -13.20 -15.23
CA THR B 430 -24.85 -12.40 -16.10
C THR B 430 -25.56 -11.38 -15.22
N PHE B 431 -25.57 -10.13 -15.66
CA PHE B 431 -26.20 -9.06 -14.90
C PHE B 431 -27.60 -8.80 -15.42
N ASP B 432 -28.58 -9.21 -14.63
CA ASP B 432 -29.98 -9.19 -15.02
C ASP B 432 -30.64 -7.91 -14.50
N CYS B 433 -30.45 -6.81 -15.22
CA CYS B 433 -30.99 -5.50 -14.84
C CYS B 433 -31.54 -4.74 -16.04
N ASP B 434 -32.40 -5.43 -16.78
CA ASP B 434 -33.19 -4.84 -17.86
C ASP B 434 -34.49 -5.65 -17.97
N CYS B 435 -35.60 -4.94 -18.09
CA CYS B 435 -36.92 -5.59 -18.15
C CYS B 435 -37.18 -6.20 -19.52
N ALA B 436 -38.05 -7.21 -19.56
CA ALA B 436 -38.36 -7.93 -20.81
C ALA B 436 -39.01 -7.01 -21.85
N CYS B 437 -39.72 -5.99 -21.38
CA CYS B 437 -40.43 -5.04 -22.25
C CYS B 437 -39.57 -3.86 -22.71
N GLN B 438 -38.34 -3.76 -22.22
CA GLN B 438 -37.43 -2.67 -22.59
C GLN B 438 -37.34 -2.51 -24.11
N ALA B 439 -36.96 -3.58 -24.79
CA ALA B 439 -36.79 -3.58 -26.26
C ALA B 439 -38.12 -3.33 -26.98
N GLN B 440 -39.20 -3.87 -26.45
CA GLN B 440 -40.53 -3.68 -27.01
C GLN B 440 -41.12 -2.37 -26.50
N ALA B 441 -40.57 -1.27 -27.03
CA ALA B 441 -40.91 0.07 -26.57
C ALA B 441 -40.47 1.08 -27.61
N GLU B 442 -41.45 1.66 -28.31
CA GLU B 442 -41.17 2.65 -29.35
C GLU B 442 -41.71 3.99 -28.91
N PRO B 443 -40.82 4.98 -28.70
CA PRO B 443 -41.28 6.28 -28.22
C PRO B 443 -41.86 7.14 -29.34
N ASN B 444 -41.02 7.43 -30.33
CA ASN B 444 -41.40 8.19 -31.53
C ASN B 444 -42.71 8.97 -31.44
N SER B 445 -42.68 10.09 -30.73
CA SER B 445 -43.79 11.05 -30.67
C SER B 445 -45.11 10.47 -30.14
N HIS B 446 -45.98 10.00 -31.04
CA HIS B 446 -47.36 9.66 -30.68
C HIS B 446 -47.44 8.34 -29.90
N ARG B 447 -48.65 7.80 -29.79
CA ARG B 447 -48.93 6.53 -29.09
C ARG B 447 -49.07 6.76 -27.58
N CYS B 448 -48.19 7.57 -26.99
CA CYS B 448 -48.41 8.08 -25.64
C CYS B 448 -49.31 9.33 -25.72
N ASN B 449 -50.61 9.08 -25.84
CA ASN B 449 -51.66 10.13 -25.85
C ASN B 449 -51.61 11.04 -27.07
N ASN B 450 -52.56 11.98 -27.14
CA ASN B 450 -52.63 12.94 -28.26
C ASN B 450 -51.56 14.04 -28.13
N GLY B 451 -50.30 13.63 -28.22
CA GLY B 451 -49.16 14.53 -28.11
C GLY B 451 -47.92 13.89 -28.70
N ASN B 452 -46.76 14.37 -28.24
CA ASN B 452 -45.48 13.86 -28.73
C ASN B 452 -44.55 13.64 -27.56
N GLY B 453 -44.38 12.39 -27.17
CA GLY B 453 -43.47 12.05 -26.10
C GLY B 453 -42.90 10.67 -26.34
N THR B 454 -42.71 9.93 -25.25
CA THR B 454 -42.04 8.63 -25.34
C THR B 454 -42.71 7.58 -24.46
N PHE B 455 -42.68 6.34 -24.93
CA PHE B 455 -43.53 5.28 -24.44
C PHE B 455 -42.75 4.00 -24.13
N GLU B 456 -43.17 3.28 -23.08
CA GLU B 456 -42.72 1.90 -22.84
C GLU B 456 -43.31 1.26 -21.56
N CYS B 457 -43.14 -0.06 -21.47
CA CYS B 457 -43.60 -0.87 -20.34
C CYS B 457 -44.79 -0.34 -19.55
N GLY B 458 -45.93 -0.19 -20.23
CA GLY B 458 -47.18 0.18 -19.56
C GLY B 458 -47.28 1.62 -19.07
N VAL B 459 -46.29 2.45 -19.36
CA VAL B 459 -46.32 3.84 -18.95
C VAL B 459 -45.44 4.65 -19.87
N CYS B 460 -45.52 5.98 -19.78
CA CYS B 460 -44.70 6.81 -20.65
C CYS B 460 -44.16 8.05 -19.97
N ARG B 461 -43.00 8.45 -20.47
CA ARG B 461 -42.32 9.66 -20.06
C ARG B 461 -42.56 10.59 -21.23
N CYS B 462 -43.00 11.82 -21.00
CA CYS B 462 -43.12 12.74 -22.12
C CYS B 462 -41.77 13.42 -22.35
N GLY B 463 -41.53 13.85 -23.59
CA GLY B 463 -40.26 14.44 -23.99
C GLY B 463 -39.90 15.72 -23.25
N PRO B 464 -38.69 16.25 -23.51
CA PRO B 464 -38.12 17.42 -22.81
C PRO B 464 -39.12 18.55 -22.54
N GLY B 465 -39.55 18.67 -21.29
CA GLY B 465 -40.49 19.71 -20.87
C GLY B 465 -41.93 19.35 -21.18
N TRP B 466 -42.44 18.35 -20.49
CA TRP B 466 -43.86 17.98 -20.58
C TRP B 466 -44.29 17.12 -19.38
N LEU B 467 -43.87 15.86 -19.38
CA LEU B 467 -44.33 14.84 -18.42
C LEU B 467 -45.86 14.82 -18.24
N GLY B 468 -46.33 14.48 -17.03
CA GLY B 468 -47.76 14.30 -16.77
C GLY B 468 -48.15 12.85 -16.98
N SER B 469 -49.07 12.35 -16.14
CA SER B 469 -49.50 10.94 -16.19
C SER B 469 -49.75 10.45 -17.62
N GLN B 470 -50.55 11.22 -18.35
CA GLN B 470 -50.69 11.04 -19.80
C GLN B 470 -49.66 11.93 -20.48
N CYS B 471 -50.07 13.14 -20.91
CA CYS B 471 -49.12 14.09 -21.51
C CYS B 471 -49.70 15.52 -21.57
N GLU B 472 -49.40 16.33 -20.55
CA GLU B 472 -49.90 17.71 -20.46
C GLU B 472 -48.88 18.69 -19.85
N CYS B 473 -49.20 19.98 -19.98
CA CYS B 473 -48.39 21.12 -19.47
C CYS B 473 -46.88 21.03 -19.73
N SER B 474 -46.40 21.82 -20.69
CA SER B 474 -44.99 21.81 -21.09
C SER B 474 -44.10 22.49 -20.07
N GLU B 475 -44.45 23.72 -19.70
CA GLU B 475 -43.60 24.56 -18.86
C GLU B 475 -44.43 25.59 -18.09
N GLU B 476 -45.09 25.12 -17.03
CA GLU B 476 -45.95 25.95 -16.20
C GLU B 476 -46.97 26.71 -17.06
N ASP B 477 -47.44 27.88 -16.59
CA ASP B 477 -48.46 28.64 -17.32
C ASP B 477 -49.68 27.75 -17.52
N TYR B 478 -50.02 27.02 -16.46
CA TYR B 478 -50.93 25.87 -16.50
C TYR B 478 -50.89 25.16 -15.15
N ARG B 479 -49.68 25.04 -14.59
CA ARG B 479 -49.44 24.48 -13.26
C ARG B 479 -50.49 24.87 -12.20
N PRO B 480 -50.76 26.19 -12.01
CA PRO B 480 -51.85 26.64 -11.13
C PRO B 480 -53.05 25.69 -10.99
N SER B 481 -52.82 24.59 -10.27
CA SER B 481 -53.77 23.47 -10.11
C SER B 481 -52.98 22.26 -9.60
N GLN B 482 -53.51 21.05 -9.79
CA GLN B 482 -52.84 19.79 -9.42
C GLN B 482 -52.53 19.67 -7.92
N GLN B 483 -51.51 20.39 -7.45
CA GLN B 483 -51.06 20.39 -6.05
C GLN B 483 -50.22 19.15 -5.71
N ASP B 484 -50.76 17.97 -6.03
CA ASP B 484 -50.05 16.69 -5.90
C ASP B 484 -49.95 16.19 -4.45
N GLU B 485 -50.01 14.87 -4.29
CA GLU B 485 -49.59 14.22 -3.07
C GLU B 485 -48.06 14.34 -3.02
N CYS B 486 -47.58 15.55 -2.74
CA CYS B 486 -46.17 15.88 -2.96
C CYS B 486 -45.31 15.46 -1.76
N SER B 487 -45.40 16.18 -0.65
CA SER B 487 -44.72 15.76 0.59
C SER B 487 -45.66 14.90 1.42
N PRO B 488 -45.20 13.71 1.87
CA PRO B 488 -46.07 12.82 2.64
C PRO B 488 -46.59 13.50 3.91
N ARG B 489 -47.89 13.33 4.17
CA ARG B 489 -48.64 14.03 5.23
C ARG B 489 -49.25 15.37 4.78
N GLU B 490 -48.72 15.96 3.71
CA GLU B 490 -49.23 17.22 3.15
C GLU B 490 -49.19 18.37 4.16
N GLY B 491 -48.10 18.45 4.93
CA GLY B 491 -47.92 19.49 5.94
C GLY B 491 -47.38 20.80 5.40
N GLN B 492 -47.24 20.89 4.07
CA GLN B 492 -46.82 22.08 3.30
C GLN B 492 -45.46 22.00 2.60
N PRO B 493 -44.50 21.19 3.10
CA PRO B 493 -43.24 21.23 2.35
C PRO B 493 -43.44 20.81 0.90
N VAL B 494 -42.78 21.48 -0.03
CA VAL B 494 -43.03 21.26 -1.47
C VAL B 494 -42.28 20.02 -1.99
N CYS B 495 -40.99 20.17 -2.32
CA CYS B 495 -40.18 19.05 -2.80
C CYS B 495 -38.83 19.04 -2.08
N SER B 496 -38.86 18.68 -0.81
CA SER B 496 -37.66 18.72 0.03
C SER B 496 -36.94 20.05 -0.15
N GLN B 497 -37.72 21.13 -0.16
CA GLN B 497 -37.24 22.50 -0.44
C GLN B 497 -36.66 22.67 -1.85
N ARG B 498 -35.53 22.04 -2.12
CA ARG B 498 -34.85 22.19 -3.41
C ARG B 498 -35.59 21.46 -4.53
N GLY B 499 -36.67 22.08 -4.99
CA GLY B 499 -37.50 21.56 -6.08
C GLY B 499 -38.90 22.13 -6.02
N GLU B 500 -39.58 22.13 -7.16
CA GLU B 500 -40.92 22.70 -7.28
C GLU B 500 -41.92 21.63 -7.72
N CYS B 501 -43.10 21.62 -7.11
CA CYS B 501 -44.10 20.57 -7.36
C CYS B 501 -44.97 20.93 -8.58
N LEU B 502 -44.76 20.24 -9.69
CA LEU B 502 -45.51 20.46 -10.93
C LEU B 502 -46.15 19.18 -11.47
N CYS B 503 -47.36 19.31 -12.02
CA CYS B 503 -47.99 18.26 -12.82
C CYS B 503 -48.11 16.91 -12.13
N GLY B 504 -48.31 16.93 -10.81
CA GLY B 504 -48.37 15.68 -10.03
C GLY B 504 -47.01 15.05 -9.81
N GLN B 505 -45.97 15.88 -9.74
CA GLN B 505 -44.61 15.42 -9.45
C GLN B 505 -43.72 16.60 -9.06
N CYS B 506 -42.42 16.36 -8.92
CA CYS B 506 -41.47 17.42 -8.58
C CYS B 506 -40.50 17.76 -9.71
N VAL B 507 -40.06 19.01 -9.71
CA VAL B 507 -39.01 19.48 -10.60
C VAL B 507 -37.86 19.98 -9.73
N CYS B 508 -36.92 19.07 -9.46
CA CYS B 508 -35.77 19.38 -8.62
C CYS B 508 -34.84 20.35 -9.36
N HIS B 509 -35.09 21.64 -9.16
CA HIS B 509 -34.44 22.71 -9.92
C HIS B 509 -32.92 22.72 -9.76
N SER B 510 -32.43 22.27 -8.61
CA SER B 510 -31.01 22.33 -8.30
C SER B 510 -30.19 21.36 -9.13
N SER B 511 -28.94 21.73 -9.35
CA SER B 511 -27.93 20.86 -9.94
C SER B 511 -26.61 21.15 -9.23
N ASP B 512 -26.68 21.16 -7.90
CA ASP B 512 -25.61 21.68 -7.06
C ASP B 512 -24.40 20.75 -7.01
N PHE B 513 -23.36 21.11 -7.77
CA PHE B 513 -22.14 20.30 -7.91
C PHE B 513 -22.38 18.78 -7.87
N GLY B 514 -23.41 18.31 -8.58
CA GLY B 514 -23.73 16.89 -8.60
C GLY B 514 -25.16 16.58 -9.04
N LYS B 515 -25.55 15.33 -8.82
CA LYS B 515 -26.86 14.82 -9.24
C LYS B 515 -27.90 14.99 -8.11
N ILE B 516 -29.19 14.98 -8.48
CA ILE B 516 -30.27 15.17 -7.51
C ILE B 516 -31.56 14.48 -7.99
N THR B 517 -31.76 13.24 -7.53
CA THR B 517 -32.86 12.40 -7.98
C THR B 517 -33.78 12.09 -6.82
N GLY B 518 -34.89 11.42 -7.12
CA GLY B 518 -35.91 11.10 -6.12
C GLY B 518 -37.16 11.91 -6.40
N LYS B 519 -38.31 11.24 -6.47
CA LYS B 519 -39.54 11.89 -6.94
C LYS B 519 -40.09 13.00 -6.04
N TYR B 520 -39.59 13.11 -4.80
CA TYR B 520 -39.86 14.29 -3.97
C TYR B 520 -38.56 15.09 -3.77
N CYS B 521 -37.63 14.96 -4.73
CA CYS B 521 -36.24 15.40 -4.56
C CYS B 521 -35.68 14.77 -3.29
N GLU B 522 -35.96 13.48 -3.15
CA GLU B 522 -35.56 12.69 -2.00
C GLU B 522 -34.05 12.71 -1.77
N CYS B 523 -33.31 12.37 -2.82
CA CYS B 523 -31.93 11.95 -2.66
C CYS B 523 -30.90 12.99 -3.09
N ASP B 524 -29.87 13.14 -2.26
CA ASP B 524 -28.67 13.87 -2.60
C ASP B 524 -27.66 12.85 -3.10
N ASP B 525 -26.92 13.23 -4.14
CA ASP B 525 -25.87 12.38 -4.68
C ASP B 525 -24.56 12.62 -3.92
N PHE B 526 -24.46 13.76 -3.25
CA PHE B 526 -23.21 14.24 -2.64
C PHE B 526 -23.26 14.26 -1.11
N SER B 527 -24.33 14.82 -0.56
CA SER B 527 -24.47 14.99 0.90
C SER B 527 -24.40 13.65 1.64
N CYS B 528 -23.19 13.26 2.02
CA CYS B 528 -22.92 11.94 2.57
C CYS B 528 -21.97 12.01 3.74
N VAL B 529 -21.77 10.88 4.41
CA VAL B 529 -20.90 10.80 5.58
C VAL B 529 -19.45 10.99 5.14
N ARG B 530 -18.66 11.61 6.02
CA ARG B 530 -17.23 11.85 5.77
C ARG B 530 -16.40 11.19 6.85
N TYR B 531 -15.35 10.49 6.45
CA TYR B 531 -14.39 9.90 7.40
C TYR B 531 -13.22 10.88 7.61
N LYS B 532 -12.72 11.43 6.51
CA LYS B 532 -11.71 12.49 6.54
C LYS B 532 -11.38 12.97 5.12
N GLY B 533 -12.09 13.99 4.67
CA GLY B 533 -11.88 14.58 3.35
C GLY B 533 -12.84 14.06 2.30
N GLU B 534 -12.59 12.84 1.82
CA GLU B 534 -13.42 12.22 0.77
C GLU B 534 -14.80 11.80 1.30
N MET B 535 -15.71 11.48 0.37
CA MET B 535 -17.08 11.08 0.72
C MET B 535 -17.11 9.80 1.59
N CYS B 536 -17.10 8.64 0.96
CA CYS B 536 -17.14 7.36 1.67
C CYS B 536 -15.73 6.90 2.01
N SER B 537 -14.99 7.75 2.73
CA SER B 537 -13.56 7.56 2.96
C SER B 537 -12.80 7.41 1.65
N GLY B 538 -13.36 7.93 0.57
CA GLY B 538 -12.81 7.73 -0.76
C GLY B 538 -12.85 6.28 -1.22
N HIS B 539 -13.76 5.50 -0.65
CA HIS B 539 -13.91 4.07 -0.96
C HIS B 539 -15.38 3.68 -1.08
N GLY B 540 -16.14 4.46 -1.85
CA GLY B 540 -17.56 4.15 -2.04
C GLY B 540 -18.33 5.19 -2.83
N GLN B 541 -19.39 4.74 -3.49
CA GLN B 541 -20.33 5.61 -4.19
C GLN B 541 -21.50 5.93 -3.27
N CYS B 542 -22.23 7.00 -3.57
CA CYS B 542 -23.28 7.47 -2.67
C CYS B 542 -24.64 7.65 -3.35
N SER B 543 -25.70 7.30 -2.62
CA SER B 543 -27.07 7.39 -3.12
C SER B 543 -28.05 7.59 -1.96
N CYS B 544 -28.73 8.74 -1.97
CA CYS B 544 -29.68 9.13 -0.91
C CYS B 544 -29.02 9.19 0.47
N GLY B 545 -27.76 9.59 0.51
CA GLY B 545 -27.01 9.66 1.76
C GLY B 545 -26.72 8.28 2.33
N ASP B 546 -26.31 7.36 1.46
CA ASP B 546 -25.90 6.03 1.90
C ASP B 546 -24.69 5.57 1.09
N CYS B 547 -23.62 5.23 1.80
CA CYS B 547 -22.39 4.78 1.17
C CYS B 547 -22.50 3.33 0.68
N LEU B 548 -22.35 3.16 -0.63
CA LEU B 548 -22.22 1.84 -1.23
C LEU B 548 -20.72 1.61 -1.39
N CYS B 549 -20.18 0.63 -0.67
CA CYS B 549 -18.72 0.49 -0.55
C CYS B 549 -18.06 -0.19 -1.74
N ASP B 550 -16.83 0.21 -2.01
CA ASP B 550 -16.00 -0.45 -3.02
C ASP B 550 -15.66 -1.84 -2.54
N SER B 551 -15.32 -2.73 -3.48
CA SER B 551 -14.85 -4.07 -3.15
C SER B 551 -13.71 -3.98 -2.14
N ASP B 552 -13.71 -4.90 -1.18
CA ASP B 552 -12.72 -4.93 -0.09
C ASP B 552 -12.88 -3.78 0.92
N TRP B 553 -14.08 -3.22 1.01
CA TRP B 553 -14.39 -2.23 2.02
C TRP B 553 -15.79 -2.47 2.56
N THR B 554 -15.98 -2.21 3.86
CA THR B 554 -17.23 -2.47 4.56
C THR B 554 -17.52 -1.39 5.59
N GLY B 555 -18.68 -1.50 6.24
CA GLY B 555 -19.07 -0.54 7.27
C GLY B 555 -19.77 0.68 6.71
N TYR B 556 -20.48 1.39 7.59
CA TYR B 556 -21.28 2.55 7.21
C TYR B 556 -20.45 3.65 6.56
N TYR B 557 -19.19 3.77 6.99
CA TYR B 557 -18.29 4.81 6.50
C TYR B 557 -17.44 4.35 5.32
N CYS B 558 -17.46 3.05 5.00
CA CYS B 558 -16.52 2.45 4.05
C CYS B 558 -15.06 2.73 4.43
N ASN B 559 -14.76 2.60 5.72
CA ASN B 559 -13.37 2.71 6.20
C ASN B 559 -12.82 1.40 6.77
N CYS B 560 -13.66 0.36 6.78
CA CYS B 560 -13.24 -0.94 7.30
C CYS B 560 -12.79 -1.88 6.18
N THR B 561 -11.49 -2.14 6.14
CA THR B 561 -10.90 -3.06 5.17
C THR B 561 -11.35 -4.49 5.43
N THR B 562 -11.34 -5.30 4.38
CA THR B 562 -11.65 -6.72 4.50
C THR B 562 -10.38 -7.57 4.40
N ARG B 563 -9.22 -6.94 4.56
CA ARG B 563 -7.94 -7.65 4.47
C ARG B 563 -7.59 -8.33 5.80
N THR B 564 -6.91 -9.47 5.70
CA THR B 564 -6.48 -10.24 6.88
C THR B 564 -4.96 -10.31 7.06
N ASP B 565 -4.20 -10.05 5.99
CA ASP B 565 -2.74 -10.16 6.03
C ASP B 565 -2.10 -9.24 7.08
N THR B 566 -2.73 -8.10 7.34
CA THR B 566 -2.28 -7.20 8.39
C THR B 566 -2.51 -7.80 9.78
N CYS B 567 -3.48 -8.72 9.88
CA CYS B 567 -3.70 -9.46 11.12
C CYS B 567 -2.81 -10.70 11.23
N MET B 568 -2.16 -11.06 10.13
CA MET B 568 -1.32 -12.26 10.08
C MET B 568 0.02 -12.00 10.76
N SER B 569 0.66 -13.07 11.22
CA SER B 569 2.01 -13.00 11.78
C SER B 569 2.91 -14.02 11.10
N SER B 570 4.22 -13.88 11.30
CA SER B 570 5.20 -14.83 10.78
C SER B 570 5.02 -16.20 11.41
N ASN B 571 4.40 -16.22 12.59
CA ASN B 571 3.80 -17.41 13.19
C ASN B 571 3.12 -18.30 12.13
N GLY B 572 2.25 -17.68 11.33
CA GLY B 572 1.44 -18.39 10.34
C GLY B 572 -0.03 -18.17 10.62
N LEU B 573 -0.42 -18.34 11.89
CA LEU B 573 -1.81 -18.22 12.33
C LEU B 573 -2.23 -16.76 12.48
N LEU B 574 -3.55 -16.54 12.37
CA LEU B 574 -4.13 -15.20 12.37
C LEU B 574 -4.21 -14.65 13.79
N CYS B 575 -3.83 -13.39 13.97
CA CYS B 575 -3.78 -12.74 15.28
C CYS B 575 -3.12 -13.63 16.35
N SER B 576 -2.02 -14.27 15.98
CA SER B 576 -1.29 -15.18 16.87
C SER B 576 -2.18 -16.24 17.52
N GLY B 577 -3.23 -16.66 16.80
CA GLY B 577 -4.23 -17.56 17.37
C GLY B 577 -4.68 -17.14 18.75
N ARG B 578 -4.86 -15.84 18.94
CA ARG B 578 -5.16 -15.28 20.25
C ARG B 578 -6.09 -14.06 20.18
N GLY B 579 -6.75 -13.87 19.04
CA GLY B 579 -7.63 -12.73 18.84
C GLY B 579 -8.37 -12.80 17.52
N LYS B 580 -9.23 -11.80 17.26
CA LYS B 580 -10.00 -11.74 16.01
C LYS B 580 -9.65 -10.50 15.20
N CYS B 581 -9.73 -10.63 13.88
CA CYS B 581 -9.29 -9.60 12.94
C CYS B 581 -10.47 -8.71 12.58
N GLU B 582 -10.36 -7.42 12.90
CA GLU B 582 -11.42 -6.45 12.63
C GLU B 582 -10.87 -5.23 11.90
N CYS B 583 -11.20 -5.13 10.62
CA CYS B 583 -10.71 -4.08 9.73
C CYS B 583 -9.19 -4.10 9.61
N GLY B 584 -8.65 -5.30 9.34
CA GLY B 584 -7.21 -5.48 9.19
C GLY B 584 -6.41 -5.11 10.42
N SER B 585 -7.01 -5.30 11.59
CA SER B 585 -6.35 -5.02 12.86
C SER B 585 -6.89 -5.98 13.90
N CYS B 586 -5.99 -6.55 14.69
CA CYS B 586 -6.37 -7.55 15.69
C CYS B 586 -6.94 -6.91 16.93
N VAL B 587 -8.15 -7.31 17.29
CA VAL B 587 -8.68 -7.02 18.61
C VAL B 587 -8.38 -8.22 19.47
N CYS B 588 -7.52 -8.03 20.47
CA CYS B 588 -7.01 -9.13 21.30
C CYS B 588 -8.04 -9.66 22.28
N ILE B 589 -8.02 -10.97 22.50
CA ILE B 589 -8.97 -11.66 23.37
C ILE B 589 -8.41 -11.71 24.80
N GLN B 590 -9.13 -12.36 25.71
CA GLN B 590 -8.87 -12.32 27.17
C GLN B 590 -7.48 -12.68 27.75
N PRO B 591 -6.59 -13.36 26.99
CA PRO B 591 -5.35 -13.70 27.68
C PRO B 591 -4.48 -12.56 28.26
N GLY B 592 -4.94 -11.30 28.22
CA GLY B 592 -4.14 -10.17 28.68
C GLY B 592 -2.99 -9.91 27.72
N SER B 593 -3.31 -10.01 26.43
CA SER B 593 -2.32 -10.01 25.35
C SER B 593 -2.40 -8.73 24.51
N TYR B 594 -1.31 -8.41 23.85
CA TYR B 594 -1.24 -7.20 23.04
C TYR B 594 -0.21 -7.30 21.93
N GLY B 595 -0.05 -6.23 21.16
CA GLY B 595 0.80 -6.23 19.97
C GLY B 595 -0.09 -6.21 18.75
N ASP B 596 0.48 -5.87 17.61
CA ASP B 596 -0.30 -5.75 16.36
C ASP B 596 -1.01 -7.03 15.98
N THR B 597 -0.42 -8.17 16.34
CA THR B 597 -1.01 -9.45 16.03
C THR B 597 -1.24 -10.29 17.30
N CYS B 598 -1.37 -9.61 18.44
CA CYS B 598 -1.52 -10.26 19.75
C CYS B 598 -0.36 -11.22 20.05
N GLU B 599 0.82 -10.90 19.55
CA GLU B 599 1.98 -11.77 19.72
C GLU B 599 2.58 -11.67 21.13
N LYS B 600 2.41 -10.50 21.75
CA LYS B 600 2.99 -10.23 23.06
C LYS B 600 2.00 -10.61 24.15
N CYS B 601 2.48 -11.35 25.13
CA CYS B 601 1.66 -11.74 26.28
C CYS B 601 2.57 -12.24 27.43
N PRO B 602 3.38 -11.34 28.00
CA PRO B 602 4.32 -11.76 29.03
C PRO B 602 3.67 -12.39 30.24
N THR B 603 2.40 -12.04 30.50
CA THR B 603 1.66 -12.56 31.65
C THR B 603 0.83 -13.80 31.30
N CYS B 604 0.98 -14.32 30.08
CA CYS B 604 0.32 -15.57 29.72
C CYS B 604 0.95 -16.73 30.47
N PRO B 605 0.14 -17.77 30.74
CA PRO B 605 0.73 -18.95 31.35
C PRO B 605 1.77 -19.58 30.44
N ASP B 606 2.66 -20.37 31.03
CA ASP B 606 3.78 -20.95 30.31
C ASP B 606 3.31 -22.01 29.33
N ALA B 607 4.17 -22.37 28.39
CA ALA B 607 3.87 -23.37 27.36
C ALA B 607 3.35 -24.68 27.95
N CYS B 608 3.85 -25.05 29.13
CA CYS B 608 3.46 -26.28 29.81
C CYS B 608 1.96 -26.50 29.84
N THR B 609 1.22 -25.45 30.21
CA THR B 609 -0.23 -25.57 30.39
C THR B 609 -0.94 -25.82 29.05
N PHE B 610 -0.35 -25.36 27.95
CA PHE B 610 -0.93 -25.57 26.61
C PHE B 610 -0.49 -26.89 25.97
N LYS B 611 0.68 -27.39 26.35
CA LYS B 611 1.21 -28.64 25.83
C LYS B 611 0.59 -29.83 26.52
N LYS B 612 0.35 -29.71 27.83
CA LYS B 612 -0.14 -30.84 28.63
C LYS B 612 -1.48 -31.33 28.09
N GLU B 613 -2.38 -30.40 27.78
CA GLU B 613 -3.71 -30.78 27.31
C GLU B 613 -3.62 -31.46 25.95
N CYS B 614 -2.50 -31.29 25.28
CA CYS B 614 -2.21 -31.98 24.06
C CYS B 614 -1.44 -33.30 24.29
N VAL B 615 -0.69 -33.38 25.39
CA VAL B 615 -0.14 -34.66 25.85
C VAL B 615 -1.27 -35.56 26.36
N GLU B 616 -2.03 -35.04 27.32
CA GLU B 616 -3.23 -35.71 27.83
C GLU B 616 -4.15 -36.11 26.67
N CYS B 617 -4.25 -35.24 25.69
CA CYS B 617 -4.96 -35.49 24.44
C CYS B 617 -4.44 -36.71 23.70
N LYS B 618 -3.15 -36.65 23.36
CA LYS B 618 -2.56 -37.54 22.39
C LYS B 618 -2.14 -38.87 23.01
N LYS B 619 -1.54 -38.79 24.20
CA LYS B 619 -0.96 -39.96 24.85
C LYS B 619 -1.89 -40.63 25.86
N PHE B 620 -2.93 -39.92 26.29
CA PHE B 620 -3.89 -40.47 27.23
C PHE B 620 -5.34 -40.51 26.72
N ASP B 621 -5.61 -39.92 25.56
CA ASP B 621 -6.92 -40.00 24.93
C ASP B 621 -7.98 -39.21 25.74
N ARG B 622 -7.54 -38.18 26.46
CA ARG B 622 -8.42 -37.37 27.31
C ARG B 622 -8.18 -35.88 27.13
N GLY B 623 -9.01 -35.08 27.78
CA GLY B 623 -8.80 -33.65 27.87
C GLY B 623 -9.75 -32.81 27.03
N ALA B 624 -9.52 -31.51 27.04
CA ALA B 624 -10.35 -30.55 26.31
C ALA B 624 -10.26 -30.80 24.81
N LEU B 625 -9.02 -30.89 24.30
CA LEU B 625 -8.78 -31.08 22.87
C LEU B 625 -9.38 -32.38 22.35
N HIS B 626 -9.44 -33.38 23.21
CA HIS B 626 -10.06 -34.65 22.87
C HIS B 626 -11.55 -34.48 22.70
N ASP B 627 -12.17 -33.74 23.62
CA ASP B 627 -13.62 -33.54 23.60
C ASP B 627 -14.10 -32.67 22.44
N GLU B 628 -13.33 -31.63 22.08
CA GLU B 628 -13.70 -30.82 20.91
C GLU B 628 -13.36 -31.58 19.61
N ASN B 629 -12.60 -32.66 19.72
CA ASN B 629 -12.05 -33.38 18.56
C ASN B 629 -11.21 -32.45 17.72
N THR B 630 -10.20 -31.87 18.37
CA THR B 630 -9.24 -31.00 17.70
C THR B 630 -7.80 -31.45 17.99
N CYS B 631 -7.64 -32.65 18.53
CA CYS B 631 -6.33 -33.20 18.86
C CYS B 631 -5.46 -33.26 17.62
N ASN B 632 -5.94 -34.02 16.64
CA ASN B 632 -5.17 -34.37 15.46
C ASN B 632 -4.76 -33.14 14.65
N ARG B 633 -5.57 -32.09 14.72
CA ARG B 633 -5.26 -30.84 14.03
C ARG B 633 -4.38 -29.92 14.87
N TYR B 634 -4.85 -29.55 16.06
CA TYR B 634 -4.22 -28.48 16.82
C TYR B 634 -2.82 -28.80 17.35
N CYS B 635 -2.37 -30.04 17.27
CA CYS B 635 -0.97 -30.30 17.62
C CYS B 635 -0.32 -31.50 16.94
N ARG B 636 0.63 -31.19 16.05
CA ARG B 636 1.45 -32.16 15.36
C ARG B 636 2.91 -32.09 15.82
N ASP B 637 3.11 -31.83 17.12
CA ASP B 637 4.42 -32.03 17.73
C ASP B 637 4.60 -33.54 17.89
N GLU B 638 5.81 -34.03 17.65
CA GLU B 638 6.09 -35.46 17.80
C GLU B 638 6.22 -35.83 19.28
N ILE B 639 5.16 -36.42 19.84
CA ILE B 639 5.20 -36.90 21.22
C ILE B 639 5.81 -38.30 21.28
N GLU B 640 7.06 -38.39 21.71
CA GLU B 640 7.69 -39.67 21.99
C GLU B 640 7.53 -39.99 23.47
N SER B 641 8.03 -41.15 23.89
CA SER B 641 7.79 -41.63 25.25
C SER B 641 9.05 -42.25 25.84
N VAL B 642 9.89 -41.42 26.44
CA VAL B 642 11.12 -41.89 27.08
C VAL B 642 10.82 -42.52 28.43
N LYS B 643 11.81 -43.21 29.00
CA LYS B 643 11.70 -43.71 30.38
C LYS B 643 12.37 -42.74 31.36
N GLU B 644 13.22 -41.85 30.84
CA GLU B 644 13.94 -40.88 31.66
C GLU B 644 14.21 -39.60 30.88
N LEU B 645 14.13 -38.46 31.56
CA LEU B 645 14.54 -37.17 30.98
C LEU B 645 16.04 -37.00 31.21
N LYS B 646 16.63 -35.96 30.62
CA LYS B 646 18.07 -35.72 30.75
C LYS B 646 18.41 -34.24 30.96
N ASP B 647 19.37 -33.99 31.84
CA ASP B 647 20.03 -32.69 31.92
C ASP B 647 21.03 -32.61 30.77
N THR B 648 20.48 -32.44 29.56
CA THR B 648 21.25 -32.61 28.31
C THR B 648 22.03 -31.35 27.89
N GLY B 649 21.80 -30.24 28.57
CA GLY B 649 22.46 -28.97 28.24
C GLY B 649 21.90 -28.35 26.96
N LYS B 650 20.65 -28.66 26.65
CA LYS B 650 19.98 -28.20 25.44
C LYS B 650 18.69 -27.47 25.81
N ASP B 651 17.87 -27.14 24.81
CA ASP B 651 16.58 -26.49 25.05
C ASP B 651 15.60 -27.46 25.73
N ALA B 652 15.75 -27.59 27.04
CA ALA B 652 14.87 -28.45 27.85
C ALA B 652 13.93 -27.60 28.68
N VAL B 653 12.71 -28.11 28.87
CA VAL B 653 11.68 -27.43 29.65
C VAL B 653 10.83 -28.48 30.36
N ASN B 654 11.12 -28.74 31.64
CA ASN B 654 10.41 -29.78 32.40
C ASN B 654 9.03 -29.31 32.85
N CYS B 655 7.99 -29.92 32.27
CA CYS B 655 6.61 -29.65 32.67
C CYS B 655 6.07 -30.84 33.40
N THR B 656 5.44 -30.60 34.54
CA THR B 656 4.86 -31.66 35.35
C THR B 656 3.43 -31.30 35.70
N TYR B 657 2.53 -32.28 35.67
CA TYR B 657 1.15 -32.04 36.07
C TYR B 657 0.49 -33.29 36.65
N LYS B 658 -0.52 -33.07 37.49
CA LYS B 658 -1.32 -34.15 38.03
C LYS B 658 -2.51 -34.39 37.13
N ASN B 659 -2.62 -35.60 36.59
CA ASN B 659 -3.73 -35.98 35.72
C ASN B 659 -4.93 -36.46 36.54
N GLU B 660 -6.04 -36.72 35.86
CA GLU B 660 -7.28 -37.10 36.54
C GLU B 660 -7.20 -38.48 37.22
N ASP B 661 -6.19 -39.28 36.87
CA ASP B 661 -5.85 -40.49 37.62
C ASP B 661 -5.06 -40.18 38.91
N ASP B 662 -4.74 -38.90 39.13
CA ASP B 662 -3.98 -38.42 40.30
C ASP B 662 -2.50 -38.84 40.27
N CYS B 663 -1.95 -39.02 39.07
CA CYS B 663 -0.53 -39.36 38.91
C CYS B 663 0.23 -38.17 38.33
N VAL B 664 1.46 -37.97 38.79
CA VAL B 664 2.29 -36.87 38.32
C VAL B 664 3.03 -37.21 37.01
N VAL B 665 2.45 -36.76 35.90
CA VAL B 665 3.09 -36.90 34.59
C VAL B 665 4.17 -35.82 34.44
N ARG B 666 5.30 -36.21 33.87
CA ARG B 666 6.43 -35.30 33.68
C ARG B 666 6.93 -35.40 32.25
N PHE B 667 7.09 -34.27 31.58
CA PHE B 667 7.53 -34.27 30.17
C PHE B 667 8.38 -33.04 29.83
N GLN B 668 9.45 -33.25 29.09
CA GLN B 668 10.29 -32.14 28.62
C GLN B 668 10.00 -31.83 27.16
N TYR B 669 10.24 -30.58 26.80
CA TYR B 669 9.85 -30.03 25.51
C TYR B 669 11.11 -29.56 24.79
N TYR B 670 11.18 -29.82 23.48
CA TYR B 670 12.41 -29.61 22.71
C TYR B 670 12.11 -29.01 21.33
N GLU B 671 12.28 -27.69 21.23
CA GLU B 671 12.10 -26.97 19.96
C GLU B 671 13.44 -26.83 19.24
N ASP B 672 13.41 -26.15 18.09
CA ASP B 672 14.61 -25.93 17.27
C ASP B 672 15.39 -27.22 16.99
N SER B 673 14.65 -28.28 16.69
CA SER B 673 15.23 -29.54 16.22
C SER B 673 15.26 -29.49 14.70
N SER B 674 15.94 -28.47 14.16
CA SER B 674 15.88 -28.11 12.73
C SER B 674 14.53 -27.49 12.37
N GLY B 675 14.14 -26.46 13.11
CA GLY B 675 12.91 -25.70 12.85
C GLY B 675 11.61 -26.43 13.17
N LYS B 676 11.70 -27.49 13.97
CA LYS B 676 10.53 -28.27 14.37
C LYS B 676 10.64 -28.72 15.82
N SER B 677 9.50 -29.07 16.42
CA SER B 677 9.43 -29.30 17.87
C SER B 677 8.93 -30.70 18.24
N ILE B 678 9.72 -31.40 19.05
CA ILE B 678 9.36 -32.73 19.57
C ILE B 678 9.13 -32.68 21.08
N LEU B 679 8.50 -33.73 21.62
CA LEU B 679 8.02 -33.70 22.99
C LEU B 679 8.19 -35.07 23.65
N TYR B 680 9.06 -35.15 24.66
CA TYR B 680 9.33 -36.43 25.34
C TYR B 680 8.52 -36.56 26.62
N VAL B 681 7.97 -37.75 26.87
CA VAL B 681 7.22 -38.02 28.10
C VAL B 681 7.79 -39.20 28.86
N VAL B 682 8.02 -39.00 30.16
CA VAL B 682 8.42 -40.09 31.03
C VAL B 682 7.30 -41.13 31.01
N GLU B 683 7.63 -42.35 30.57
CA GLU B 683 6.63 -43.41 30.41
C GLU B 683 6.11 -43.95 31.75
N GLU B 684 6.78 -43.61 32.84
CA GLU B 684 6.35 -44.04 34.17
C GLU B 684 5.95 -42.86 35.06
N PRO B 685 4.73 -42.33 34.86
CA PRO B 685 4.16 -41.35 35.78
C PRO B 685 4.22 -41.78 37.23
N GLU B 686 4.29 -40.82 38.14
CA GLU B 686 4.41 -41.12 39.56
C GLU B 686 3.02 -41.24 40.16
N CYS B 687 2.72 -42.39 40.75
CA CYS B 687 1.40 -42.68 41.29
C CYS B 687 1.45 -43.08 42.76
N PRO B 688 0.31 -43.02 43.46
CA PRO B 688 0.22 -43.57 44.82
C PRO B 688 0.63 -45.06 44.88
N LYS B 689 1.00 -45.50 46.09
CA LYS B 689 1.50 -46.87 46.30
C LYS B 689 0.68 -47.62 47.34
N GLY B 690 -0.20 -48.51 46.86
CA GLY B 690 -1.00 -49.36 47.73
C GLY B 690 -0.16 -50.52 48.24
N PRO B 691 -0.57 -51.15 49.35
CA PRO B 691 0.14 -52.28 49.97
C PRO B 691 0.75 -53.26 48.95
N ASP B 692 2.08 -53.25 48.84
CA ASP B 692 2.79 -54.12 47.88
C ASP B 692 3.96 -54.86 48.56
N ILE B 693 3.71 -55.36 49.77
CA ILE B 693 4.68 -56.16 50.53
C ILE B 693 4.62 -57.63 50.04
N LEU B 694 5.14 -57.84 48.82
CA LEU B 694 5.04 -59.11 48.09
C LEU B 694 3.61 -59.47 47.62
N VAL B 695 2.63 -58.62 47.95
CA VAL B 695 1.22 -58.82 47.56
C VAL B 695 0.76 -57.67 46.69
C1 NAG C . 26.67 -1.71 -36.08
C2 NAG C . 25.31 -2.37 -35.98
C3 NAG C . 25.47 -3.86 -35.78
C4 NAG C . 26.38 -4.47 -36.84
C5 NAG C . 27.64 -3.65 -37.07
C6 NAG C . 28.31 -4.09 -38.37
C7 NAG C . 23.95 -0.57 -34.98
C8 NAG C . 23.53 0.09 -33.70
N2 NAG C . 24.52 -1.78 -34.89
O3 NAG C . 24.22 -4.49 -35.87
O4 NAG C . 26.85 -5.69 -36.35
O5 NAG C . 27.38 -2.26 -37.16
O6 NAG C . 29.67 -4.35 -38.12
O7 NAG C . 23.75 0.02 -36.04
C1 NAG C . 26.31 -6.87 -36.96
C2 NAG C . 26.81 -7.96 -36.03
C3 NAG C . 26.25 -9.32 -36.37
C4 NAG C . 24.71 -9.22 -36.40
C5 NAG C . 24.31 -8.13 -37.42
C6 NAG C . 22.79 -7.96 -37.48
C7 NAG C . 28.94 -7.68 -34.89
C8 NAG C . 28.63 -8.38 -33.59
N2 NAG C . 28.26 -8.03 -35.99
O3 NAG C . 26.67 -10.13 -35.30
O4 NAG C . 23.97 -10.43 -36.56
O5 NAG C . 24.89 -6.89 -37.06
O6 NAG C . 22.33 -7.36 -36.28
O7 NAG C . 29.81 -6.80 -34.92
C1 BMA C . 24.51 -11.59 -37.26
C2 BMA C . 25.63 -12.26 -36.45
C3 BMA C . 25.88 -13.73 -36.76
C4 BMA C . 24.56 -14.46 -36.59
C5 BMA C . 23.54 -13.90 -37.57
C6 BMA C . 22.16 -14.49 -37.28
O2 BMA C . 25.38 -12.11 -35.04
O3 BMA C . 26.92 -14.27 -35.91
O4 BMA C . 24.76 -15.86 -36.80
O5 BMA C . 23.41 -12.47 -37.54
O6 BMA C . 21.18 -13.88 -38.14
C1 MAN C . 28.20 -13.60 -36.12
C2 MAN C . 29.35 -14.61 -36.05
C3 MAN C . 30.59 -14.02 -35.35
C4 MAN C . 30.25 -13.51 -33.95
C5 MAN C . 28.83 -12.91 -33.90
C6 MAN C . 28.81 -11.68 -32.99
O2 MAN C . 29.70 -15.01 -37.36
O3 MAN C . 31.13 -12.97 -36.11
O4 MAN C . 30.35 -14.56 -33.02
O5 MAN C . 28.42 -12.54 -35.20
O6 MAN C . 29.20 -12.02 -31.68
C1 MAN C . 20.94 -14.69 -39.31
C2 MAN C . 20.40 -13.80 -40.44
C3 MAN C . 18.92 -13.48 -40.30
C4 MAN C . 18.09 -14.68 -39.82
C5 MAN C . 18.76 -15.37 -38.64
C6 MAN C . 17.99 -16.60 -38.18
O2 MAN C . 20.67 -14.41 -41.69
O3 MAN C . 18.41 -13.03 -41.55
O4 MAN C . 16.81 -14.22 -39.42
O5 MAN C . 20.07 -15.77 -39.03
O6 MAN C . 18.02 -16.67 -36.77
C1 NAG D . 35.89 16.05 6.55
C2 NAG D . 36.56 15.62 7.86
C3 NAG D . 35.54 15.56 8.98
C4 NAG D . 34.77 16.88 9.05
C5 NAG D . 34.14 17.18 7.69
C6 NAG D . 33.39 18.51 7.68
C7 NAG D . 38.36 14.21 6.98
C8 NAG D . 38.54 12.90 6.26
N2 NAG D . 37.24 14.34 7.70
O3 NAG D . 36.20 15.28 10.19
O4 NAG D . 33.76 16.84 10.04
O5 NAG D . 35.17 17.24 6.73
O6 NAG D . 33.46 19.08 6.38
O7 NAG D . 39.21 15.10 6.89
C1 NAG D . 34.20 17.40 11.29
C2 NAG D . 33.17 17.04 12.37
C3 NAG D . 33.58 17.63 13.72
C4 NAG D . 35.02 17.24 14.06
C5 NAG D . 35.97 17.52 12.90
C6 NAG D . 37.38 16.99 13.16
C7 NAG D . 30.74 16.75 12.24
C8 NAG D . 30.65 15.39 11.62
N2 NAG D . 31.84 17.48 11.98
O3 NAG D . 32.71 17.16 14.72
O4 NAG D . 35.44 17.95 15.21
O5 NAG D . 35.46 16.93 11.70
O6 NAG D . 37.41 15.58 13.26
O7 NAG D . 29.84 17.17 12.96
C1 NAG E . 26.15 4.61 6.49
C2 NAG E . 27.08 4.92 7.65
C3 NAG E . 28.49 4.41 7.36
C4 NAG E . 28.46 2.95 6.96
C5 NAG E . 27.41 2.68 5.90
C6 NAG E . 27.31 1.17 5.65
C7 NAG E . 26.03 6.95 8.54
C8 NAG E . 25.93 8.44 8.37
N2 NAG E . 27.08 6.34 7.98
O3 NAG E . 29.32 4.53 8.49
O4 NAG E . 29.73 2.64 6.42
O5 NAG E . 26.17 3.21 6.30
O6 NAG E . 25.98 0.70 5.70
O7 NAG E . 25.16 6.34 9.19
C1 NAG E . 30.48 1.74 7.24
C2 NAG E . 31.73 1.36 6.47
C3 NAG E . 32.64 0.46 7.30
C4 NAG E . 32.88 1.08 8.67
C5 NAG E . 31.56 1.49 9.32
C6 NAG E . 31.80 2.22 10.65
C7 NAG E . 31.21 1.37 4.12
C8 NAG E . 31.08 0.57 2.87
N2 NAG E . 31.37 0.69 5.24
O3 NAG E . 33.87 0.29 6.64
O4 NAG E . 33.52 0.11 9.47
O5 NAG E . 30.84 2.34 8.48
O6 NAG E . 32.54 3.39 10.42
O7 NAG E . 31.18 2.60 4.07
C1 BMA E . 34.79 0.57 9.99
C2 BMA E . 34.97 -0.06 11.37
C3 BMA E . 36.28 0.44 11.96
C4 BMA E . 37.44 0.18 11.01
C5 BMA E . 37.14 0.79 9.64
C6 BMA E . 38.27 0.58 8.64
O2 BMA E . 34.98 -1.49 11.27
O3 BMA E . 36.50 -0.19 13.22
O4 BMA E . 38.61 0.78 11.58
O5 BMA E . 35.90 0.25 9.15
O6 BMA E . 38.19 -0.71 8.00
C1 MAN E . 39.47 -1.04 7.42
C2 MAN E . 39.33 -1.92 6.17
C3 MAN E . 38.89 -3.33 6.54
C4 MAN E . 39.62 -3.93 7.75
C5 MAN E . 39.77 -2.89 8.87
C6 MAN E . 40.71 -3.32 10.00
O2 MAN E . 40.56 -1.96 5.48
O3 MAN E . 39.05 -4.17 5.41
O4 MAN E . 38.79 -5.01 8.15
O5 MAN E . 40.32 -1.70 8.33
O6 MAN E . 41.02 -2.20 10.79
C1 MAN E . 39.39 -5.99 9.03
C2 MAN E . 39.19 -7.40 8.47
C3 MAN E . 37.73 -7.89 8.61
C4 MAN E . 37.13 -7.54 9.97
C5 MAN E . 37.41 -6.08 10.31
C6 MAN E . 36.82 -5.68 11.66
O2 MAN E . 40.08 -8.30 9.11
O3 MAN E . 37.67 -9.29 8.41
O4 MAN E . 35.74 -7.76 9.94
O5 MAN E . 38.82 -5.91 10.33
O6 MAN E . 35.61 -4.98 11.45
C1 MAN E . 35.94 0.63 14.27
C2 MAN E . 37.11 1.31 14.98
C3 MAN E . 37.85 0.36 15.92
C4 MAN E . 36.87 -0.49 16.74
C5 MAN E . 35.82 -1.14 15.84
C6 MAN E . 34.83 -1.97 16.65
O2 MAN E . 36.64 2.45 15.69
O3 MAN E . 38.71 1.08 16.76
O4 MAN E . 37.57 -1.51 17.42
O5 MAN E . 35.12 -0.11 15.16
O6 MAN E . 35.42 -3.20 16.99
C1 NAG F . -36.18 51.31 -8.17
C2 NAG F . -35.18 51.87 -7.14
C3 NAG F . -33.85 52.34 -7.76
C4 NAG F . -33.36 51.55 -8.97
C5 NAG F . -34.51 51.03 -9.85
C6 NAG F . -34.01 50.03 -10.88
C7 NAG F . -35.10 53.97 -5.82
C8 NAG F . -35.60 55.38 -6.03
N2 NAG F . -35.79 52.97 -6.39
O3 NAG F . -32.86 52.32 -6.77
O4 NAG F . -32.52 52.39 -9.76
O5 NAG F . -35.51 50.42 -9.04
O6 NAG F . -35.07 49.70 -11.73
O7 NAG F . -34.08 53.81 -5.12
C1 NAG F . -31.13 51.97 -9.72
C2 NAG F . -30.30 52.85 -10.66
C3 NAG F . -28.82 52.46 -10.59
C4 NAG F . -28.35 52.47 -9.14
C5 NAG F . -29.26 51.57 -8.31
C6 NAG F . -28.85 51.55 -6.84
C7 NAG F . -31.34 53.79 -12.65
C8 NAG F . -30.46 54.96 -12.97
N2 NAG F . -30.77 52.76 -12.03
O3 NAG F . -28.03 53.35 -11.36
O4 NAG F . -27.00 52.06 -9.06
O5 NAG F . -30.59 52.04 -8.42
O6 NAG F . -29.84 50.91 -6.06
O7 NAG F . -32.54 53.81 -12.96
C1 NAG G . -18.32 26.15 -13.47
C2 NAG G . -18.70 24.95 -14.34
C3 NAG G . -18.20 23.58 -13.85
C4 NAG G . -17.49 23.53 -12.48
C5 NAG G . -17.37 24.88 -11.77
C6 NAG G . -16.24 24.93 -10.74
C7 NAG G . -20.68 24.79 -15.77
C8 NAG G . -21.45 23.53 -16.05
N2 NAG G . -20.15 24.92 -14.55
O3 NAG G . -17.35 23.05 -14.85
O4 NAG G . -18.16 22.59 -11.66
O5 NAG G . -17.14 25.87 -12.74
O6 NAG G . -16.26 26.18 -10.08
O7 NAG G . -20.57 25.64 -16.66
C1 NAG G . -17.40 21.37 -11.39
C2 NAG G . -17.03 20.62 -12.68
C3 NAG G . -15.86 19.62 -12.54
C4 NAG G . -14.89 19.93 -11.40
C5 NAG G . -15.61 20.48 -10.16
C6 NAG G . -14.64 20.83 -9.05
C7 NAG G . -18.68 20.16 -14.46
C8 NAG G . -20.17 20.16 -14.61
N2 NAG G . -18.21 19.94 -13.23
O3 NAG G . -15.15 19.57 -13.76
O4 NAG G . -14.19 18.75 -11.04
O5 NAG G . -16.27 21.65 -10.59
O6 NAG G . -15.31 21.50 -8.00
O7 NAG G . -17.95 20.32 -15.45
C1 NAG H . 17.03 5.36 35.01
C2 NAG H . 15.86 6.26 35.33
C3 NAG H . 16.11 7.61 34.65
C4 NAG H . 17.57 8.07 34.74
C5 NAG H . 18.62 7.08 35.32
C6 NAG H . 19.39 7.71 36.48
C7 NAG H . 13.43 5.97 35.37
C8 NAG H . 12.29 5.90 34.39
N2 NAG H . 14.62 5.65 34.87
O3 NAG H . 15.28 8.59 35.23
O4 NAG H . 17.95 8.45 33.41
O5 NAG H . 18.11 5.85 35.77
O6 NAG H . 20.50 6.91 36.83
O7 NAG H . 13.24 6.30 36.53
C1 NAG H . 18.70 9.69 33.29
C2 NAG H . 17.87 10.90 33.75
C3 NAG H . 18.70 12.16 34.05
C4 NAG H . 20.13 11.90 34.54
C5 NAG H . 20.77 10.74 33.78
C6 NAG H . 22.17 10.45 34.30
C7 NAG H . 15.61 10.66 32.80
C8 NAG H . 15.32 9.57 31.82
N2 NAG H . 16.83 11.20 32.76
O3 NAG H . 18.04 12.91 35.05
O4 NAG H . 20.92 13.06 34.38
O5 NAG H . 19.95 9.60 33.96
O6 NAG H . 22.59 9.16 33.89
O7 NAG H . 14.75 11.03 33.60
C1 NAG I . -8.66 -2.61 40.83
C2 NAG I . -9.87 -1.69 40.99
C3 NAG I . -11.24 -2.32 40.68
C4 NAG I . -11.25 -3.61 39.85
C5 NAG I . -9.94 -4.39 39.97
C6 NAG I . -9.80 -5.51 38.93
C7 NAG I . -9.15 -0.04 42.67
C8 NAG I . -8.63 0.01 44.09
N2 NAG I . -9.88 -1.12 42.34
O3 NAG I . -12.03 -1.36 40.02
O4 NAG I . -12.32 -4.40 40.33
O5 NAG I . -8.86 -3.51 39.77
O6 NAG I . -9.57 -6.74 39.58
O7 NAG I . -8.91 0.88 41.89
C1 NAG I . -13.20 -4.97 39.33
C2 NAG I . -13.14 -6.50 39.40
C3 NAG I . -14.15 -7.10 40.39
C4 NAG I . -14.66 -6.06 41.37
C5 NAG I . -15.27 -4.87 40.61
C6 NAG I . -15.48 -3.66 41.52
C7 NAG I . -12.47 -8.06 37.62
C8 NAG I . -12.28 -9.30 38.46
N2 NAG I . -13.31 -7.12 38.09
O3 NAG I . -13.57 -8.19 41.09
O4 NAG I . -15.62 -6.64 42.22
O5 NAG I . -14.53 -4.49 39.45
O6 NAG I . -14.23 -3.18 41.98
O7 NAG I . -11.87 -7.94 36.56
C1 NAG J . -2.74 -22.42 44.34
C2 NAG J . -3.99 -22.42 43.46
C3 NAG J . -4.89 -21.25 43.84
C4 NAG J . -5.22 -21.37 45.32
C5 NAG J . -3.93 -21.47 46.14
C6 NAG J . -4.17 -21.59 47.64
C7 NAG J . -3.68 -23.49 41.31
C8 NAG J . -2.39 -23.96 40.72
N2 NAG J . -3.63 -22.38 42.05
O3 NAG J . -6.05 -21.26 43.04
O4 NAG J . -5.93 -20.23 45.77
O5 NAG J . -3.16 -22.57 45.68
O6 NAG J . -5.28 -22.43 47.89
O7 NAG J . -4.73 -24.11 41.12
C1 NAG J . -7.34 -20.49 45.89
C2 NAG J . -7.97 -19.45 46.82
C3 NAG J . -9.50 -19.39 46.75
C4 NAG J . -10.14 -19.90 45.43
C5 NAG J . -9.28 -20.91 44.68
C6 NAG J . -9.79 -21.15 43.26
C7 NAG J . -8.04 -19.13 49.26
C8 NAG J . -8.64 -20.01 50.33
N2 NAG J . -7.54 -19.74 48.19
O3 NAG J . -9.91 -18.07 46.98
O4 NAG J . -11.39 -20.51 45.72
O5 NAG J . -7.96 -20.44 44.63
O6 NAG J . -9.42 -20.08 42.43
O7 NAG J . -8.02 -17.90 49.40
C1 BMA J . -12.45 -19.56 45.97
C2 BMA J . -13.78 -20.25 45.65
C3 BMA J . -14.95 -19.31 45.89
C4 BMA J . -14.87 -18.65 47.26
C5 BMA J . -13.48 -18.11 47.57
C6 BMA J . -13.36 -17.65 49.03
O2 BMA J . -13.92 -21.42 46.47
O3 BMA J . -16.18 -20.03 45.75
O4 BMA J . -15.82 -17.57 47.32
O5 BMA J . -12.48 -19.10 47.32
O6 BMA J . -12.92 -16.29 49.10
C1 NAG K . -20.05 -15.53 7.20
C2 NAG K . -20.98 -15.37 6.00
C3 NAG K . -21.66 -14.02 6.06
C4 NAG K . -22.56 -13.99 7.30
C5 NAG K . -21.69 -14.26 8.55
C6 NAG K . -22.51 -14.56 9.80
C7 NAG K . -20.64 -16.28 3.77
C8 NAG K . -20.18 -15.89 2.39
N2 NAG K . -20.23 -15.48 4.76
O3 NAG K . -22.40 -13.77 4.88
O4 NAG K . -23.33 -12.79 7.21
O5 NAG K . -20.79 -15.36 8.42
O6 NAG K . -22.24 -13.60 10.80
O7 NAG K . -21.33 -17.29 3.93
C1 NAG K . -23.41 -11.91 8.36
C2 NAG K . -23.62 -10.47 7.91
C3 NAG K . -23.33 -9.56 9.10
C4 NAG K . -23.85 -10.16 10.41
C5 NAG K . -24.87 -11.29 10.20
C6 NAG K . -26.27 -10.74 9.87
C7 NAG K . -23.27 -9.69 5.61
C8 NAG K . -23.64 -8.24 5.50
N2 NAG K . -22.77 -10.10 6.78
O3 NAG K . -23.91 -8.29 8.86
O4 NAG K . -22.79 -10.62 11.21
O5 NAG K . -24.46 -12.26 9.23
O6 NAG K . -26.95 -11.53 8.91
O7 NAG K . -23.43 -10.44 4.65
C1 NAG L . -14.50 4.56 10.62
C2 NAG L . -13.56 3.87 11.62
C3 NAG L . -14.22 3.71 12.99
C4 NAG L . -14.75 5.05 13.49
C5 NAG L . -15.61 5.70 12.42
C6 NAG L . -16.07 7.09 12.83
C7 NAG L . -11.89 2.19 11.16
C8 NAG L . -11.55 1.16 12.21
N2 NAG L . -13.16 2.58 11.13
O3 NAG L . -13.27 3.19 13.89
O4 NAG L . -15.53 4.81 14.65
O5 NAG L . -14.86 5.79 11.22
O6 NAG L . -15.87 8.02 11.77
O7 NAG L . -11.04 2.64 10.38
C1 NAG L . -15.18 5.63 15.79
C2 NAG L . -16.50 6.04 16.47
C3 NAG L . -16.45 6.28 17.99
C4 NAG L . -15.29 5.62 18.73
C5 NAG L . -14.04 5.71 17.84
C6 NAG L . -12.76 5.22 18.54
C7 NAG L . -18.30 7.48 15.68
C8 NAG L . -18.90 8.67 16.36
N2 NAG L . -17.00 7.26 15.86
O3 NAG L . -17.66 5.84 18.57
O4 NAG L . -15.11 6.33 19.93
O5 NAG L . -14.30 4.96 16.67
O6 NAG L . -12.93 3.93 19.09
O7 NAG L . -18.99 6.73 14.99
C1 BMA L . -15.18 5.58 21.17
C2 BMA L . -16.61 5.12 21.53
C3 BMA L . -16.62 4.34 22.84
C4 BMA L . -15.51 3.29 22.88
C5 BMA L . -14.17 3.92 22.52
C6 BMA L . -13.02 2.91 22.58
O2 BMA L . -17.17 4.28 20.52
O3 BMA L . -17.89 3.70 23.01
O4 BMA L . -15.45 2.69 24.17
O5 BMA L . -14.28 4.47 21.20
O6 BMA L . -12.19 3.18 23.72
C1 NAG M . -16.31 36.71 -31.54
C2 NAG M . -17.33 36.81 -32.67
C3 NAG M . -16.87 36.09 -33.93
C4 NAG M . -15.43 36.47 -34.30
C5 NAG M . -14.48 36.52 -33.09
C6 NAG M . -13.18 37.25 -33.48
C7 NAG M . -19.70 37.10 -32.09
C8 NAG M . -20.28 37.20 -30.71
N2 NAG M . -18.63 36.30 -32.24
O3 NAG M . -17.73 36.41 -35.00
O4 NAG M . -14.93 35.54 -35.26
O5 NAG M . -15.06 37.21 -31.98
O6 NAG M . -12.09 36.80 -32.70
O7 NAG M . -20.20 37.72 -33.03
C1 NAG N . 14.59 -17.67 63.83
C2 NAG N . 13.86 -18.50 64.90
C3 NAG N . 13.60 -17.78 66.23
C4 NAG N . 14.70 -16.77 66.60
C5 NAG N . 15.04 -15.92 65.38
C6 NAG N . 16.06 -14.82 65.70
C7 NAG N . 11.94 -20.03 64.79
C8 NAG N . 10.44 -19.92 64.79
N2 NAG N . 12.60 -18.96 64.34
O3 NAG N . 13.47 -18.73 67.27
O4 NAG N . 14.29 -15.97 67.70
O5 NAG N . 15.54 -16.76 64.37
O6 NAG N . 17.19 -15.37 66.37
O7 NAG N . 12.50 -21.06 65.19
CA CA O . 28.12 21.12 1.96
CA CA P . 13.39 21.83 1.31
CA CA Q . 5.80 24.81 -9.17
CA CA R . 10.38 27.37 -21.98
CA CA S . -38.36 45.62 7.20
C1 NAG T . -26.57 -18.71 2.08
C2 NAG T . -27.79 -19.58 1.77
C3 NAG T . -28.02 -20.68 2.81
C4 NAG T . -26.72 -21.29 3.35
C5 NAG T . -25.68 -20.24 3.74
C6 NAG T . -24.27 -20.55 3.19
C7 NAG T . -29.52 -18.38 0.49
C8 NAG T . -29.65 -16.90 0.25
N2 NAG T . -28.99 -18.75 1.67
O3 NAG T . -28.80 -21.71 2.24
O4 NAG T . -27.04 -22.06 4.49
O5 NAG T . -26.08 -18.93 3.40
O6 NAG T . -23.40 -20.98 4.22
O7 NAG T . -29.87 -19.19 -0.37
C1 NAG U . 14.66 -12.26 7.16
C2 NAG U . 15.19 -10.94 7.78
C3 NAG U . 14.32 -10.33 8.89
C4 NAG U . 13.30 -11.27 9.59
C5 NAG U . 12.87 -12.48 8.75
C6 NAG U . 11.71 -12.19 7.78
C7 NAG U . 17.62 -10.58 7.63
C8 NAG U . 18.29 -11.35 6.52
N2 NAG U . 16.56 -11.13 8.23
O3 NAG U . 13.60 -9.26 8.34
O4 NAG U . 13.80 -11.73 10.84
O5 NAG U . 14.00 -13.07 8.11
O6 NAG U . 11.76 -10.90 7.22
O7 NAG U . 18.06 -9.48 7.97
C1 NAG V . -46.43 16.44 -32.46
C2 NAG V . -45.92 16.50 -33.89
C3 NAG V . -46.45 17.77 -34.55
C4 NAG V . -47.97 17.89 -34.39
C5 NAG V . -48.40 17.70 -32.93
C6 NAG V . -49.92 17.54 -32.74
C7 NAG V . -43.71 15.56 -34.44
C8 NAG V . -43.26 14.46 -33.51
N2 NAG V . -44.46 16.52 -33.91
O3 NAG V . -46.10 17.81 -35.92
O4 NAG V . -48.41 19.14 -34.88
O5 NAG V . -47.85 16.50 -32.45
O6 NAG V . -50.44 18.57 -31.92
O7 NAG V . -43.37 15.54 -35.64
CA CA W . 29.37 -27.73 -1.52
#